data_2YMJ
#
_entry.id   2YMJ
#
_cell.length_a   1.000
_cell.length_b   1.000
_cell.length_c   1.000
_cell.angle_alpha   90.00
_cell.angle_beta   90.00
_cell.angle_gamma   90.00
#
_symmetry.space_group_name_H-M   'P 1'
#
_entity_poly.entity_id   1
_entity_poly.type   'polypeptide(L)'
_entity_poly.pdbx_seq_one_letter_code
;GSKEKPKPTPDYLMQLMNDKKLMSSLPNFSGIFTHLERLLDEEISRVRKDMY
;
_entity_poly.pdbx_strand_id   A,B
#
# COMPACT_ATOMS: atom_id res chain seq x y z
N GLY A 1 -5.08 -1.33 -19.64
CA GLY A 1 -4.03 -1.80 -18.72
C GLY A 1 -3.20 -0.65 -18.17
N SER A 2 -2.71 -0.81 -16.96
CA SER A 2 -1.89 0.22 -16.32
C SER A 2 -0.89 -0.42 -15.36
N LYS A 3 0.36 -0.54 -15.79
CA LYS A 3 1.45 -1.09 -14.99
C LYS A 3 1.29 -2.59 -14.78
N GLU A 4 2.40 -3.31 -14.93
CA GLU A 4 2.43 -4.74 -14.67
C GLU A 4 2.72 -4.96 -13.19
N LYS A 5 1.94 -5.83 -12.56
CA LYS A 5 2.07 -6.07 -11.13
C LYS A 5 3.04 -7.21 -10.85
N PRO A 6 4.21 -6.90 -10.27
CA PRO A 6 5.24 -7.89 -9.95
C PRO A 6 4.83 -8.82 -8.82
N LYS A 7 5.41 -10.02 -8.82
CA LYS A 7 5.05 -11.07 -7.87
C LYS A 7 5.52 -10.74 -6.45
N PRO A 8 4.82 -11.30 -5.45
CA PRO A 8 5.20 -11.15 -4.04
C PRO A 8 6.15 -12.25 -3.60
N THR A 9 7.27 -11.84 -3.00
CA THR A 9 8.28 -12.78 -2.54
C THR A 9 8.63 -12.51 -1.07
N PRO A 10 9.41 -13.37 -0.41
CA PRO A 10 9.85 -13.12 0.97
C PRO A 10 10.54 -11.77 1.13
N ASP A 11 11.35 -11.40 0.13
CA ASP A 11 12.03 -10.10 0.14
C ASP A 11 11.01 -8.98 0.24
N TYR A 12 9.92 -9.13 -0.49
CA TYR A 12 8.80 -8.19 -0.43
C TYR A 12 8.26 -8.10 1.00
N LEU A 13 8.21 -9.24 1.68
CA LEU A 13 7.57 -9.34 2.97
C LEU A 13 8.49 -8.83 4.09
N MET A 14 9.79 -9.08 3.96
CA MET A 14 10.73 -8.70 5.00
C MET A 14 10.84 -7.19 5.04
N GLN A 15 10.71 -6.59 3.88
CA GLN A 15 10.76 -5.14 3.77
C GLN A 15 9.44 -4.55 4.25
N LEU A 16 8.33 -5.24 3.96
CA LEU A 16 7.02 -4.82 4.45
C LEU A 16 6.97 -4.79 5.96
N MET A 17 7.63 -5.75 6.59
CA MET A 17 7.59 -5.86 8.05
C MET A 17 8.26 -4.66 8.68
N ASN A 18 9.25 -4.11 7.99
CA ASN A 18 10.00 -2.99 8.52
C ASN A 18 9.28 -1.67 8.17
N ASP A 19 8.56 -1.69 7.06
CA ASP A 19 7.80 -0.51 6.61
C ASP A 19 6.62 -0.29 7.55
N LYS A 20 5.92 -1.38 7.84
CA LYS A 20 4.77 -1.38 8.75
C LYS A 20 5.18 -0.93 10.15
N LYS A 21 6.44 -1.15 10.50
CA LYS A 21 6.93 -0.76 11.80
C LYS A 21 7.37 0.69 11.79
N LEU A 22 8.05 1.08 10.72
CA LEU A 22 8.48 2.47 10.54
C LEU A 22 7.30 3.42 10.60
N MET A 23 6.20 3.06 9.95
CA MET A 23 5.01 3.91 9.93
C MET A 23 4.36 3.96 11.31
N SER A 24 4.46 2.86 12.05
CA SER A 24 3.85 2.77 13.36
C SER A 24 4.66 3.59 14.37
N SER A 25 5.90 3.92 14.01
CA SER A 25 6.76 4.72 14.86
C SER A 25 6.62 6.19 14.49
N LEU A 26 5.78 6.46 13.52
CA LEU A 26 5.53 7.82 13.06
C LEU A 26 4.10 8.23 13.37
N PRO A 27 3.91 9.13 14.36
CA PRO A 27 2.58 9.63 14.71
C PRO A 27 2.10 10.65 13.69
N ASN A 28 2.98 10.99 12.76
CA ASN A 28 2.66 11.90 11.68
C ASN A 28 2.19 11.12 10.46
N PHE A 29 2.62 9.87 10.39
CA PHE A 29 2.25 8.97 9.28
C PHE A 29 0.73 8.88 9.14
N SER A 30 0.05 8.62 10.24
CA SER A 30 -1.40 8.47 10.25
C SER A 30 -2.10 9.65 9.59
N GLY A 31 -1.52 10.84 9.71
CA GLY A 31 -2.14 12.01 9.13
C GLY A 31 -1.73 12.25 7.69
N ILE A 32 -0.50 11.90 7.34
CA ILE A 32 -0.01 12.17 6.00
C ILE A 32 -0.51 11.15 4.97
N PHE A 33 -0.69 9.89 5.34
CA PHE A 33 -1.13 8.89 4.39
C PHE A 33 -2.36 8.17 4.90
N THR A 34 -3.37 8.06 4.05
CA THR A 34 -4.66 7.51 4.44
C THR A 34 -4.73 5.99 4.24
N HIS A 35 -4.51 5.55 3.00
CA HIS A 35 -4.74 4.16 2.64
C HIS A 35 -3.48 3.32 2.73
N LEU A 36 -2.35 4.00 2.88
CA LEU A 36 -1.05 3.34 2.88
C LEU A 36 -0.94 2.31 3.99
N GLU A 37 -1.50 2.62 5.15
CA GLU A 37 -1.49 1.70 6.28
C GLU A 37 -2.23 0.41 5.96
N ARG A 38 -3.47 0.54 5.49
CA ARG A 38 -4.33 -0.62 5.25
C ARG A 38 -3.75 -1.49 4.16
N LEU A 39 -3.07 -0.86 3.22
CA LEU A 39 -2.46 -1.57 2.11
C LEU A 39 -1.33 -2.49 2.57
N LEU A 40 -0.76 -2.21 3.74
CA LEU A 40 0.22 -3.11 4.33
C LEU A 40 -0.51 -4.26 5.00
N ASP A 41 -1.63 -3.92 5.61
CA ASP A 41 -2.39 -4.89 6.36
C ASP A 41 -2.97 -5.92 5.41
N GLU A 42 -3.27 -5.50 4.18
CA GLU A 42 -3.69 -6.42 3.15
C GLU A 42 -2.51 -7.08 2.46
N GLU A 43 -1.53 -6.28 2.02
CA GLU A 43 -0.39 -6.81 1.25
C GLU A 43 0.42 -7.77 2.10
N ILE A 44 0.71 -7.37 3.33
CA ILE A 44 1.45 -8.22 4.25
C ILE A 44 0.64 -9.48 4.51
N SER A 45 -0.66 -9.30 4.60
CA SER A 45 -1.56 -10.43 4.82
C SER A 45 -1.58 -11.40 3.63
N ARG A 46 -1.67 -10.85 2.42
CA ARG A 46 -1.84 -11.68 1.23
C ARG A 46 -0.50 -12.27 0.78
N VAL A 47 0.57 -11.54 1.01
CA VAL A 47 1.91 -12.02 0.72
C VAL A 47 2.25 -13.22 1.62
N ARG A 48 1.70 -13.23 2.83
CA ARG A 48 1.97 -14.30 3.78
C ARG A 48 1.14 -15.54 3.43
N LYS A 49 0.01 -15.31 2.78
CA LYS A 49 -0.88 -16.39 2.40
C LYS A 49 -0.44 -17.02 1.08
N ASP A 50 -0.02 -16.17 0.14
CA ASP A 50 0.47 -16.64 -1.16
C ASP A 50 1.91 -17.17 -1.07
N MET A 51 2.46 -17.19 0.14
CA MET A 51 3.79 -17.73 0.37
C MET A 51 3.92 -19.17 -0.12
N TYR A 52 5.00 -19.42 -0.84
CA TYR A 52 5.24 -20.72 -1.44
C TYR A 52 6.22 -21.53 -0.61
N GLY B 1 -6.57 -17.37 8.28
CA GLY B 1 -7.10 -16.04 7.88
C GLY B 1 -6.51 -14.93 8.71
N SER B 2 -6.37 -13.75 8.12
CA SER B 2 -5.83 -12.59 8.81
C SER B 2 -6.42 -11.31 8.23
N LYS B 3 -7.40 -10.73 8.94
CA LYS B 3 -8.04 -9.48 8.56
C LYS B 3 -8.94 -9.66 7.33
N GLU B 4 -10.13 -9.07 7.41
CA GLU B 4 -11.04 -9.06 6.28
C GLU B 4 -10.72 -7.87 5.39
N LYS B 5 -10.64 -8.11 4.09
CA LYS B 5 -10.27 -7.06 3.16
C LYS B 5 -11.49 -6.33 2.62
N PRO B 6 -11.67 -5.05 3.01
CA PRO B 6 -12.81 -4.23 2.58
C PRO B 6 -12.76 -3.87 1.10
N LYS B 7 -13.93 -3.62 0.54
CA LYS B 7 -14.07 -3.38 -0.91
C LYS B 7 -13.48 -2.02 -1.30
N PRO B 8 -13.04 -1.89 -2.57
CA PRO B 8 -12.55 -0.63 -3.11
C PRO B 8 -13.67 0.21 -3.71
N THR B 9 -13.76 1.46 -3.30
CA THR B 9 -14.78 2.37 -3.78
C THR B 9 -14.15 3.67 -4.30
N PRO B 10 -14.92 4.57 -4.94
CA PRO B 10 -14.39 5.87 -5.38
C PRO B 10 -13.74 6.65 -4.23
N ASP B 11 -14.37 6.58 -3.05
CA ASP B 11 -13.81 7.24 -1.86
C ASP B 11 -12.40 6.75 -1.60
N TYR B 12 -12.20 5.45 -1.75
CA TYR B 12 -10.90 4.83 -1.61
C TYR B 12 -9.93 5.44 -2.62
N LEU B 13 -10.42 5.73 -3.82
CA LEU B 13 -9.57 6.15 -4.91
C LEU B 13 -9.24 7.64 -4.81
N MET B 14 -10.20 8.44 -4.36
CA MET B 14 -10.00 9.88 -4.28
C MET B 14 -8.98 10.20 -3.21
N GLN B 15 -8.97 9.38 -2.17
CA GLN B 15 -8.02 9.53 -1.09
C GLN B 15 -6.65 9.02 -1.53
N LEU B 16 -6.65 7.94 -2.32
CA LEU B 16 -5.42 7.40 -2.88
C LEU B 16 -4.71 8.41 -3.75
N MET B 17 -5.49 9.18 -4.50
CA MET B 17 -4.92 10.13 -5.44
C MET B 17 -4.17 11.22 -4.69
N ASN B 18 -4.62 11.53 -3.49
CA ASN B 18 -4.01 12.57 -2.69
C ASN B 18 -2.84 12.00 -1.89
N ASP B 19 -2.93 10.71 -1.56
CA ASP B 19 -1.86 10.03 -0.83
C ASP B 19 -0.64 9.88 -1.73
N LYS B 20 -0.89 9.42 -2.96
CA LYS B 20 0.14 9.24 -3.96
C LYS B 20 0.83 10.57 -4.29
N LYS B 21 0.12 11.67 -4.10
CA LYS B 21 0.68 12.98 -4.39
C LYS B 21 1.47 13.48 -3.18
N LEU B 22 0.90 13.27 -2.00
CA LEU B 22 1.57 13.64 -0.75
C LEU B 22 2.94 12.97 -0.64
N MET B 23 3.01 11.69 -0.98
CA MET B 23 4.26 10.96 -0.89
C MET B 23 5.27 11.45 -1.94
N SER B 24 4.75 11.87 -3.08
CA SER B 24 5.59 12.36 -4.17
C SER B 24 6.15 13.73 -3.84
N SER B 25 5.54 14.40 -2.88
CA SER B 25 5.99 15.70 -2.44
C SER B 25 6.95 15.56 -1.27
N LEU B 26 7.19 14.32 -0.88
CA LEU B 26 8.10 14.02 0.22
C LEU B 26 9.33 13.28 -0.29
N PRO B 27 10.49 13.94 -0.33
CA PRO B 27 11.74 13.31 -0.76
C PRO B 27 12.30 12.40 0.31
N ASN B 28 11.65 12.44 1.47
CA ASN B 28 12.01 11.58 2.59
C ASN B 28 11.19 10.31 2.56
N PHE B 29 10.03 10.39 1.92
CA PHE B 29 9.13 9.24 1.78
C PHE B 29 9.82 8.05 1.16
N SER B 30 10.50 8.30 0.03
CA SER B 30 11.21 7.25 -0.70
C SER B 30 12.16 6.46 0.20
N GLY B 31 12.73 7.11 1.21
CA GLY B 31 13.66 6.44 2.09
C GLY B 31 12.98 5.77 3.26
N ILE B 32 11.88 6.35 3.75
CA ILE B 32 11.23 5.81 4.92
C ILE B 32 10.34 4.60 4.61
N PHE B 33 9.72 4.56 3.44
CA PHE B 33 8.83 3.45 3.12
C PHE B 33 9.24 2.83 1.78
N THR B 34 9.34 1.52 1.76
CA THR B 34 9.84 0.79 0.60
C THR B 34 8.71 0.39 -0.36
N HIS B 35 7.75 -0.37 0.15
CA HIS B 35 6.73 -0.97 -0.71
C HIS B 35 5.48 -0.12 -0.79
N LEU B 36 5.39 0.87 0.07
CA LEU B 36 4.20 1.70 0.19
C LEU B 36 3.88 2.41 -1.13
N GLU B 37 4.92 2.85 -1.83
CA GLU B 37 4.74 3.52 -3.12
C GLU B 37 4.10 2.59 -4.15
N ARG B 38 4.69 1.40 -4.31
CA ARG B 38 4.23 0.48 -5.35
C ARG B 38 2.82 0.01 -5.06
N LEU B 39 2.48 -0.07 -3.78
CA LEU B 39 1.16 -0.50 -3.37
C LEU B 39 0.08 0.49 -3.79
N LEU B 40 0.47 1.74 -4.03
CA LEU B 40 -0.47 2.72 -4.57
C LEU B 40 -0.58 2.50 -6.07
N ASP B 41 0.55 2.18 -6.67
CA ASP B 41 0.60 2.03 -8.10
C ASP B 41 -0.20 0.82 -8.51
N GLU B 42 -0.28 -0.18 -7.64
CA GLU B 42 -1.15 -1.32 -7.86
C GLU B 42 -2.57 -1.06 -7.40
N GLU B 43 -2.73 -0.54 -6.17
CA GLU B 43 -4.07 -0.35 -5.61
C GLU B 43 -4.85 0.69 -6.41
N ILE B 44 -4.19 1.79 -6.72
CA ILE B 44 -4.81 2.84 -7.52
C ILE B 44 -5.14 2.28 -8.89
N SER B 45 -4.25 1.44 -9.38
CA SER B 45 -4.45 0.79 -10.67
C SER B 45 -5.64 -0.18 -10.67
N ARG B 46 -5.73 -1.01 -9.63
CA ARG B 46 -6.74 -2.06 -9.59
C ARG B 46 -8.09 -1.50 -9.15
N VAL B 47 -8.07 -0.47 -8.32
CA VAL B 47 -9.28 0.21 -7.91
C VAL B 47 -9.94 0.90 -9.10
N ARG B 48 -9.12 1.35 -10.04
CA ARG B 48 -9.62 2.04 -11.22
C ARG B 48 -10.18 1.05 -12.22
N LYS B 49 -9.67 -0.17 -12.20
CA LYS B 49 -10.11 -1.22 -13.11
C LYS B 49 -11.37 -1.89 -12.57
N ASP B 50 -11.40 -2.13 -11.27
CA ASP B 50 -12.57 -2.75 -10.63
C ASP B 50 -13.71 -1.74 -10.42
N MET B 51 -13.51 -0.52 -10.91
CA MET B 51 -14.54 0.52 -10.82
C MET B 51 -15.84 0.06 -11.48
N TYR B 52 -16.93 0.30 -10.78
CA TYR B 52 -18.25 -0.13 -11.23
C TYR B 52 -19.00 1.04 -11.83
N GLY A 1 -3.56 -8.42 -20.13
CA GLY A 1 -4.68 -7.85 -19.36
C GLY A 1 -4.43 -6.40 -18.98
N SER A 2 -5.21 -5.90 -18.03
CA SER A 2 -5.05 -4.53 -17.57
C SER A 2 -3.90 -4.46 -16.57
N LYS A 3 -2.68 -4.37 -17.12
CA LYS A 3 -1.45 -4.30 -16.33
C LYS A 3 -1.13 -5.63 -15.65
N GLU A 4 0.13 -6.03 -15.72
CA GLU A 4 0.57 -7.28 -15.11
C GLU A 4 0.72 -7.10 -13.60
N LYS A 5 0.37 -8.13 -12.85
CA LYS A 5 0.47 -8.08 -11.40
C LYS A 5 1.79 -8.68 -10.95
N PRO A 6 2.68 -7.84 -10.40
CA PRO A 6 3.99 -8.30 -9.90
C PRO A 6 3.86 -9.14 -8.63
N LYS A 7 4.70 -10.15 -8.51
CA LYS A 7 4.61 -11.07 -7.38
C LYS A 7 5.34 -10.53 -6.16
N PRO A 8 4.75 -10.72 -4.98
CA PRO A 8 5.40 -10.41 -3.72
C PRO A 8 6.16 -11.61 -3.15
N THR A 9 7.48 -11.53 -3.17
CA THR A 9 8.32 -12.61 -2.68
C THR A 9 8.52 -12.50 -1.17
N PRO A 10 9.12 -13.52 -0.51
CA PRO A 10 9.50 -13.42 0.90
C PRO A 10 10.31 -12.16 1.20
N ASP A 11 11.23 -11.83 0.30
CA ASP A 11 12.03 -10.59 0.43
C ASP A 11 11.12 -9.37 0.49
N TYR A 12 10.09 -9.40 -0.36
CA TYR A 12 9.09 -8.35 -0.40
C TYR A 12 8.37 -8.28 0.95
N LEU A 13 8.19 -9.43 1.58
CA LEU A 13 7.49 -9.51 2.85
C LEU A 13 8.40 -9.11 4.01
N MET A 14 9.70 -9.35 3.87
CA MET A 14 10.63 -9.09 4.96
C MET A 14 10.83 -7.60 5.10
N GLN A 15 10.75 -6.91 3.97
CA GLN A 15 10.89 -5.47 3.95
C GLN A 15 9.59 -4.82 4.39
N LEU A 16 8.46 -5.45 4.09
CA LEU A 16 7.16 -4.97 4.54
C LEU A 16 7.08 -4.91 6.05
N MET A 17 7.73 -5.86 6.72
CA MET A 17 7.78 -5.86 8.17
C MET A 17 8.35 -4.55 8.66
N ASN A 18 9.54 -4.21 8.17
CA ASN A 18 10.18 -2.95 8.49
C ASN A 18 9.31 -1.75 8.13
N ASP A 19 8.55 -1.84 7.05
CA ASP A 19 7.76 -0.71 6.59
C ASP A 19 6.61 -0.46 7.56
N LYS A 20 5.84 -1.51 7.84
CA LYS A 20 4.71 -1.45 8.75
C LYS A 20 5.13 -0.98 10.14
N LYS A 21 6.35 -1.30 10.55
CA LYS A 21 6.81 -0.91 11.88
C LYS A 21 7.36 0.52 11.85
N LEU A 22 8.09 0.85 10.79
CA LEU A 22 8.63 2.19 10.63
C LEU A 22 7.50 3.22 10.63
N MET A 23 6.40 2.94 9.92
CA MET A 23 5.29 3.89 9.85
C MET A 23 4.65 4.07 11.22
N SER A 24 4.54 3.00 11.98
CA SER A 24 3.91 3.05 13.29
C SER A 24 4.88 3.60 14.34
N SER A 25 6.06 4.01 13.91
CA SER A 25 7.05 4.60 14.79
C SER A 25 7.20 6.09 14.47
N LEU A 26 6.59 6.49 13.35
CA LEU A 26 6.64 7.87 12.91
C LEU A 26 5.54 8.68 13.59
N PRO A 27 5.91 9.75 14.32
CA PRO A 27 4.95 10.61 15.02
C PRO A 27 4.18 11.50 14.06
N ASN A 28 4.42 11.32 12.76
CA ASN A 28 3.75 12.11 11.74
C ASN A 28 2.87 11.23 10.88
N PHE A 29 2.66 9.99 11.33
CA PHE A 29 1.86 9.06 10.57
C PHE A 29 0.40 9.24 10.97
N SER A 30 -0.37 8.17 10.87
CA SER A 30 -1.83 8.19 11.00
C SER A 30 -2.39 9.58 10.63
N GLY A 31 -2.15 10.00 9.40
CA GLY A 31 -2.45 11.37 9.02
C GLY A 31 -1.88 11.75 7.68
N ILE A 32 -0.56 11.61 7.51
CA ILE A 32 0.07 11.99 6.24
C ILE A 32 -0.48 11.15 5.09
N PHE A 33 -0.52 9.84 5.24
CA PHE A 33 -1.10 8.98 4.24
C PHE A 33 -2.35 8.31 4.80
N THR A 34 -3.37 8.19 3.97
CA THR A 34 -4.65 7.66 4.40
C THR A 34 -4.72 6.14 4.24
N HIS A 35 -4.63 5.66 3.01
CA HIS A 35 -4.87 4.25 2.72
C HIS A 35 -3.60 3.41 2.82
N LEU A 36 -2.46 4.07 2.92
CA LEU A 36 -1.17 3.38 2.86
C LEU A 36 -1.04 2.32 3.95
N GLU A 37 -1.46 2.66 5.17
CA GLU A 37 -1.42 1.72 6.29
C GLU A 37 -2.22 0.46 6.00
N ARG A 38 -3.48 0.64 5.57
CA ARG A 38 -4.35 -0.48 5.23
C ARG A 38 -3.72 -1.38 4.18
N LEU A 39 -2.98 -0.78 3.25
CA LEU A 39 -2.41 -1.52 2.15
C LEU A 39 -1.32 -2.48 2.61
N LEU A 40 -0.71 -2.23 3.77
CA LEU A 40 0.24 -3.18 4.33
C LEU A 40 -0.53 -4.31 5.00
N ASP A 41 -1.61 -3.93 5.66
CA ASP A 41 -2.41 -4.90 6.39
C ASP A 41 -3.02 -5.88 5.41
N GLU A 42 -3.39 -5.36 4.23
CA GLU A 42 -3.82 -6.20 3.12
C GLU A 42 -2.65 -6.93 2.46
N GLU A 43 -1.66 -6.19 1.98
CA GLU A 43 -0.57 -6.78 1.20
C GLU A 43 0.17 -7.81 2.04
N ILE A 44 0.58 -7.40 3.23
CA ILE A 44 1.35 -8.27 4.11
C ILE A 44 0.59 -9.55 4.39
N SER A 45 -0.69 -9.42 4.70
CA SER A 45 -1.51 -10.60 4.97
C SER A 45 -1.66 -11.50 3.73
N ARG A 46 -1.88 -10.90 2.56
CA ARG A 46 -2.13 -11.67 1.35
C ARG A 46 -0.85 -12.32 0.85
N VAL A 47 0.27 -11.63 1.04
CA VAL A 47 1.60 -12.14 0.66
C VAL A 47 1.88 -13.46 1.35
N ARG A 48 1.39 -13.61 2.58
CA ARG A 48 1.62 -14.82 3.36
C ARG A 48 1.04 -16.04 2.65
N LYS A 49 -0.14 -15.88 2.07
CA LYS A 49 -0.77 -16.96 1.32
C LYS A 49 -0.24 -17.04 -0.09
N ASP A 50 0.00 -15.86 -0.67
CA ASP A 50 0.52 -15.74 -2.04
C ASP A 50 1.85 -16.47 -2.24
N MET A 51 2.57 -16.73 -1.16
CA MET A 51 3.87 -17.35 -1.25
C MET A 51 3.78 -18.84 -0.95
N TYR A 52 4.83 -19.57 -1.31
CA TYR A 52 4.87 -21.03 -1.19
C TYR A 52 3.80 -21.67 -2.07
N GLY B 1 -12.68 -17.57 4.36
CA GLY B 1 -11.33 -17.75 3.82
C GLY B 1 -10.27 -17.12 4.70
N SER B 2 -9.07 -16.94 4.16
CA SER B 2 -7.99 -16.33 4.91
C SER B 2 -8.14 -14.81 4.88
N LYS B 3 -9.00 -14.31 5.77
CA LYS B 3 -9.29 -12.88 5.91
C LYS B 3 -10.12 -12.36 4.73
N GLU B 4 -11.13 -11.57 5.03
CA GLU B 4 -12.00 -11.01 4.00
C GLU B 4 -11.31 -9.84 3.32
N LYS B 5 -11.53 -9.72 2.02
CA LYS B 5 -10.92 -8.64 1.26
C LYS B 5 -11.88 -7.47 1.15
N PRO B 6 -11.55 -6.33 1.79
CA PRO B 6 -12.39 -5.14 1.74
C PRO B 6 -12.36 -4.47 0.37
N LYS B 7 -13.50 -3.92 -0.04
CA LYS B 7 -13.62 -3.34 -1.36
C LYS B 7 -13.11 -1.90 -1.38
N PRO B 8 -12.40 -1.53 -2.45
CA PRO B 8 -12.00 -0.15 -2.70
C PRO B 8 -13.03 0.61 -3.53
N THR B 9 -13.71 1.55 -2.90
CA THR B 9 -14.74 2.33 -3.56
C THR B 9 -14.12 3.54 -4.28
N PRO B 10 -14.90 4.28 -5.10
CA PRO B 10 -14.42 5.53 -5.71
C PRO B 10 -13.85 6.49 -4.65
N ASP B 11 -14.51 6.57 -3.50
CA ASP B 11 -14.03 7.40 -2.39
C ASP B 11 -12.63 6.95 -1.97
N TYR B 12 -12.45 5.63 -1.91
CA TYR B 12 -11.16 5.04 -1.62
C TYR B 12 -10.12 5.48 -2.65
N LEU B 13 -10.57 5.62 -3.90
CA LEU B 13 -9.69 6.00 -4.99
C LEU B 13 -9.41 7.49 -5.00
N MET B 14 -10.37 8.29 -4.53
CA MET B 14 -10.24 9.73 -4.58
C MET B 14 -9.22 10.17 -3.54
N GLN B 15 -9.18 9.44 -2.44
CA GLN B 15 -8.24 9.71 -1.37
C GLN B 15 -6.86 9.19 -1.74
N LEU B 16 -6.82 8.09 -2.49
CA LEU B 16 -5.55 7.54 -2.98
C LEU B 16 -4.81 8.54 -3.85
N MET B 17 -5.56 9.33 -4.60
CA MET B 17 -4.97 10.36 -5.45
C MET B 17 -4.14 11.30 -4.57
N ASN B 18 -4.78 11.85 -3.54
CA ASN B 18 -4.09 12.71 -2.58
C ASN B 18 -2.92 11.99 -1.91
N ASP B 19 -3.03 10.69 -1.68
CA ASP B 19 -1.98 9.96 -0.97
C ASP B 19 -0.74 9.86 -1.84
N LYS B 20 -0.95 9.36 -3.07
CA LYS B 20 0.13 9.19 -4.04
C LYS B 20 0.83 10.52 -4.34
N LYS B 21 0.10 11.62 -4.28
CA LYS B 21 0.68 12.92 -4.58
C LYS B 21 1.38 13.49 -3.35
N LEU B 22 0.75 13.32 -2.20
CA LEU B 22 1.33 13.77 -0.94
C LEU B 22 2.70 13.12 -0.71
N MET B 23 2.80 11.81 -0.96
CA MET B 23 4.06 11.10 -0.75
C MET B 23 5.15 11.61 -1.69
N SER B 24 4.78 11.91 -2.93
CA SER B 24 5.72 12.38 -3.92
C SER B 24 6.02 13.88 -3.74
N SER B 25 5.48 14.47 -2.69
CA SER B 25 5.73 15.86 -2.37
C SER B 25 6.56 15.95 -1.08
N LEU B 26 6.69 14.80 -0.42
CA LEU B 26 7.46 14.72 0.80
C LEU B 26 8.94 14.51 0.50
N PRO B 27 9.80 15.44 0.96
CA PRO B 27 11.25 15.36 0.75
C PRO B 27 11.91 14.26 1.60
N ASN B 28 11.08 13.52 2.32
CA ASN B 28 11.58 12.44 3.17
C ASN B 28 11.07 11.10 2.68
N PHE B 29 10.50 11.10 1.49
CA PHE B 29 9.96 9.88 0.93
C PHE B 29 11.08 9.15 0.19
N SER B 30 10.69 8.38 -0.81
CA SER B 30 11.59 7.44 -1.50
C SER B 30 12.71 6.97 -0.57
N GLY B 31 12.35 6.35 0.54
CA GLY B 31 13.33 6.07 1.57
C GLY B 31 12.71 5.60 2.87
N ILE B 32 11.80 6.40 3.44
CA ILE B 32 11.16 6.02 4.70
C ILE B 32 10.39 4.71 4.56
N PHE B 33 9.53 4.62 3.54
CA PHE B 33 8.81 3.38 3.28
C PHE B 33 9.28 2.79 1.96
N THR B 34 9.40 1.48 1.92
CA THR B 34 9.93 0.80 0.75
C THR B 34 8.81 0.43 -0.23
N HIS B 35 7.89 -0.42 0.19
CA HIS B 35 6.90 -0.98 -0.73
C HIS B 35 5.64 -0.14 -0.82
N LEU B 36 5.52 0.83 0.06
CA LEU B 36 4.28 1.61 0.19
C LEU B 36 3.94 2.32 -1.13
N GLU B 37 4.93 2.90 -1.79
CA GLU B 37 4.73 3.58 -3.06
C GLU B 37 4.15 2.63 -4.11
N ARG B 38 4.79 1.48 -4.27
CA ARG B 38 4.35 0.46 -5.24
C ARG B 38 2.89 0.07 -4.98
N LEU B 39 2.51 0.03 -3.70
CA LEU B 39 1.19 -0.43 -3.33
C LEU B 39 0.10 0.54 -3.78
N LEU B 40 0.44 1.80 -4.01
CA LEU B 40 -0.52 2.73 -4.60
C LEU B 40 -0.60 2.50 -6.10
N ASP B 41 0.55 2.24 -6.69
CA ASP B 41 0.63 2.04 -8.12
C ASP B 41 -0.16 0.79 -8.48
N GLU B 42 -0.08 -0.22 -7.61
CA GLU B 42 -0.93 -1.40 -7.72
C GLU B 42 -2.38 -1.14 -7.35
N GLU B 43 -2.61 -0.65 -6.13
CA GLU B 43 -3.98 -0.50 -5.62
C GLU B 43 -4.75 0.47 -6.49
N ILE B 44 -4.18 1.63 -6.73
CA ILE B 44 -4.84 2.67 -7.51
C ILE B 44 -5.21 2.15 -8.88
N SER B 45 -4.27 1.46 -9.53
CA SER B 45 -4.54 0.91 -10.85
C SER B 45 -5.63 -0.18 -10.81
N ARG B 46 -5.57 -1.06 -9.81
CA ARG B 46 -6.51 -2.18 -9.76
C ARG B 46 -7.91 -1.70 -9.36
N VAL B 47 -7.95 -0.67 -8.51
CA VAL B 47 -9.21 -0.07 -8.07
C VAL B 47 -10.02 0.42 -9.27
N ARG B 48 -9.32 0.91 -10.29
CA ARG B 48 -9.97 1.44 -11.48
C ARG B 48 -10.81 0.37 -12.16
N LYS B 49 -10.29 -0.84 -12.22
CA LYS B 49 -11.03 -1.96 -12.81
C LYS B 49 -12.00 -2.57 -11.80
N ASP B 50 -11.55 -2.63 -10.56
CA ASP B 50 -12.33 -3.20 -9.46
C ASP B 50 -13.68 -2.49 -9.27
N MET B 51 -13.79 -1.27 -9.77
CA MET B 51 -15.01 -0.49 -9.59
C MET B 51 -15.88 -0.56 -10.83
N TYR B 52 -17.14 -0.15 -10.68
CA TYR B 52 -18.14 -0.24 -11.74
C TYR B 52 -18.38 -1.70 -12.12
N GLY A 1 -0.03 3.49 -20.72
CA GLY A 1 0.72 3.24 -19.48
C GLY A 1 0.38 1.91 -18.85
N SER A 2 1.38 1.08 -18.65
CA SER A 2 1.18 -0.24 -18.05
C SER A 2 2.44 -0.70 -17.33
N LYS A 3 2.26 -1.54 -16.33
CA LYS A 3 3.38 -2.03 -15.53
C LYS A 3 3.17 -3.50 -15.15
N GLU A 4 4.17 -4.09 -14.52
CA GLU A 4 4.10 -5.47 -14.08
C GLU A 4 3.87 -5.55 -12.59
N LYS A 5 2.82 -6.25 -12.19
CA LYS A 5 2.51 -6.43 -10.79
C LYS A 5 3.60 -7.29 -10.12
N PRO A 6 4.03 -6.89 -8.91
CA PRO A 6 5.10 -7.57 -8.18
C PRO A 6 4.67 -8.93 -7.64
N LYS A 7 5.64 -9.80 -7.44
CA LYS A 7 5.37 -11.14 -6.93
C LYS A 7 5.68 -11.23 -5.44
N PRO A 8 4.71 -11.68 -4.64
CA PRO A 8 4.90 -11.89 -3.19
C PRO A 8 6.02 -12.90 -2.90
N THR A 9 7.13 -12.40 -2.39
CA THR A 9 8.26 -13.23 -2.02
C THR A 9 8.68 -12.92 -0.58
N PRO A 10 9.53 -13.75 0.05
CA PRO A 10 10.03 -13.44 1.39
C PRO A 10 10.71 -12.09 1.44
N ASP A 11 11.56 -11.80 0.45
CA ASP A 11 12.22 -10.50 0.36
C ASP A 11 11.19 -9.38 0.36
N TYR A 12 10.12 -9.61 -0.38
CA TYR A 12 9.02 -8.67 -0.46
C TYR A 12 8.35 -8.51 0.91
N LEU A 13 8.21 -9.63 1.62
CA LEU A 13 7.50 -9.64 2.90
C LEU A 13 8.38 -9.18 4.06
N MET A 14 9.66 -9.47 4.00
CA MET A 14 10.56 -9.16 5.11
C MET A 14 10.83 -7.67 5.14
N GLN A 15 10.88 -7.08 3.96
CA GLN A 15 11.07 -5.65 3.84
C GLN A 15 9.78 -4.91 4.17
N LEU A 16 8.64 -5.58 3.96
CA LEU A 16 7.35 -5.03 4.36
C LEU A 16 7.23 -4.91 5.87
N MET A 17 7.90 -5.81 6.60
CA MET A 17 7.89 -5.74 8.05
C MET A 17 8.48 -4.40 8.48
N ASN A 18 9.69 -4.13 8.00
CA ASN A 18 10.35 -2.83 8.15
C ASN A 18 9.39 -1.66 7.96
N ASP A 19 8.57 -1.72 6.92
CA ASP A 19 7.74 -0.59 6.54
C ASP A 19 6.59 -0.41 7.53
N LYS A 20 5.86 -1.50 7.75
CA LYS A 20 4.70 -1.50 8.66
C LYS A 20 5.15 -1.17 10.09
N LYS A 21 6.41 -1.43 10.38
CA LYS A 21 6.93 -1.20 11.71
C LYS A 21 7.39 0.24 11.83
N LEU A 22 8.10 0.71 10.81
CA LEU A 22 8.61 2.07 10.79
C LEU A 22 7.47 3.08 10.79
N MET A 23 6.41 2.79 10.05
CA MET A 23 5.27 3.70 9.99
C MET A 23 4.57 3.75 11.35
N SER A 24 4.60 2.63 12.05
CA SER A 24 3.99 2.52 13.37
C SER A 24 4.82 3.26 14.40
N SER A 25 6.01 3.69 14.02
CA SER A 25 6.90 4.44 14.90
C SER A 25 6.79 5.94 14.60
N LEU A 26 6.05 6.25 13.54
CA LEU A 26 5.90 7.64 13.12
C LEU A 26 4.58 8.20 13.62
N PRO A 27 4.64 9.30 14.39
CA PRO A 27 3.46 9.92 14.99
C PRO A 27 2.67 10.75 13.98
N ASN A 28 3.31 11.06 12.86
CA ASN A 28 2.67 11.82 11.80
C ASN A 28 2.02 10.86 10.79
N PHE A 29 2.36 9.58 10.90
CA PHE A 29 1.77 8.57 10.03
C PHE A 29 0.36 8.24 10.49
N SER A 30 -0.54 9.11 10.14
CA SER A 30 -1.95 9.01 10.48
C SER A 30 -2.71 10.04 9.64
N GLY A 31 -2.13 11.23 9.58
CA GLY A 31 -2.72 12.30 8.81
C GLY A 31 -2.10 12.44 7.43
N ILE A 32 -0.80 12.15 7.33
CA ILE A 32 -0.08 12.33 6.07
C ILE A 32 -0.65 11.45 4.95
N PHE A 33 -0.82 10.16 5.20
CA PHE A 33 -1.37 9.27 4.18
C PHE A 33 -2.65 8.64 4.72
N THR A 34 -3.59 8.40 3.81
CA THR A 34 -4.90 7.87 4.17
C THR A 34 -4.94 6.33 4.15
N HIS A 35 -4.70 5.76 2.97
CA HIS A 35 -4.92 4.32 2.75
C HIS A 35 -3.65 3.50 2.96
N LEU A 36 -2.51 4.16 3.07
CA LEU A 36 -1.21 3.50 3.02
C LEU A 36 -1.04 2.42 4.10
N GLU A 37 -1.43 2.73 5.33
CA GLU A 37 -1.28 1.80 6.44
C GLU A 37 -1.97 0.46 6.16
N ARG A 38 -3.27 0.51 5.86
CA ARG A 38 -4.04 -0.70 5.64
C ARG A 38 -3.55 -1.45 4.41
N LEU A 39 -2.89 -0.77 3.49
CA LEU A 39 -2.37 -1.44 2.31
C LEU A 39 -1.22 -2.38 2.66
N LEU A 40 -0.62 -2.17 3.84
CA LEU A 40 0.38 -3.11 4.32
C LEU A 40 -0.33 -4.25 5.05
N ASP A 41 -1.38 -3.90 5.77
CA ASP A 41 -2.12 -4.89 6.54
C ASP A 41 -2.74 -5.86 5.57
N GLU A 42 -3.21 -5.34 4.45
CA GLU A 42 -3.67 -6.15 3.34
C GLU A 42 -2.54 -6.95 2.68
N GLU A 43 -1.55 -6.22 2.15
CA GLU A 43 -0.50 -6.83 1.34
C GLU A 43 0.31 -7.81 2.16
N ILE A 44 0.73 -7.38 3.34
CA ILE A 44 1.57 -8.19 4.21
C ILE A 44 0.85 -9.46 4.57
N SER A 45 -0.42 -9.32 4.93
CA SER A 45 -1.22 -10.49 5.31
C SER A 45 -1.43 -11.43 4.12
N ARG A 46 -1.62 -10.90 2.92
CA ARG A 46 -1.93 -11.73 1.76
C ARG A 46 -0.67 -12.41 1.23
N VAL A 47 0.45 -11.70 1.32
CA VAL A 47 1.75 -12.24 0.91
C VAL A 47 2.09 -13.49 1.72
N ARG A 48 1.57 -13.54 2.94
CA ARG A 48 1.82 -14.66 3.84
C ARG A 48 1.13 -15.94 3.35
N LYS A 49 -0.09 -15.79 2.84
CA LYS A 49 -0.82 -16.94 2.31
C LYS A 49 -0.30 -17.29 0.94
N ASP A 50 0.04 -16.26 0.18
CA ASP A 50 0.59 -16.42 -1.18
C ASP A 50 1.88 -17.25 -1.18
N MET A 51 2.42 -17.53 0.01
CA MET A 51 3.63 -18.33 0.13
C MET A 51 3.33 -19.78 -0.19
N TYR A 52 2.08 -20.17 0.00
CA TYR A 52 1.63 -21.52 -0.27
C TYR A 52 0.35 -21.49 -1.11
N GLY B 1 -6.45 -13.84 14.43
CA GLY B 1 -6.52 -12.46 13.87
C GLY B 1 -7.00 -12.47 12.43
N SER B 2 -8.07 -11.73 12.17
CA SER B 2 -8.63 -11.65 10.84
C SER B 2 -9.34 -10.32 10.64
N LYS B 3 -9.41 -9.86 9.40
CA LYS B 3 -10.04 -8.59 9.07
C LYS B 3 -10.80 -8.68 7.75
N GLU B 4 -11.50 -7.61 7.41
CA GLU B 4 -12.26 -7.56 6.16
C GLU B 4 -11.54 -6.69 5.14
N LYS B 5 -11.27 -7.26 3.98
CA LYS B 5 -10.62 -6.53 2.91
C LYS B 5 -11.55 -5.42 2.38
N PRO B 6 -10.98 -4.23 2.15
CA PRO B 6 -11.75 -3.06 1.73
C PRO B 6 -12.24 -3.17 0.28
N LYS B 7 -13.31 -2.47 -0.02
CA LYS B 7 -13.89 -2.49 -1.36
C LYS B 7 -13.49 -1.26 -2.15
N PRO B 8 -12.93 -1.45 -3.35
CA PRO B 8 -12.56 -0.35 -4.24
C PRO B 8 -13.76 0.50 -4.63
N THR B 9 -13.80 1.72 -4.11
CA THR B 9 -14.87 2.66 -4.40
C THR B 9 -14.25 3.99 -4.84
N PRO B 10 -15.04 4.92 -5.43
CA PRO B 10 -14.52 6.24 -5.78
C PRO B 10 -13.92 6.95 -4.58
N ASP B 11 -14.62 6.91 -3.44
CA ASP B 11 -14.10 7.49 -2.20
C ASP B 11 -12.74 6.91 -1.86
N TYR B 12 -12.62 5.62 -2.06
CA TYR B 12 -11.37 4.90 -1.84
C TYR B 12 -10.30 5.40 -2.81
N LEU B 13 -10.71 5.64 -4.05
CA LEU B 13 -9.77 6.01 -5.11
C LEU B 13 -9.42 7.49 -5.09
N MET B 14 -10.37 8.33 -4.70
CA MET B 14 -10.18 9.78 -4.75
C MET B 14 -9.26 10.20 -3.62
N GLN B 15 -9.37 9.50 -2.49
CA GLN B 15 -8.52 9.75 -1.36
C GLN B 15 -7.13 9.16 -1.59
N LEU B 16 -7.06 8.12 -2.43
CA LEU B 16 -5.79 7.55 -2.83
C LEU B 16 -4.99 8.52 -3.67
N MET B 17 -5.68 9.37 -4.43
CA MET B 17 -5.00 10.38 -5.24
C MET B 17 -4.19 11.27 -4.31
N ASN B 18 -4.88 11.85 -3.32
CA ASN B 18 -4.25 12.60 -2.24
C ASN B 18 -2.97 11.95 -1.72
N ASP B 19 -3.01 10.64 -1.51
CA ASP B 19 -1.91 9.94 -0.86
C ASP B 19 -0.72 9.84 -1.82
N LYS B 20 -0.99 9.31 -3.01
CA LYS B 20 0.04 9.12 -4.03
C LYS B 20 0.65 10.45 -4.44
N LYS B 21 -0.11 11.52 -4.25
CA LYS B 21 0.34 12.84 -4.64
C LYS B 21 1.17 13.45 -3.51
N LEU B 22 0.66 13.32 -2.29
CA LEU B 22 1.33 13.87 -1.12
C LEU B 22 2.68 13.19 -0.90
N MET B 23 2.76 11.88 -1.14
CA MET B 23 4.01 11.15 -0.96
C MET B 23 5.02 11.59 -2.02
N SER B 24 4.51 11.95 -3.20
CA SER B 24 5.34 12.40 -4.30
C SER B 24 5.85 13.82 -4.03
N SER B 25 5.31 14.45 -2.99
CA SER B 25 5.74 15.80 -2.61
C SER B 25 6.72 15.72 -1.45
N LEU B 26 6.91 14.51 -0.93
CA LEU B 26 7.80 14.29 0.20
C LEU B 26 9.16 13.79 -0.27
N PRO B 27 10.23 14.51 0.07
CA PRO B 27 11.58 14.17 -0.35
C PRO B 27 12.16 13.03 0.47
N ASN B 28 11.55 12.75 1.61
CA ASN B 28 11.99 11.66 2.48
C ASN B 28 11.25 10.38 2.12
N PHE B 29 10.19 10.51 1.32
CA PHE B 29 9.42 9.36 0.88
C PHE B 29 10.17 8.64 -0.23
N SER B 30 11.14 7.88 0.18
CA SER B 30 12.00 7.09 -0.69
C SER B 30 12.79 6.11 0.18
N GLY B 31 13.29 6.64 1.29
CA GLY B 31 14.05 5.84 2.23
C GLY B 31 13.20 5.36 3.40
N ILE B 32 12.22 6.16 3.80
CA ILE B 32 11.41 5.83 4.97
C ILE B 32 10.62 4.55 4.77
N PHE B 33 9.91 4.41 3.65
CA PHE B 33 9.15 3.20 3.40
C PHE B 33 9.64 2.55 2.11
N THR B 34 9.60 1.24 2.05
CA THR B 34 10.11 0.49 0.91
C THR B 34 9.03 0.23 -0.15
N HIS B 35 7.98 -0.48 0.25
CA HIS B 35 6.99 -0.99 -0.71
C HIS B 35 5.78 -0.07 -0.87
N LEU B 36 5.67 0.91 0.02
CA LEU B 36 4.45 1.72 0.15
C LEU B 36 4.06 2.42 -1.15
N GLU B 37 5.03 3.04 -1.82
CA GLU B 37 4.77 3.79 -3.05
C GLU B 37 4.08 2.92 -4.09
N ARG B 38 4.71 1.80 -4.44
CA ARG B 38 4.18 0.93 -5.49
C ARG B 38 2.85 0.33 -5.09
N LEU B 39 2.57 0.26 -3.79
CA LEU B 39 1.30 -0.28 -3.34
C LEU B 39 0.14 0.65 -3.70
N LEU B 40 0.46 1.91 -3.99
CA LEU B 40 -0.56 2.84 -4.50
C LEU B 40 -0.65 2.68 -6.00
N ASP B 41 0.49 2.47 -6.63
CA ASP B 41 0.53 2.34 -8.08
C ASP B 41 -0.24 1.09 -8.46
N GLU B 42 -0.09 0.05 -7.65
CA GLU B 42 -0.89 -1.15 -7.76
C GLU B 42 -2.36 -0.89 -7.44
N GLU B 43 -2.62 -0.47 -6.20
CA GLU B 43 -3.98 -0.36 -5.69
C GLU B 43 -4.79 0.64 -6.52
N ILE B 44 -4.21 1.81 -6.71
CA ILE B 44 -4.87 2.90 -7.43
C ILE B 44 -5.22 2.46 -8.83
N SER B 45 -4.26 1.83 -9.48
CA SER B 45 -4.48 1.36 -10.84
C SER B 45 -5.55 0.26 -10.90
N ARG B 46 -5.58 -0.63 -9.92
CA ARG B 46 -6.50 -1.77 -9.95
C ARG B 46 -7.91 -1.32 -9.58
N VAL B 47 -7.99 -0.37 -8.65
CA VAL B 47 -9.27 0.20 -8.23
C VAL B 47 -10.00 0.82 -9.42
N ARG B 48 -9.22 1.29 -10.38
CA ARG B 48 -9.76 1.93 -11.57
C ARG B 48 -10.49 0.93 -12.46
N LYS B 49 -9.94 -0.27 -12.60
CA LYS B 49 -10.56 -1.31 -13.40
C LYS B 49 -11.70 -1.94 -12.62
N ASP B 50 -11.48 -2.09 -11.32
CA ASP B 50 -12.48 -2.65 -10.42
C ASP B 50 -13.79 -1.83 -10.43
N MET B 51 -13.78 -0.69 -11.08
CA MET B 51 -14.97 0.16 -11.17
C MET B 51 -15.98 -0.48 -12.12
N TYR B 52 -15.46 -1.29 -13.04
CA TYR B 52 -16.29 -1.98 -14.01
C TYR B 52 -15.92 -3.47 -14.07
N GLY A 1 -4.83 -3.18 -19.40
CA GLY A 1 -4.01 -4.09 -18.56
C GLY A 1 -2.55 -4.02 -18.91
N SER A 2 -1.97 -5.15 -19.28
CA SER A 2 -0.56 -5.23 -19.68
C SER A 2 0.35 -4.75 -18.54
N LYS A 3 0.08 -5.25 -17.33
CA LYS A 3 0.86 -4.87 -16.17
C LYS A 3 1.23 -6.12 -15.37
N GLU A 4 2.43 -6.13 -14.82
CA GLU A 4 2.93 -7.27 -14.09
C GLU A 4 2.62 -7.15 -12.60
N LYS A 5 2.31 -8.27 -11.97
CA LYS A 5 2.07 -8.31 -10.54
C LYS A 5 3.28 -8.95 -9.84
N PRO A 6 3.58 -8.49 -8.62
CA PRO A 6 4.72 -9.02 -7.84
C PRO A 6 4.43 -10.40 -7.28
N LYS A 7 5.46 -11.06 -6.78
CA LYS A 7 5.33 -12.40 -6.24
C LYS A 7 5.86 -12.46 -4.81
N PRO A 8 5.14 -13.16 -3.92
CA PRO A 8 5.51 -13.27 -2.50
C PRO A 8 6.77 -14.10 -2.29
N THR A 9 7.81 -13.45 -1.77
CA THR A 9 9.03 -14.13 -1.38
C THR A 9 9.42 -13.68 0.02
N PRO A 10 10.14 -14.51 0.80
CA PRO A 10 10.58 -14.13 2.14
C PRO A 10 11.25 -12.77 2.16
N ASP A 11 12.21 -12.57 1.26
CA ASP A 11 12.92 -11.30 1.15
C ASP A 11 11.95 -10.14 0.99
N TYR A 12 10.95 -10.33 0.13
CA TYR A 12 9.92 -9.33 -0.09
C TYR A 12 9.13 -9.08 1.19
N LEU A 13 8.91 -10.13 1.96
CA LEU A 13 8.08 -10.05 3.16
C LEU A 13 8.87 -9.49 4.34
N MET A 14 10.17 -9.75 4.38
CA MET A 14 11.00 -9.32 5.49
C MET A 14 11.18 -7.81 5.42
N GLN A 15 11.24 -7.32 4.20
CA GLN A 15 11.38 -5.89 3.96
C GLN A 15 10.07 -5.19 4.31
N LEU A 16 8.95 -5.87 4.04
CA LEU A 16 7.65 -5.36 4.41
C LEU A 16 7.51 -5.21 5.92
N MET A 17 8.15 -6.12 6.66
CA MET A 17 8.04 -6.12 8.11
C MET A 17 8.58 -4.82 8.67
N ASN A 18 9.65 -4.30 8.08
CA ASN A 18 10.28 -3.09 8.57
C ASN A 18 9.46 -1.86 8.23
N ASP A 19 8.72 -1.93 7.12
CA ASP A 19 7.93 -0.79 6.66
C ASP A 19 6.74 -0.58 7.59
N LYS A 20 6.03 -1.68 7.86
CA LYS A 20 4.87 -1.67 8.74
C LYS A 20 5.27 -1.27 10.17
N LYS A 21 6.50 -1.59 10.55
CA LYS A 21 6.95 -1.27 11.90
C LYS A 21 7.46 0.16 11.96
N LEU A 22 8.13 0.59 10.89
CA LEU A 22 8.65 1.94 10.79
C LEU A 22 7.50 2.94 10.78
N MET A 23 6.42 2.62 10.05
CA MET A 23 5.26 3.51 9.97
C MET A 23 4.57 3.59 11.34
N SER A 24 4.64 2.50 12.09
CA SER A 24 4.03 2.45 13.41
C SER A 24 4.88 3.22 14.42
N SER A 25 6.12 3.51 14.05
CA SER A 25 7.02 4.27 14.88
C SER A 25 6.87 5.76 14.57
N LEU A 26 6.11 6.05 13.53
CA LEU A 26 5.92 7.42 13.08
C LEU A 26 4.58 7.97 13.56
N PRO A 27 4.61 9.03 14.38
CA PRO A 27 3.40 9.68 14.90
C PRO A 27 2.74 10.56 13.85
N ASN A 28 3.44 10.73 12.73
CA ASN A 28 2.95 11.52 11.62
C ASN A 28 2.27 10.61 10.60
N PHE A 29 2.50 9.31 10.74
CA PHE A 29 1.91 8.32 9.84
C PHE A 29 0.48 8.04 10.28
N SER A 30 -0.37 8.96 9.91
CA SER A 30 -1.79 8.90 10.21
C SER A 30 -2.49 10.03 9.47
N GLY A 31 -1.83 11.18 9.45
CA GLY A 31 -2.35 12.32 8.72
C GLY A 31 -1.72 12.46 7.36
N ILE A 32 -0.47 12.03 7.22
CA ILE A 32 0.24 12.15 5.96
C ILE A 32 -0.32 11.19 4.90
N PHE A 33 -0.62 9.96 5.28
CA PHE A 33 -1.10 8.96 4.33
C PHE A 33 -2.34 8.28 4.90
N THR A 34 -3.37 8.18 4.08
CA THR A 34 -4.64 7.62 4.53
C THR A 34 -4.73 6.11 4.29
N HIS A 35 -4.45 5.69 3.07
CA HIS A 35 -4.70 4.31 2.65
C HIS A 35 -3.47 3.43 2.86
N LEU A 36 -2.32 4.08 2.95
CA LEU A 36 -1.04 3.39 2.94
C LEU A 36 -0.91 2.38 4.09
N GLU A 37 -1.42 2.76 5.26
CA GLU A 37 -1.34 1.90 6.44
C GLU A 37 -2.02 0.55 6.21
N ARG A 38 -3.24 0.59 5.68
CA ARG A 38 -4.00 -0.63 5.45
C ARG A 38 -3.40 -1.46 4.32
N LEU A 39 -2.68 -0.78 3.44
CA LEU A 39 -2.11 -1.44 2.27
C LEU A 39 -0.97 -2.39 2.63
N LEU A 40 -0.41 -2.24 3.82
CA LEU A 40 0.56 -3.22 4.32
C LEU A 40 -0.20 -4.33 5.02
N ASP A 41 -1.33 -3.96 5.60
CA ASP A 41 -2.11 -4.90 6.36
C ASP A 41 -2.67 -5.96 5.44
N GLU A 42 -2.91 -5.60 4.18
CA GLU A 42 -3.34 -6.56 3.19
C GLU A 42 -2.14 -7.18 2.47
N GLU A 43 -1.16 -6.36 2.10
CA GLU A 43 0.00 -6.87 1.35
C GLU A 43 0.78 -7.86 2.20
N ILE A 44 1.04 -7.47 3.44
CA ILE A 44 1.78 -8.31 4.37
C ILE A 44 0.97 -9.55 4.68
N SER A 45 -0.34 -9.37 4.80
CA SER A 45 -1.23 -10.49 5.08
C SER A 45 -1.24 -11.48 3.90
N ARG A 46 -1.43 -10.95 2.70
CA ARG A 46 -1.62 -11.80 1.52
C ARG A 46 -0.31 -12.49 1.17
N VAL A 47 0.79 -11.77 1.30
CA VAL A 47 2.12 -12.30 1.02
C VAL A 47 2.45 -13.47 1.96
N ARG A 48 1.86 -13.47 3.15
CA ARG A 48 2.14 -14.51 4.13
C ARG A 48 1.53 -15.85 3.74
N LYS A 49 0.31 -15.84 3.23
CA LYS A 49 -0.36 -17.08 2.87
C LYS A 49 -0.03 -17.45 1.43
N ASP A 50 -0.03 -16.45 0.56
CA ASP A 50 0.22 -16.65 -0.87
C ASP A 50 1.63 -17.18 -1.15
N MET A 51 2.42 -17.39 -0.10
CA MET A 51 3.71 -18.07 -0.22
C MET A 51 3.52 -19.47 -0.76
N TYR A 52 2.43 -20.10 -0.36
CA TYR A 52 2.14 -21.47 -0.76
C TYR A 52 0.72 -21.56 -1.33
N GLY B 1 -7.92 -17.27 6.99
CA GLY B 1 -8.65 -16.25 6.22
C GLY B 1 -9.57 -15.43 7.11
N SER B 2 -10.85 -15.43 6.78
CA SER B 2 -11.86 -14.71 7.56
C SER B 2 -11.54 -13.22 7.63
N LYS B 3 -11.23 -12.65 6.47
CA LYS B 3 -10.90 -11.23 6.40
C LYS B 3 -11.65 -10.60 5.23
N GLU B 4 -12.08 -9.36 5.42
CA GLU B 4 -12.86 -8.67 4.41
C GLU B 4 -11.95 -7.84 3.50
N LYS B 5 -12.31 -7.77 2.24
CA LYS B 5 -11.58 -6.95 1.28
C LYS B 5 -12.40 -5.70 0.95
N PRO B 6 -11.73 -4.58 0.68
CA PRO B 6 -12.39 -3.31 0.36
C PRO B 6 -13.00 -3.32 -1.04
N LYS B 7 -13.82 -2.33 -1.35
CA LYS B 7 -14.45 -2.24 -2.65
C LYS B 7 -14.19 -0.87 -3.29
N PRO B 8 -13.89 -0.88 -4.60
CA PRO B 8 -13.57 0.35 -5.34
C PRO B 8 -14.76 1.29 -5.49
N THR B 9 -14.66 2.46 -4.89
CA THR B 9 -15.65 3.51 -5.07
C THR B 9 -14.94 4.82 -5.40
N PRO B 10 -15.61 5.75 -6.10
CA PRO B 10 -15.00 7.04 -6.44
C PRO B 10 -14.40 7.73 -5.21
N ASP B 11 -15.18 7.80 -4.14
CA ASP B 11 -14.72 8.41 -2.88
C ASP B 11 -13.42 7.76 -2.40
N TYR B 12 -13.37 6.44 -2.48
CA TYR B 12 -12.18 5.69 -2.11
C TYR B 12 -11.01 6.06 -3.02
N LEU B 13 -11.31 6.28 -4.29
CA LEU B 13 -10.28 6.54 -5.28
C LEU B 13 -9.80 8.00 -5.24
N MET B 14 -10.70 8.91 -4.89
CA MET B 14 -10.37 10.33 -4.87
C MET B 14 -9.44 10.61 -3.71
N GLN B 15 -9.65 9.89 -2.63
CA GLN B 15 -8.80 10.01 -1.45
C GLN B 15 -7.43 9.42 -1.73
N LEU B 16 -7.41 8.35 -2.52
CA LEU B 16 -6.15 7.74 -2.96
C LEU B 16 -5.33 8.70 -3.79
N MET B 17 -6.01 9.55 -4.56
CA MET B 17 -5.33 10.47 -5.45
C MET B 17 -4.46 11.42 -4.65
N ASN B 18 -4.94 11.85 -3.49
CA ASN B 18 -4.22 12.79 -2.66
C ASN B 18 -3.03 12.13 -1.97
N ASP B 19 -3.16 10.84 -1.69
CA ASP B 19 -2.11 10.12 -0.99
C ASP B 19 -0.89 9.95 -1.90
N LYS B 20 -1.16 9.49 -3.11
CA LYS B 20 -0.12 9.27 -4.11
C LYS B 20 0.54 10.60 -4.50
N LYS B 21 -0.19 11.69 -4.41
CA LYS B 21 0.35 12.99 -4.78
C LYS B 21 1.11 13.58 -3.60
N LEU B 22 0.58 13.38 -2.40
CA LEU B 22 1.21 13.86 -1.19
C LEU B 22 2.55 13.18 -0.98
N MET B 23 2.62 11.87 -1.25
CA MET B 23 3.86 11.11 -1.09
C MET B 23 4.89 11.58 -2.12
N SER B 24 4.40 12.00 -3.29
CA SER B 24 5.28 12.48 -4.34
C SER B 24 5.78 13.89 -4.04
N SER B 25 5.14 14.54 -3.07
CA SER B 25 5.54 15.86 -2.64
C SER B 25 6.54 15.74 -1.50
N LEU B 26 6.73 14.52 -1.03
CA LEU B 26 7.61 14.26 0.09
C LEU B 26 8.96 13.72 -0.38
N PRO B 27 10.05 14.46 -0.11
CA PRO B 27 11.40 14.05 -0.50
C PRO B 27 11.94 12.98 0.44
N ASN B 28 11.20 12.72 1.51
CA ASN B 28 11.55 11.70 2.48
C ASN B 28 10.85 10.40 2.16
N PHE B 29 9.85 10.48 1.27
CA PHE B 29 9.10 9.30 0.86
C PHE B 29 9.88 8.56 -0.21
N SER B 30 10.84 7.83 0.27
CA SER B 30 11.72 7.02 -0.56
C SER B 30 12.60 6.16 0.34
N GLY B 31 13.04 6.76 1.44
CA GLY B 31 13.82 6.05 2.43
C GLY B 31 12.99 5.57 3.59
N ILE B 32 11.92 6.31 3.91
CA ILE B 32 11.07 5.95 5.04
C ILE B 32 10.25 4.70 4.74
N PHE B 33 9.70 4.58 3.54
CA PHE B 33 8.85 3.45 3.20
C PHE B 33 9.29 2.87 1.87
N THR B 34 9.45 1.55 1.81
CA THR B 34 9.95 0.90 0.62
C THR B 34 8.83 0.45 -0.32
N HIS B 35 7.84 -0.26 0.23
CA HIS B 35 6.82 -0.90 -0.60
C HIS B 35 5.61 -0.01 -0.79
N LEU B 36 5.46 0.95 0.10
CA LEU B 36 4.26 1.76 0.19
C LEU B 36 3.98 2.51 -1.12
N GLU B 37 5.02 3.02 -1.75
CA GLU B 37 4.88 3.77 -3.00
C GLU B 37 4.21 2.93 -4.09
N ARG B 38 4.68 1.71 -4.29
CA ARG B 38 4.13 0.85 -5.33
C ARG B 38 2.73 0.38 -4.98
N LEU B 39 2.42 0.38 -3.69
CA LEU B 39 1.14 -0.12 -3.22
C LEU B 39 -0.02 0.81 -3.61
N LEU B 40 0.29 2.05 -3.94
CA LEU B 40 -0.73 2.94 -4.49
C LEU B 40 -0.80 2.74 -5.99
N ASP B 41 0.34 2.38 -6.56
CA ASP B 41 0.45 2.23 -7.99
C ASP B 41 -0.40 1.05 -8.43
N GLU B 42 -0.54 0.06 -7.55
CA GLU B 42 -1.42 -1.06 -7.83
C GLU B 42 -2.83 -0.79 -7.32
N GLU B 43 -2.96 -0.24 -6.11
CA GLU B 43 -4.28 0.00 -5.53
C GLU B 43 -5.06 1.01 -6.37
N ILE B 44 -4.39 2.09 -6.71
CA ILE B 44 -5.00 3.14 -7.51
C ILE B 44 -5.30 2.61 -8.89
N SER B 45 -4.39 1.80 -9.40
CA SER B 45 -4.57 1.21 -10.72
C SER B 45 -5.77 0.24 -10.73
N ARG B 46 -5.81 -0.65 -9.76
CA ARG B 46 -6.81 -1.70 -9.73
C ARG B 46 -8.18 -1.12 -9.44
N VAL B 47 -8.23 -0.15 -8.53
CA VAL B 47 -9.47 0.53 -8.18
C VAL B 47 -10.09 1.25 -9.38
N ARG B 48 -9.24 1.65 -10.32
CA ARG B 48 -9.71 2.39 -11.48
C ARG B 48 -10.50 1.51 -12.45
N LYS B 49 -10.02 0.29 -12.68
CA LYS B 49 -10.69 -0.61 -13.61
C LYS B 49 -11.75 -1.42 -12.90
N ASP B 50 -11.41 -1.89 -11.70
CA ASP B 50 -12.31 -2.73 -10.90
C ASP B 50 -13.60 -2.00 -10.49
N MET B 51 -13.73 -0.73 -10.91
CA MET B 51 -14.98 0.01 -10.74
C MET B 51 -16.11 -0.70 -11.47
N TYR B 52 -15.78 -1.28 -12.61
CA TYR B 52 -16.76 -1.96 -13.45
C TYR B 52 -16.29 -3.35 -13.80
N GLY A 1 -4.59 -0.87 -17.59
CA GLY A 1 -4.59 -2.04 -18.51
C GLY A 1 -4.38 -3.34 -17.77
N SER A 2 -3.86 -4.33 -18.46
CA SER A 2 -3.56 -5.62 -17.86
C SER A 2 -2.46 -5.46 -16.80
N LYS A 3 -1.30 -5.00 -17.24
CA LYS A 3 -0.16 -4.74 -16.35
C LYS A 3 0.40 -6.01 -15.72
N GLU A 4 1.71 -6.07 -15.58
CA GLU A 4 2.36 -7.22 -14.99
C GLU A 4 2.69 -6.91 -13.53
N LYS A 5 2.09 -7.65 -12.62
CA LYS A 5 2.31 -7.43 -11.19
C LYS A 5 3.32 -8.43 -10.66
N PRO A 6 4.46 -7.93 -10.13
CA PRO A 6 5.52 -8.77 -9.57
C PRO A 6 5.01 -9.67 -8.44
N LYS A 7 5.48 -10.91 -8.43
CA LYS A 7 5.01 -11.90 -7.46
C LYS A 7 5.57 -11.62 -6.07
N PRO A 8 4.70 -11.71 -5.05
CA PRO A 8 5.11 -11.55 -3.66
C PRO A 8 6.00 -12.70 -3.20
N THR A 9 7.05 -12.39 -2.46
CA THR A 9 8.00 -13.38 -1.98
C THR A 9 8.27 -13.17 -0.49
N PRO A 10 8.94 -14.12 0.20
CA PRO A 10 9.31 -13.93 1.60
C PRO A 10 10.12 -12.66 1.81
N ASP A 11 11.09 -12.42 0.93
CA ASP A 11 11.91 -11.20 0.99
C ASP A 11 11.03 -9.97 0.92
N TYR A 12 10.06 -10.02 0.02
CA TYR A 12 9.07 -8.95 -0.14
C TYR A 12 8.31 -8.75 1.17
N LEU A 13 8.05 -9.86 1.86
CA LEU A 13 7.29 -9.83 3.11
C LEU A 13 8.17 -9.36 4.27
N MET A 14 9.46 -9.59 4.17
CA MET A 14 10.36 -9.24 5.27
C MET A 14 10.61 -7.75 5.24
N GLN A 15 10.71 -7.22 4.04
CA GLN A 15 10.86 -5.79 3.82
C GLN A 15 9.58 -5.06 4.24
N LEU A 16 8.44 -5.68 3.99
CA LEU A 16 7.16 -5.11 4.39
C LEU A 16 7.07 -4.94 5.88
N MET A 17 7.66 -5.87 6.63
CA MET A 17 7.68 -5.75 8.08
C MET A 17 8.41 -4.46 8.46
N ASN A 18 9.61 -4.30 7.93
CA ASN A 18 10.37 -3.05 8.08
C ASN A 18 9.55 -1.82 7.72
N ASP A 19 8.83 -1.84 6.60
CA ASP A 19 8.10 -0.66 6.14
C ASP A 19 6.96 -0.35 7.11
N LYS A 20 6.20 -1.39 7.43
CA LYS A 20 5.09 -1.32 8.36
C LYS A 20 5.53 -0.69 9.69
N LYS A 21 6.67 -1.12 10.20
CA LYS A 21 7.12 -0.67 11.50
C LYS A 21 7.75 0.71 11.41
N LEU A 22 8.47 0.94 10.32
CA LEU A 22 9.03 2.27 10.04
C LEU A 22 7.94 3.33 10.00
N MET A 23 6.82 3.03 9.34
CA MET A 23 5.68 3.94 9.37
C MET A 23 5.21 4.17 10.80
N SER A 24 5.21 3.11 11.58
CA SER A 24 4.76 3.17 12.97
C SER A 24 5.85 3.78 13.87
N SER A 25 6.94 4.23 13.27
CA SER A 25 8.03 4.85 14.02
C SER A 25 7.95 6.35 13.79
N LEU A 26 7.15 6.74 12.82
CA LEU A 26 6.95 8.13 12.48
C LEU A 26 5.84 8.71 13.34
N PRO A 27 6.13 9.80 14.07
CA PRO A 27 5.18 10.38 15.01
C PRO A 27 4.09 11.17 14.29
N ASN A 28 4.22 11.26 12.98
CA ASN A 28 3.24 11.97 12.17
C ASN A 28 2.39 10.98 11.39
N PHE A 29 2.65 9.69 11.61
CA PHE A 29 1.89 8.63 10.94
C PHE A 29 0.57 8.41 11.67
N SER A 30 -0.27 9.40 11.54
CA SER A 30 -1.57 9.44 12.18
C SER A 30 -2.39 10.54 11.52
N GLY A 31 -2.50 10.48 10.20
CA GLY A 31 -3.14 11.55 9.47
C GLY A 31 -2.46 11.85 8.15
N ILE A 32 -1.15 11.59 8.05
CA ILE A 32 -0.43 11.86 6.81
C ILE A 32 -1.00 11.05 5.65
N PHE A 33 -1.04 9.73 5.78
CA PHE A 33 -1.58 8.91 4.72
C PHE A 33 -2.85 8.23 5.20
N THR A 34 -3.80 8.07 4.30
CA THR A 34 -5.06 7.42 4.64
C THR A 34 -4.97 5.91 4.39
N HIS A 35 -4.80 5.53 3.13
CA HIS A 35 -4.93 4.11 2.75
C HIS A 35 -3.60 3.36 2.81
N LEU A 36 -2.49 4.07 2.96
CA LEU A 36 -1.17 3.44 2.91
C LEU A 36 -1.03 2.43 4.05
N GLU A 37 -1.46 2.83 5.24
CA GLU A 37 -1.50 1.96 6.40
C GLU A 37 -2.28 0.68 6.10
N ARG A 38 -3.53 0.85 5.67
CA ARG A 38 -4.40 -0.29 5.34
C ARG A 38 -3.75 -1.19 4.29
N LEU A 39 -3.07 -0.59 3.33
CA LEU A 39 -2.49 -1.35 2.23
C LEU A 39 -1.41 -2.31 2.70
N LEU A 40 -0.78 -2.04 3.83
CA LEU A 40 0.17 -2.99 4.40
C LEU A 40 -0.61 -4.11 5.08
N ASP A 41 -1.69 -3.72 5.74
CA ASP A 41 -2.50 -4.67 6.47
C ASP A 41 -3.11 -5.67 5.51
N GLU A 42 -3.48 -5.22 4.32
CA GLU A 42 -3.96 -6.11 3.28
C GLU A 42 -2.84 -6.80 2.51
N GLU A 43 -1.83 -6.04 2.08
CA GLU A 43 -0.73 -6.62 1.28
C GLU A 43 0.02 -7.65 2.11
N ILE A 44 0.42 -7.25 3.30
CA ILE A 44 1.16 -8.15 4.18
C ILE A 44 0.32 -9.37 4.48
N SER A 45 -0.96 -9.13 4.71
CA SER A 45 -1.89 -10.23 4.98
C SER A 45 -2.00 -11.20 3.79
N ARG A 46 -2.09 -10.66 2.58
CA ARG A 46 -2.30 -11.51 1.40
C ARG A 46 -1.00 -12.19 1.00
N VAL A 47 0.13 -11.53 1.25
CA VAL A 47 1.43 -12.11 1.00
C VAL A 47 1.66 -13.30 1.92
N ARG A 48 1.17 -13.19 3.15
CA ARG A 48 1.28 -14.27 4.12
C ARG A 48 0.35 -15.41 3.76
N LYS A 49 -0.69 -15.09 3.00
CA LYS A 49 -1.64 -16.09 2.53
C LYS A 49 -1.02 -16.88 1.39
N ASP A 50 -0.29 -16.17 0.53
CA ASP A 50 0.41 -16.80 -0.60
C ASP A 50 1.58 -17.66 -0.12
N MET A 51 1.82 -17.65 1.18
CA MET A 51 2.87 -18.47 1.78
C MET A 51 2.35 -19.88 1.98
N TYR A 52 1.04 -20.00 2.09
CA TYR A 52 0.39 -21.28 2.26
C TYR A 52 -0.65 -21.48 1.16
N GLY B 1 -5.66 -15.55 7.59
CA GLY B 1 -6.86 -16.36 7.31
C GLY B 1 -7.59 -15.87 6.07
N SER B 2 -8.89 -16.12 6.02
CA SER B 2 -9.71 -15.66 4.91
C SER B 2 -9.73 -14.13 4.88
N LYS B 3 -10.26 -13.54 5.96
CA LYS B 3 -10.31 -12.08 6.13
C LYS B 3 -11.26 -11.43 5.12
N GLU B 4 -11.97 -10.41 5.57
CA GLU B 4 -12.89 -9.68 4.72
C GLU B 4 -12.23 -8.40 4.24
N LYS B 5 -12.03 -8.29 2.93
CA LYS B 5 -11.39 -7.13 2.35
C LYS B 5 -12.44 -6.18 1.78
N PRO B 6 -12.49 -4.94 2.32
CA PRO B 6 -13.43 -3.91 1.86
C PRO B 6 -13.30 -3.62 0.37
N LYS B 7 -14.43 -3.45 -0.29
CA LYS B 7 -14.46 -3.24 -1.74
C LYS B 7 -13.95 -1.84 -2.11
N PRO B 8 -13.11 -1.76 -3.14
CA PRO B 8 -12.63 -0.48 -3.66
C PRO B 8 -13.74 0.31 -4.34
N THR B 9 -13.79 1.60 -4.09
CA THR B 9 -14.80 2.47 -4.65
C THR B 9 -14.16 3.73 -5.25
N PRO B 10 -14.91 4.53 -6.02
CA PRO B 10 -14.39 5.81 -6.53
C PRO B 10 -13.85 6.70 -5.43
N ASP B 11 -14.60 6.80 -4.32
CA ASP B 11 -14.17 7.59 -3.17
C ASP B 11 -12.82 7.09 -2.67
N TYR B 12 -12.71 5.77 -2.58
CA TYR B 12 -11.47 5.11 -2.20
C TYR B 12 -10.34 5.50 -3.15
N LEU B 13 -10.68 5.65 -4.42
CA LEU B 13 -9.70 5.97 -5.44
C LEU B 13 -9.35 7.46 -5.42
N MET B 14 -10.28 8.29 -4.96
CA MET B 14 -10.07 9.73 -4.97
C MET B 14 -9.15 10.09 -3.81
N GLN B 15 -9.35 9.39 -2.71
CA GLN B 15 -8.50 9.55 -1.53
C GLN B 15 -7.10 9.03 -1.81
N LEU B 16 -7.01 7.96 -2.59
CA LEU B 16 -5.73 7.41 -2.98
C LEU B 16 -4.91 8.40 -3.78
N MET B 17 -5.57 9.22 -4.59
CA MET B 17 -4.87 10.25 -5.34
C MET B 17 -4.21 11.20 -4.36
N ASN B 18 -4.99 11.71 -3.42
CA ASN B 18 -4.47 12.52 -2.31
C ASN B 18 -3.28 11.85 -1.61
N ASP B 19 -3.38 10.57 -1.28
CA ASP B 19 -2.33 9.90 -0.52
C ASP B 19 -1.06 9.80 -1.36
N LYS B 20 -1.24 9.34 -2.60
CA LYS B 20 -0.16 9.21 -3.57
C LYS B 20 0.60 10.52 -3.70
N LYS B 21 -0.12 11.63 -3.79
CA LYS B 21 0.52 12.91 -4.06
C LYS B 21 1.10 13.47 -2.77
N LEU B 22 0.40 13.27 -1.66
CA LEU B 22 0.91 13.66 -0.36
C LEU B 22 2.26 13.00 -0.07
N MET B 23 2.38 11.70 -0.37
CA MET B 23 3.67 11.04 -0.25
C MET B 23 4.71 11.73 -1.13
N SER B 24 4.30 12.12 -2.33
CA SER B 24 5.19 12.76 -3.27
C SER B 24 5.42 14.24 -2.91
N SER B 25 4.85 14.66 -1.78
CA SER B 25 5.02 16.04 -1.31
C SER B 25 6.02 16.04 -0.17
N LEU B 26 6.31 14.84 0.31
CA LEU B 26 7.27 14.67 1.39
C LEU B 26 8.68 14.56 0.80
N PRO B 27 9.60 15.41 1.26
CA PRO B 27 10.96 15.46 0.70
C PRO B 27 11.81 14.31 1.20
N ASN B 28 11.24 13.49 2.07
CA ASN B 28 11.94 12.34 2.61
C ASN B 28 11.38 11.06 2.00
N PHE B 29 10.41 11.21 1.10
CA PHE B 29 9.79 10.08 0.43
C PHE B 29 10.69 9.62 -0.71
N SER B 30 11.80 9.07 -0.32
CA SER B 30 12.83 8.59 -1.22
C SER B 30 13.78 7.71 -0.43
N GLY B 31 13.23 6.70 0.23
CA GLY B 31 14.03 5.89 1.12
C GLY B 31 13.29 5.50 2.39
N ILE B 32 12.34 6.33 2.83
CA ILE B 32 11.59 6.03 4.05
C ILE B 32 10.84 4.71 3.92
N PHE B 33 9.97 4.59 2.92
CA PHE B 33 9.23 3.35 2.72
C PHE B 33 9.68 2.70 1.43
N THR B 34 9.71 1.37 1.43
CA THR B 34 10.08 0.63 0.25
C THR B 34 8.86 0.31 -0.62
N HIS B 35 7.95 -0.50 -0.08
CA HIS B 35 6.85 -1.03 -0.89
C HIS B 35 5.61 -0.15 -0.87
N LEU B 36 5.56 0.83 0.01
CA LEU B 36 4.35 1.65 0.17
C LEU B 36 4.05 2.39 -1.12
N GLU B 37 5.09 2.96 -1.73
CA GLU B 37 4.98 3.63 -3.02
C GLU B 37 4.39 2.69 -4.07
N ARG B 38 5.01 1.53 -4.24
CA ARG B 38 4.54 0.53 -5.20
C ARG B 38 3.09 0.14 -4.94
N LEU B 39 2.73 0.03 -3.68
CA LEU B 39 1.39 -0.41 -3.31
C LEU B 39 0.30 0.54 -3.78
N LEU B 40 0.64 1.80 -3.97
CA LEU B 40 -0.32 2.74 -4.55
C LEU B 40 -0.38 2.53 -6.06
N ASP B 41 0.77 2.26 -6.64
CA ASP B 41 0.87 2.05 -8.06
C ASP B 41 0.08 0.82 -8.47
N GLU B 42 0.08 -0.20 -7.62
CA GLU B 42 -0.72 -1.39 -7.85
C GLU B 42 -2.17 -1.21 -7.39
N GLU B 43 -2.38 -0.69 -6.18
CA GLU B 43 -3.75 -0.54 -5.65
C GLU B 43 -4.54 0.42 -6.51
N ILE B 44 -3.96 1.58 -6.76
CA ILE B 44 -4.62 2.60 -7.56
C ILE B 44 -4.90 2.04 -8.94
N SER B 45 -3.92 1.32 -9.47
CA SER B 45 -4.06 0.71 -10.79
C SER B 45 -5.20 -0.34 -10.81
N ARG B 46 -5.30 -1.16 -9.77
CA ARG B 46 -6.29 -2.24 -9.76
C ARG B 46 -7.67 -1.69 -9.43
N VAL B 47 -7.71 -0.62 -8.64
CA VAL B 47 -8.97 0.05 -8.33
C VAL B 47 -9.54 0.69 -9.59
N ARG B 48 -8.65 1.22 -10.44
CA ARG B 48 -9.06 1.81 -11.69
C ARG B 48 -9.52 0.74 -12.68
N LYS B 49 -9.03 -0.48 -12.47
CA LYS B 49 -9.41 -1.60 -13.30
C LYS B 49 -10.82 -2.07 -12.92
N ASP B 50 -11.10 -2.05 -11.61
CA ASP B 50 -12.41 -2.42 -11.10
C ASP B 50 -13.46 -1.37 -11.46
N MET B 51 -13.04 -0.30 -12.11
CA MET B 51 -13.95 0.74 -12.56
C MET B 51 -14.57 0.32 -13.87
N TYR B 52 -13.87 -0.56 -14.58
CA TYR B 52 -14.35 -1.08 -15.85
C TYR B 52 -14.37 -2.60 -15.81
N GLY A 1 -0.57 -7.35 -19.36
CA GLY A 1 -1.50 -6.34 -18.82
C GLY A 1 -0.80 -5.04 -18.47
N SER A 2 -0.85 -4.67 -17.20
CA SER A 2 -0.20 -3.47 -16.72
C SER A 2 0.22 -3.65 -15.27
N LYS A 3 1.21 -2.87 -14.84
CA LYS A 3 1.71 -2.92 -13.48
C LYS A 3 2.21 -4.32 -13.13
N GLU A 4 3.32 -4.71 -13.72
CA GLU A 4 3.92 -6.01 -13.47
C GLU A 4 4.81 -5.92 -12.23
N LYS A 5 4.18 -5.65 -11.11
CA LYS A 5 4.87 -5.53 -9.84
C LYS A 5 5.49 -6.86 -9.42
N PRO A 6 6.59 -6.81 -8.64
CA PRO A 6 7.27 -8.00 -8.11
C PRO A 6 6.31 -8.98 -7.44
N LYS A 7 6.61 -10.27 -7.62
CA LYS A 7 5.82 -11.34 -7.05
C LYS A 7 6.05 -11.44 -5.55
N PRO A 8 5.01 -11.81 -4.78
CA PRO A 8 5.11 -11.94 -3.33
C PRO A 8 6.01 -13.10 -2.90
N THR A 9 7.16 -12.75 -2.35
CA THR A 9 8.12 -13.71 -1.84
C THR A 9 8.48 -13.40 -0.38
N PRO A 10 9.28 -14.24 0.30
CA PRO A 10 9.74 -13.91 1.66
C PRO A 10 10.50 -12.59 1.71
N ASP A 11 11.43 -12.38 0.77
CA ASP A 11 12.18 -11.13 0.69
C ASP A 11 11.21 -9.95 0.62
N TYR A 12 10.20 -10.13 -0.22
CA TYR A 12 9.11 -9.19 -0.38
C TYR A 12 8.43 -8.89 0.95
N LEU A 13 8.27 -9.94 1.75
CA LEU A 13 7.58 -9.86 3.02
C LEU A 13 8.48 -9.27 4.11
N MET A 14 9.78 -9.46 3.99
CA MET A 14 10.71 -9.00 5.02
C MET A 14 10.88 -7.50 4.93
N GLN A 15 10.86 -6.99 3.71
CA GLN A 15 10.89 -5.56 3.46
C GLN A 15 9.65 -4.92 4.08
N LEU A 16 8.53 -5.61 3.91
CA LEU A 16 7.25 -5.16 4.45
C LEU A 16 7.29 -5.05 5.96
N MET A 17 7.99 -5.97 6.60
CA MET A 17 7.99 -6.03 8.06
C MET A 17 8.65 -4.81 8.65
N ASN A 18 9.57 -4.21 7.91
CA ASN A 18 10.31 -3.07 8.44
C ASN A 18 9.53 -1.80 8.18
N ASP A 19 8.75 -1.80 7.10
CA ASP A 19 7.94 -0.65 6.71
C ASP A 19 6.77 -0.49 7.67
N LYS A 20 6.04 -1.59 7.88
CA LYS A 20 4.88 -1.62 8.77
C LYS A 20 5.28 -1.27 10.20
N LYS A 21 6.52 -1.55 10.55
CA LYS A 21 7.00 -1.28 11.90
C LYS A 21 7.53 0.14 11.98
N LEU A 22 8.22 0.57 10.92
CA LEU A 22 8.69 1.94 10.81
C LEU A 22 7.53 2.92 10.90
N MET A 23 6.46 2.65 10.15
CA MET A 23 5.31 3.55 10.12
C MET A 23 4.61 3.57 11.48
N SER A 24 4.70 2.47 12.20
CA SER A 24 4.12 2.37 13.54
C SER A 24 4.96 3.15 14.55
N SER A 25 6.17 3.51 14.15
CA SER A 25 7.07 4.26 15.00
C SER A 25 7.07 5.73 14.59
N LEU A 26 6.41 6.01 13.47
CA LEU A 26 6.34 7.36 12.94
C LEU A 26 5.02 8.02 13.33
N PRO A 27 5.06 9.03 14.21
CA PRO A 27 3.85 9.71 14.68
C PRO A 27 3.26 10.62 13.62
N ASN A 28 4.07 10.97 12.62
CA ASN A 28 3.60 11.80 11.53
C ASN A 28 2.88 10.95 10.51
N PHE A 29 3.28 9.69 10.42
CA PHE A 29 2.69 8.75 9.46
C PHE A 29 1.20 8.61 9.69
N SER A 30 0.83 8.30 10.93
CA SER A 30 -0.58 8.19 11.31
C SER A 30 -1.24 9.56 11.31
N GLY A 31 -1.48 10.09 10.12
CA GLY A 31 -2.06 11.39 9.96
C GLY A 31 -1.89 11.92 8.55
N ILE A 32 -0.73 11.66 7.97
CA ILE A 32 -0.45 12.13 6.62
C ILE A 32 -1.01 11.20 5.55
N PHE A 33 -0.97 9.89 5.77
CA PHE A 33 -1.37 8.95 4.73
C PHE A 33 -2.69 8.29 5.08
N THR A 34 -3.55 8.10 4.08
CA THR A 34 -4.85 7.51 4.28
C THR A 34 -4.84 6.00 4.09
N HIS A 35 -4.46 5.55 2.89
CA HIS A 35 -4.54 4.14 2.52
C HIS A 35 -3.26 3.37 2.78
N LEU A 36 -2.18 4.08 3.04
CA LEU A 36 -0.85 3.47 3.04
C LEU A 36 -0.67 2.41 4.12
N GLU A 37 -1.10 2.71 5.35
CA GLU A 37 -0.97 1.75 6.46
C GLU A 37 -1.80 0.51 6.16
N ARG A 38 -2.99 0.74 5.64
CA ARG A 38 -3.93 -0.32 5.34
C ARG A 38 -3.37 -1.27 4.27
N LEU A 39 -2.68 -0.72 3.30
CA LEU A 39 -2.13 -1.50 2.20
C LEU A 39 -1.02 -2.44 2.65
N LEU A 40 -0.44 -2.17 3.81
CA LEU A 40 0.54 -3.12 4.36
C LEU A 40 -0.22 -4.19 5.12
N ASP A 41 -1.31 -3.79 5.72
CA ASP A 41 -2.13 -4.71 6.47
C ASP A 41 -2.73 -5.72 5.51
N GLU A 42 -3.11 -5.23 4.32
CA GLU A 42 -3.54 -6.09 3.24
C GLU A 42 -2.38 -6.87 2.64
N GLU A 43 -1.32 -6.18 2.19
CA GLU A 43 -0.23 -6.83 1.45
C GLU A 43 0.50 -7.83 2.34
N ILE A 44 0.83 -7.39 3.54
CA ILE A 44 1.55 -8.24 4.48
C ILE A 44 0.72 -9.45 4.83
N SER A 45 -0.57 -9.22 5.05
CA SER A 45 -1.48 -10.32 5.38
C SER A 45 -1.61 -11.29 4.21
N ARG A 46 -1.85 -10.76 3.01
CA ARG A 46 -2.17 -11.60 1.86
C ARG A 46 -0.94 -12.39 1.40
N VAL A 47 0.22 -11.77 1.50
CA VAL A 47 1.48 -12.45 1.21
C VAL A 47 1.67 -13.67 2.10
N ARG A 48 1.15 -13.61 3.32
CA ARG A 48 1.35 -14.69 4.27
C ARG A 48 0.62 -15.95 3.84
N LYS A 49 -0.53 -15.78 3.20
CA LYS A 49 -1.29 -16.91 2.68
C LYS A 49 -0.75 -17.30 1.32
N ASP A 50 -0.62 -16.29 0.45
CA ASP A 50 -0.24 -16.53 -0.93
C ASP A 50 1.26 -16.76 -1.07
N MET A 51 2.01 -15.68 -1.23
CA MET A 51 3.45 -15.71 -1.56
C MET A 51 3.86 -16.82 -2.54
N TYR A 52 2.99 -17.11 -3.50
CA TYR A 52 3.30 -17.98 -4.62
C TYR A 52 2.16 -17.99 -5.64
N GLY B 1 -13.25 -14.78 5.93
CA GLY B 1 -11.78 -14.93 5.90
C GLY B 1 -11.09 -14.01 6.90
N SER B 2 -10.25 -13.12 6.40
CA SER B 2 -9.56 -12.16 7.24
C SER B 2 -9.28 -10.88 6.46
N LYS B 3 -9.10 -9.77 7.17
CA LYS B 3 -8.83 -8.48 6.56
C LYS B 3 -9.94 -8.09 5.60
N GLU B 4 -11.11 -7.76 6.16
CA GLU B 4 -12.23 -7.33 5.37
C GLU B 4 -12.15 -5.84 5.10
N LYS B 5 -11.11 -5.48 4.36
CA LYS B 5 -10.87 -4.09 4.00
C LYS B 5 -11.98 -3.55 3.11
N PRO B 6 -12.22 -2.22 3.16
CA PRO B 6 -13.22 -1.54 2.33
C PRO B 6 -13.10 -1.90 0.85
N LYS B 7 -14.25 -1.98 0.20
CA LYS B 7 -14.32 -2.30 -1.23
C LYS B 7 -13.87 -1.10 -2.05
N PRO B 8 -13.24 -1.36 -3.21
CA PRO B 8 -12.75 -0.31 -4.10
C PRO B 8 -13.89 0.48 -4.76
N THR B 9 -14.04 1.72 -4.35
CA THR B 9 -15.06 2.61 -4.89
C THR B 9 -14.39 3.92 -5.37
N PRO B 10 -15.14 4.85 -6.01
CA PRO B 10 -14.58 6.16 -6.36
C PRO B 10 -14.04 6.91 -5.15
N ASP B 11 -14.82 6.95 -4.06
CA ASP B 11 -14.38 7.61 -2.83
C ASP B 11 -13.03 7.03 -2.38
N TYR B 12 -12.96 5.71 -2.47
CA TYR B 12 -11.75 4.95 -2.18
C TYR B 12 -10.59 5.43 -3.06
N LEU B 13 -10.91 5.73 -4.31
CA LEU B 13 -9.91 6.12 -5.30
C LEU B 13 -9.52 7.59 -5.13
N MET B 14 -10.44 8.41 -4.62
CA MET B 14 -10.19 9.84 -4.51
C MET B 14 -9.25 10.11 -3.35
N GLN B 15 -9.42 9.32 -2.30
CA GLN B 15 -8.51 9.36 -1.15
C GLN B 15 -7.10 9.00 -1.60
N LEU B 16 -7.04 7.99 -2.46
CA LEU B 16 -5.79 7.52 -3.03
C LEU B 16 -5.07 8.60 -3.81
N MET B 17 -5.83 9.42 -4.52
CA MET B 17 -5.25 10.40 -5.41
C MET B 17 -4.49 11.45 -4.61
N ASN B 18 -4.90 11.69 -3.37
CA ASN B 18 -4.29 12.72 -2.57
C ASN B 18 -3.06 12.17 -1.86
N ASP B 19 -3.09 10.87 -1.59
CA ASP B 19 -1.98 10.20 -0.91
C ASP B 19 -0.81 10.05 -1.87
N LYS B 20 -1.09 9.52 -3.06
CA LYS B 20 -0.08 9.30 -4.09
C LYS B 20 0.55 10.63 -4.51
N LYS B 21 -0.18 11.72 -4.38
CA LYS B 21 0.33 13.02 -4.76
C LYS B 21 1.08 13.65 -3.61
N LEU B 22 0.53 13.47 -2.40
CA LEU B 22 1.19 13.91 -1.18
C LEU B 22 2.58 13.29 -1.07
N MET B 23 2.66 11.96 -1.27
CA MET B 23 3.92 11.26 -1.13
C MET B 23 4.92 11.70 -2.20
N SER B 24 4.40 12.11 -3.35
CA SER B 24 5.22 12.61 -4.44
C SER B 24 5.75 14.00 -4.12
N SER B 25 5.16 14.64 -3.11
CA SER B 25 5.56 15.98 -2.71
C SER B 25 6.42 15.91 -1.45
N LEU B 26 6.51 14.70 -0.90
CA LEU B 26 7.28 14.46 0.31
C LEU B 26 8.66 13.88 -0.04
N PRO B 27 9.72 14.66 0.17
CA PRO B 27 11.08 14.23 -0.15
C PRO B 27 11.60 13.20 0.85
N ASN B 28 10.97 13.13 2.00
CA ASN B 28 11.35 12.16 3.02
C ASN B 28 10.71 10.82 2.71
N PHE B 29 9.55 10.86 2.06
CA PHE B 29 8.80 9.66 1.73
C PHE B 29 9.63 8.74 0.85
N SER B 30 10.15 9.28 -0.25
CA SER B 30 11.01 8.54 -1.15
C SER B 30 12.36 8.26 -0.49
N GLY B 31 12.34 7.34 0.46
CA GLY B 31 13.54 7.00 1.21
C GLY B 31 13.21 6.22 2.46
N ILE B 32 12.12 6.60 3.12
CA ILE B 32 11.71 5.92 4.35
C ILE B 32 10.91 4.66 4.08
N PHE B 33 10.05 4.67 3.07
CA PHE B 33 9.17 3.53 2.85
C PHE B 33 9.58 2.75 1.61
N THR B 34 9.49 1.43 1.70
CA THR B 34 9.90 0.55 0.61
C THR B 34 8.73 0.22 -0.32
N HIS B 35 7.68 -0.40 0.24
CA HIS B 35 6.56 -0.92 -0.56
C HIS B 35 5.41 0.07 -0.70
N LEU B 36 5.43 1.13 0.11
CA LEU B 36 4.25 1.98 0.28
C LEU B 36 3.87 2.71 -1.01
N GLU B 37 4.84 3.30 -1.70
CA GLU B 37 4.58 4.02 -2.95
C GLU B 37 4.01 3.06 -4.00
N ARG B 38 4.61 1.88 -4.05
CA ARG B 38 4.26 0.86 -5.01
C ARG B 38 2.82 0.38 -4.80
N LEU B 39 2.41 0.28 -3.56
CA LEU B 39 1.08 -0.19 -3.23
C LEU B 39 -0.02 0.78 -3.65
N LEU B 40 0.34 2.03 -3.89
CA LEU B 40 -0.63 2.96 -4.45
C LEU B 40 -0.64 2.82 -5.96
N ASP B 41 0.52 2.51 -6.50
CA ASP B 41 0.63 2.32 -7.93
C ASP B 41 -0.15 1.08 -8.32
N GLU B 42 -0.11 0.07 -7.46
CA GLU B 42 -0.94 -1.11 -7.60
C GLU B 42 -2.42 -0.80 -7.29
N GLU B 43 -2.70 -0.28 -6.10
CA GLU B 43 -4.08 -0.10 -5.65
C GLU B 43 -4.82 0.90 -6.55
N ILE B 44 -4.18 2.03 -6.80
CA ILE B 44 -4.77 3.08 -7.62
C ILE B 44 -5.02 2.56 -9.02
N SER B 45 -4.05 1.82 -9.54
CA SER B 45 -4.18 1.25 -10.88
C SER B 45 -5.30 0.21 -10.93
N ARG B 46 -5.31 -0.71 -9.96
CA ARG B 46 -6.22 -1.85 -10.02
C ARG B 46 -7.66 -1.40 -9.78
N VAL B 47 -7.83 -0.42 -8.90
CA VAL B 47 -9.14 0.17 -8.65
C VAL B 47 -9.73 0.76 -9.94
N ARG B 48 -8.87 1.23 -10.82
CA ARG B 48 -9.33 1.90 -12.04
C ARG B 48 -10.00 0.90 -12.98
N LYS B 49 -9.52 -0.33 -12.98
CA LYS B 49 -10.12 -1.38 -13.78
C LYS B 49 -11.28 -1.99 -13.02
N ASP B 50 -11.02 -2.37 -11.78
CA ASP B 50 -12.00 -3.08 -10.97
C ASP B 50 -13.07 -2.14 -10.40
N MET B 51 -12.78 -1.58 -9.24
CA MET B 51 -13.74 -0.79 -8.44
C MET B 51 -15.17 -1.32 -8.47
N TYR B 52 -15.31 -2.64 -8.49
CA TYR B 52 -16.60 -3.31 -8.31
C TYR B 52 -16.41 -4.82 -8.22
N GLY A 1 2.37 1.81 -17.80
CA GLY A 1 1.14 1.04 -17.51
C GLY A 1 1.28 0.20 -16.27
N SER A 2 0.54 0.55 -15.23
CA SER A 2 0.63 -0.14 -13.96
C SER A 2 -0.21 -1.42 -13.98
N LYS A 3 0.26 -2.39 -14.74
CA LYS A 3 -0.43 -3.67 -14.83
C LYS A 3 0.51 -4.82 -14.52
N GLU A 4 1.69 -4.47 -14.03
CA GLU A 4 2.72 -5.45 -13.73
C GLU A 4 2.81 -5.68 -12.23
N LYS A 5 2.33 -6.83 -11.80
CA LYS A 5 2.31 -7.16 -10.39
C LYS A 5 3.65 -7.71 -9.94
N PRO A 6 4.20 -7.19 -8.83
CA PRO A 6 5.44 -7.67 -8.26
C PRO A 6 5.26 -9.05 -7.63
N LYS A 7 6.30 -9.88 -7.68
CA LYS A 7 6.21 -11.21 -7.12
C LYS A 7 6.38 -11.19 -5.61
N PRO A 8 5.41 -11.76 -4.90
CA PRO A 8 5.49 -11.90 -3.46
C PRO A 8 6.54 -12.93 -3.05
N THR A 9 7.62 -12.44 -2.47
CA THR A 9 8.69 -13.29 -2.00
C THR A 9 8.95 -13.03 -0.52
N PRO A 10 9.72 -13.87 0.16
CA PRO A 10 10.15 -13.59 1.53
C PRO A 10 10.79 -12.22 1.63
N ASP A 11 11.68 -11.91 0.69
CA ASP A 11 12.32 -10.59 0.62
C ASP A 11 11.27 -9.49 0.55
N TYR A 12 10.24 -9.73 -0.26
CA TYR A 12 9.15 -8.78 -0.41
C TYR A 12 8.43 -8.59 0.92
N LEU A 13 8.33 -9.66 1.70
CA LEU A 13 7.64 -9.63 2.98
C LEU A 13 8.52 -9.03 4.07
N MET A 14 9.83 -9.25 3.98
CA MET A 14 10.73 -8.80 5.04
C MET A 14 10.85 -7.30 5.01
N GLN A 15 10.81 -6.76 3.79
CA GLN A 15 10.85 -5.32 3.58
C GLN A 15 9.58 -4.69 4.13
N LEU A 16 8.47 -5.37 3.90
CA LEU A 16 7.17 -4.91 4.39
C LEU A 16 7.13 -4.88 5.92
N MET A 17 7.86 -5.80 6.54
CA MET A 17 7.86 -5.90 7.99
C MET A 17 8.42 -4.63 8.61
N ASN A 18 9.39 -4.02 7.95
CA ASN A 18 10.02 -2.82 8.49
C ASN A 18 9.17 -1.61 8.18
N ASP A 19 8.40 -1.68 7.10
CA ASP A 19 7.60 -0.55 6.65
C ASP A 19 6.40 -0.35 7.58
N LYS A 20 5.66 -1.43 7.84
CA LYS A 20 4.49 -1.38 8.70
C LYS A 20 4.91 -1.04 10.14
N LYS A 21 6.14 -1.33 10.46
CA LYS A 21 6.64 -1.10 11.81
C LYS A 21 7.10 0.35 11.91
N LEU A 22 7.79 0.79 10.87
CA LEU A 22 8.30 2.14 10.80
C LEU A 22 7.16 3.16 10.80
N MET A 23 6.10 2.89 10.06
CA MET A 23 4.99 3.83 9.97
C MET A 23 4.30 3.99 11.32
N SER A 24 4.33 2.93 12.12
CA SER A 24 3.74 2.98 13.44
C SER A 24 4.73 3.54 14.46
N SER A 25 5.95 3.82 14.01
CA SER A 25 6.95 4.45 14.86
C SER A 25 7.07 5.93 14.51
N LEU A 26 6.37 6.31 13.44
CA LEU A 26 6.32 7.70 13.01
C LEU A 26 5.05 8.37 13.55
N PRO A 27 5.21 9.40 14.39
CA PRO A 27 4.09 10.08 15.02
C PRO A 27 3.39 11.05 14.07
N ASN A 28 4.01 11.30 12.93
CA ASN A 28 3.45 12.18 11.92
C ASN A 28 2.64 11.37 10.91
N PHE A 29 2.95 10.08 10.83
CA PHE A 29 2.32 9.17 9.88
C PHE A 29 0.81 9.26 9.91
N SER A 30 0.23 9.25 11.11
CA SER A 30 -1.22 9.34 11.28
C SER A 30 -1.88 10.41 10.40
N GLY A 31 -1.17 11.52 10.13
CA GLY A 31 -1.76 12.58 9.35
C GLY A 31 -1.62 12.41 7.84
N ILE A 32 -0.53 11.79 7.40
CA ILE A 32 -0.31 11.63 5.97
C ILE A 32 -0.44 10.18 5.57
N PHE A 33 -0.69 9.94 4.29
CA PHE A 33 -0.78 8.58 3.76
C PHE A 33 -1.97 7.86 4.36
N THR A 34 -3.15 8.20 3.86
CA THR A 34 -4.40 7.70 4.41
C THR A 34 -4.54 6.18 4.22
N HIS A 35 -4.31 5.72 3.00
CA HIS A 35 -4.57 4.32 2.65
C HIS A 35 -3.35 3.43 2.82
N LEU A 36 -2.20 4.05 3.00
CA LEU A 36 -0.93 3.33 3.03
C LEU A 36 -0.89 2.32 4.19
N GLU A 37 -1.45 2.71 5.35
CA GLU A 37 -1.55 1.83 6.51
C GLU A 37 -2.24 0.51 6.15
N ARG A 38 -3.48 0.60 5.67
CA ARG A 38 -4.29 -0.58 5.39
C ARG A 38 -3.70 -1.40 4.25
N LEU A 39 -3.00 -0.77 3.33
CA LEU A 39 -2.47 -1.49 2.17
C LEU A 39 -1.31 -2.42 2.56
N LEU A 40 -0.75 -2.23 3.74
CA LEU A 40 0.23 -3.20 4.23
C LEU A 40 -0.52 -4.33 4.93
N ASP A 41 -1.61 -3.97 5.57
CA ASP A 41 -2.39 -4.93 6.33
C ASP A 41 -2.99 -5.94 5.38
N GLU A 42 -3.39 -5.46 4.20
CA GLU A 42 -3.78 -6.35 3.13
C GLU A 42 -2.57 -7.07 2.54
N GLU A 43 -1.60 -6.32 2.01
CA GLU A 43 -0.51 -6.89 1.21
C GLU A 43 0.35 -7.85 2.03
N ILE A 44 0.72 -7.40 3.23
CA ILE A 44 1.54 -8.21 4.14
C ILE A 44 0.82 -9.52 4.42
N SER A 45 -0.48 -9.43 4.55
CA SER A 45 -1.29 -10.62 4.74
C SER A 45 -1.40 -11.46 3.46
N ARG A 46 -1.56 -10.80 2.31
CA ARG A 46 -1.65 -11.49 1.02
C ARG A 46 -0.42 -12.33 0.80
N VAL A 47 0.72 -11.65 0.86
CA VAL A 47 2.02 -12.22 0.56
C VAL A 47 2.31 -13.48 1.38
N ARG A 48 1.74 -13.55 2.57
CA ARG A 48 1.99 -14.68 3.46
C ARG A 48 1.30 -15.96 2.99
N LYS A 49 0.18 -15.82 2.29
CA LYS A 49 -0.48 -16.97 1.68
C LYS A 49 0.00 -17.13 0.25
N ASP A 50 0.08 -16.01 -0.43
CA ASP A 50 0.49 -15.92 -1.83
C ASP A 50 2.01 -16.07 -1.93
N MET A 51 2.52 -17.01 -1.17
CA MET A 51 3.96 -17.26 -1.11
C MET A 51 4.39 -18.19 -2.23
N TYR A 52 3.57 -19.19 -2.51
CA TYR A 52 3.89 -20.16 -3.54
C TYR A 52 2.76 -20.23 -4.55
N GLY B 1 -7.58 -10.47 12.55
CA GLY B 1 -7.32 -11.24 11.32
C GLY B 1 -7.46 -10.39 10.08
N SER B 2 -6.36 -10.15 9.40
CA SER B 2 -6.35 -9.29 8.23
C SER B 2 -6.81 -10.06 7.00
N LYS B 3 -8.09 -10.39 6.96
CA LYS B 3 -8.65 -11.12 5.84
C LYS B 3 -9.87 -10.40 5.28
N GLU B 4 -10.06 -9.17 5.74
CA GLU B 4 -11.21 -8.37 5.35
C GLU B 4 -10.79 -7.31 4.37
N LYS B 5 -11.16 -7.50 3.11
CA LYS B 5 -10.77 -6.58 2.05
C LYS B 5 -11.73 -5.39 2.02
N PRO B 6 -11.18 -4.17 1.97
CA PRO B 6 -11.99 -2.96 1.85
C PRO B 6 -12.60 -2.83 0.46
N LYS B 7 -13.78 -2.25 0.37
CA LYS B 7 -14.44 -2.11 -0.91
C LYS B 7 -13.88 -0.94 -1.69
N PRO B 8 -13.43 -1.20 -2.92
CA PRO B 8 -12.97 -0.16 -3.83
C PRO B 8 -14.12 0.73 -4.30
N THR B 9 -14.12 1.96 -3.82
CA THR B 9 -15.13 2.93 -4.21
C THR B 9 -14.45 4.17 -4.78
N PRO B 10 -15.19 5.08 -5.43
CA PRO B 10 -14.64 6.37 -5.84
C PRO B 10 -13.98 7.08 -4.67
N ASP B 11 -14.66 7.09 -3.52
CA ASP B 11 -14.11 7.67 -2.29
C ASP B 11 -12.77 7.03 -1.96
N TYR B 12 -12.71 5.72 -2.10
CA TYR B 12 -11.49 4.96 -1.84
C TYR B 12 -10.38 5.40 -2.79
N LEU B 13 -10.77 5.74 -4.02
CA LEU B 13 -9.82 6.14 -5.03
C LEU B 13 -9.42 7.60 -4.88
N MET B 14 -10.33 8.44 -4.40
CA MET B 14 -10.07 9.87 -4.31
C MET B 14 -9.07 10.13 -3.20
N GLN B 15 -9.19 9.35 -2.14
CA GLN B 15 -8.27 9.43 -1.02
C GLN B 15 -6.87 9.00 -1.46
N LEU B 16 -6.83 7.95 -2.27
CA LEU B 16 -5.59 7.44 -2.81
C LEU B 16 -4.90 8.47 -3.70
N MET B 17 -5.69 9.29 -4.37
CA MET B 17 -5.13 10.29 -5.28
C MET B 17 -4.27 11.29 -4.53
N ASN B 18 -4.67 11.60 -3.30
CA ASN B 18 -3.94 12.58 -2.51
C ASN B 18 -2.73 11.93 -1.86
N ASP B 19 -2.81 10.62 -1.62
CA ASP B 19 -1.75 9.91 -0.94
C ASP B 19 -0.54 9.73 -1.86
N LYS B 20 -0.80 9.24 -3.07
CA LYS B 20 0.27 9.03 -4.05
C LYS B 20 0.89 10.36 -4.47
N LYS B 21 0.12 11.43 -4.32
CA LYS B 21 0.58 12.74 -4.71
C LYS B 21 1.40 13.33 -3.59
N LEU B 22 0.90 13.17 -2.37
CA LEU B 22 1.54 13.65 -1.16
C LEU B 22 2.91 12.99 -0.96
N MET B 23 2.99 11.69 -1.20
CA MET B 23 4.24 10.97 -0.98
C MET B 23 5.31 11.43 -1.96
N SER B 24 4.88 11.88 -3.13
CA SER B 24 5.80 12.39 -4.13
C SER B 24 6.09 13.88 -3.89
N SER B 25 5.42 14.46 -2.90
CA SER B 25 5.66 15.84 -2.52
C SER B 25 6.51 15.88 -1.25
N LEU B 26 6.72 14.70 -0.68
CA LEU B 26 7.55 14.55 0.51
C LEU B 26 8.96 14.12 0.11
N PRO B 27 9.97 14.96 0.40
CA PRO B 27 11.36 14.70 0.01
C PRO B 27 12.03 13.67 0.92
N ASN B 28 11.37 13.36 2.02
CA ASN B 28 11.87 12.38 2.97
C ASN B 28 11.31 10.99 2.65
N PHE B 29 10.19 10.98 1.93
CA PHE B 29 9.48 9.74 1.58
C PHE B 29 10.41 8.70 0.96
N SER B 30 11.24 9.13 0.00
CA SER B 30 12.18 8.24 -0.67
C SER B 30 12.93 7.31 0.30
N GLY B 31 13.21 7.77 1.52
CA GLY B 31 13.97 6.96 2.46
C GLY B 31 13.13 5.99 3.26
N ILE B 32 11.89 6.37 3.57
CA ILE B 32 11.04 5.50 4.39
C ILE B 32 9.90 4.93 3.56
N PHE B 33 9.33 3.84 4.03
CA PHE B 33 8.18 3.23 3.37
C PHE B 33 8.59 2.69 2.00
N THR B 34 9.28 1.56 2.00
CA THR B 34 9.85 1.00 0.80
C THR B 34 8.76 0.56 -0.20
N HIS B 35 7.79 -0.18 0.29
CA HIS B 35 6.80 -0.81 -0.59
C HIS B 35 5.55 0.05 -0.76
N LEU B 36 5.43 1.07 0.06
CA LEU B 36 4.23 1.90 0.09
C LEU B 36 3.99 2.60 -1.25
N GLU B 37 5.07 3.05 -1.89
CA GLU B 37 4.99 3.67 -3.21
C GLU B 37 4.27 2.76 -4.23
N ARG B 38 4.83 1.57 -4.42
CA ARG B 38 4.32 0.63 -5.41
C ARG B 38 2.92 0.14 -5.08
N LEU B 39 2.58 0.08 -3.80
CA LEU B 39 1.28 -0.43 -3.39
C LEU B 39 0.14 0.51 -3.75
N LEU B 40 0.45 1.76 -4.06
CA LEU B 40 -0.57 2.67 -4.58
C LEU B 40 -0.67 2.47 -6.09
N ASP B 41 0.49 2.19 -6.69
CA ASP B 41 0.57 2.04 -8.13
C ASP B 41 -0.23 0.82 -8.54
N GLU B 42 -0.18 -0.21 -7.71
CA GLU B 42 -1.04 -1.36 -7.86
C GLU B 42 -2.48 -1.01 -7.49
N GLU B 43 -2.71 -0.59 -6.24
CA GLU B 43 -4.07 -0.46 -5.70
C GLU B 43 -4.88 0.59 -6.45
N ILE B 44 -4.25 1.74 -6.68
CA ILE B 44 -4.90 2.84 -7.40
C ILE B 44 -5.32 2.35 -8.78
N SER B 45 -4.47 1.54 -9.37
CA SER B 45 -4.79 0.94 -10.64
C SER B 45 -5.88 -0.15 -10.53
N ARG B 46 -5.79 -0.97 -9.48
CA ARG B 46 -6.78 -2.02 -9.25
C ARG B 46 -8.16 -1.43 -9.16
N VAL B 47 -8.29 -0.49 -8.23
CA VAL B 47 -9.56 0.14 -7.88
C VAL B 47 -10.26 0.75 -9.09
N ARG B 48 -9.49 1.16 -10.09
CA ARG B 48 -10.05 1.81 -11.26
C ARG B 48 -10.78 0.82 -12.18
N LYS B 49 -10.36 -0.44 -12.17
CA LYS B 49 -11.07 -1.49 -12.89
C LYS B 49 -12.06 -2.16 -11.96
N ASP B 50 -11.59 -2.42 -10.76
CA ASP B 50 -12.36 -3.09 -9.71
C ASP B 50 -13.35 -2.11 -9.09
N MET B 51 -13.98 -1.35 -9.96
CA MET B 51 -14.94 -0.34 -9.54
C MET B 51 -16.32 -0.94 -9.33
N TYR B 52 -16.70 -1.85 -10.22
CA TYR B 52 -18.01 -2.47 -10.15
C TYR B 52 -17.86 -3.98 -10.12
N GLY A 1 -12.20 -19.92 -5.48
CA GLY A 1 -11.11 -19.35 -4.66
C GLY A 1 -9.85 -19.12 -5.46
N SER A 2 -9.38 -17.88 -5.46
CA SER A 2 -8.19 -17.53 -6.20
C SER A 2 -7.43 -16.41 -5.51
N LYS A 3 -8.03 -15.21 -5.47
CA LYS A 3 -7.34 -14.01 -5.00
C LYS A 3 -6.01 -13.86 -5.71
N GLU A 4 -6.06 -13.58 -7.00
CA GLU A 4 -4.87 -13.54 -7.83
C GLU A 4 -4.23 -12.15 -7.81
N LYS A 5 -3.02 -12.09 -7.26
CA LYS A 5 -2.22 -10.87 -7.24
C LYS A 5 -0.85 -11.19 -7.84
N PRO A 6 -0.04 -10.17 -8.12
CA PRO A 6 1.38 -10.38 -8.47
C PRO A 6 2.08 -11.22 -7.41
N LYS A 7 2.82 -12.24 -7.86
CA LYS A 7 3.38 -13.24 -6.98
C LYS A 7 4.20 -12.65 -5.84
N PRO A 8 3.92 -13.10 -4.62
CA PRO A 8 4.64 -12.68 -3.43
C PRO A 8 5.84 -13.57 -3.13
N THR A 9 6.86 -13.00 -2.51
CA THR A 9 8.05 -13.76 -2.14
C THR A 9 8.52 -13.35 -0.74
N PRO A 10 9.38 -14.15 -0.09
CA PRO A 10 9.91 -13.82 1.24
C PRO A 10 10.54 -12.43 1.30
N ASP A 11 11.40 -12.13 0.32
CA ASP A 11 12.08 -10.83 0.26
C ASP A 11 11.04 -9.70 0.19
N TYR A 12 9.96 -9.96 -0.51
CA TYR A 12 8.86 -9.03 -0.61
C TYR A 12 8.26 -8.77 0.77
N LEU A 13 8.20 -9.83 1.58
CA LEU A 13 7.56 -9.75 2.88
C LEU A 13 8.50 -9.14 3.92
N MET A 14 9.81 -9.32 3.74
CA MET A 14 10.78 -8.90 4.74
C MET A 14 10.88 -7.39 4.75
N GLN A 15 10.76 -6.81 3.56
CA GLN A 15 10.78 -5.37 3.40
C GLN A 15 9.51 -4.76 4.00
N LEU A 16 8.40 -5.47 3.84
CA LEU A 16 7.13 -5.04 4.40
C LEU A 16 7.18 -5.03 5.92
N MET A 17 7.99 -5.91 6.50
CA MET A 17 8.09 -6.00 7.95
C MET A 17 8.67 -4.73 8.53
N ASN A 18 9.60 -4.10 7.80
CA ASN A 18 10.26 -2.90 8.30
C ASN A 18 9.39 -1.70 8.02
N ASP A 19 8.58 -1.78 6.97
CA ASP A 19 7.74 -0.66 6.57
C ASP A 19 6.60 -0.46 7.56
N LYS A 20 5.90 -1.55 7.86
CA LYS A 20 4.76 -1.51 8.78
C LYS A 20 5.23 -1.16 10.19
N LYS A 21 6.48 -1.45 10.49
CA LYS A 21 6.99 -1.22 11.84
C LYS A 21 7.49 0.21 11.96
N LEU A 22 8.21 0.67 10.93
CA LEU A 22 8.74 2.03 10.91
C LEU A 22 7.62 3.05 10.88
N MET A 23 6.55 2.76 10.13
CA MET A 23 5.44 3.70 10.00
C MET A 23 4.77 3.94 11.36
N SER A 24 4.72 2.90 12.18
CA SER A 24 4.07 2.99 13.48
C SER A 24 4.92 3.77 14.49
N SER A 25 6.14 4.11 14.10
CA SER A 25 7.04 4.85 14.97
C SER A 25 7.05 6.34 14.58
N LEU A 26 6.33 6.66 13.52
CA LEU A 26 6.29 8.02 13.01
C LEU A 26 5.07 8.79 13.53
N PRO A 27 5.30 9.84 14.33
CA PRO A 27 4.22 10.68 14.85
C PRO A 27 3.57 11.53 13.76
N ASN A 28 4.31 11.76 12.68
CA ASN A 28 3.80 12.56 11.56
C ASN A 28 3.02 11.70 10.60
N PHE A 29 3.26 10.40 10.66
CA PHE A 29 2.60 9.45 9.78
C PHE A 29 1.09 9.46 10.01
N SER A 30 0.68 9.51 11.28
CA SER A 30 -0.72 9.72 11.62
C SER A 30 -1.20 11.12 11.18
N GLY A 31 -1.16 11.35 9.88
CA GLY A 31 -1.59 12.60 9.30
C GLY A 31 -1.42 12.56 7.80
N ILE A 32 -0.41 11.82 7.36
CA ILE A 32 -0.19 11.59 5.94
C ILE A 32 -0.57 10.17 5.59
N PHE A 33 -0.92 9.93 4.33
CA PHE A 33 -1.12 8.57 3.81
C PHE A 33 -2.26 7.85 4.53
N THR A 34 -3.46 7.97 4.00
CA THR A 34 -4.61 7.32 4.60
C THR A 34 -4.67 5.84 4.26
N HIS A 35 -4.46 5.51 2.99
CA HIS A 35 -4.64 4.14 2.52
C HIS A 35 -3.38 3.31 2.61
N LEU A 36 -2.25 3.98 2.75
CA LEU A 36 -0.95 3.31 2.76
C LEU A 36 -0.86 2.32 3.92
N GLU A 37 -1.28 2.78 5.09
CA GLU A 37 -1.25 1.99 6.31
C GLU A 37 -2.01 0.67 6.13
N ARG A 38 -3.26 0.77 5.68
CA ARG A 38 -4.10 -0.42 5.49
C ARG A 38 -3.56 -1.34 4.41
N LEU A 39 -2.95 -0.76 3.37
CA LEU A 39 -2.43 -1.55 2.26
C LEU A 39 -1.31 -2.50 2.70
N LEU A 40 -0.73 -2.25 3.85
CA LEU A 40 0.27 -3.16 4.41
C LEU A 40 -0.44 -4.29 5.13
N ASP A 41 -1.48 -3.94 5.87
CA ASP A 41 -2.16 -4.93 6.69
C ASP A 41 -2.86 -5.92 5.81
N GLU A 42 -3.26 -5.48 4.62
CA GLU A 42 -3.85 -6.37 3.65
C GLU A 42 -2.76 -7.14 2.91
N GLU A 43 -1.78 -6.44 2.31
CA GLU A 43 -0.77 -7.09 1.46
C GLU A 43 0.12 -8.01 2.29
N ILE A 44 0.52 -7.53 3.46
CA ILE A 44 1.33 -8.35 4.37
C ILE A 44 0.54 -9.59 4.71
N SER A 45 -0.76 -9.39 4.89
CA SER A 45 -1.64 -10.52 5.19
C SER A 45 -1.77 -11.47 3.99
N ARG A 46 -1.77 -10.93 2.77
CA ARG A 46 -1.87 -11.76 1.56
C ARG A 46 -0.62 -12.60 1.43
N VAL A 47 0.50 -11.88 1.48
CA VAL A 47 1.81 -12.45 1.23
C VAL A 47 2.12 -13.61 2.19
N ARG A 48 1.63 -13.52 3.41
CA ARG A 48 1.91 -14.54 4.43
C ARG A 48 1.20 -15.85 4.10
N LYS A 49 -0.05 -15.74 3.68
CA LYS A 49 -0.86 -16.92 3.41
C LYS A 49 -0.55 -17.46 2.01
N ASP A 50 -0.38 -16.56 1.05
CA ASP A 50 -0.10 -16.94 -0.33
C ASP A 50 1.33 -17.45 -0.52
N MET A 51 2.07 -17.63 0.57
CA MET A 51 3.39 -18.23 0.51
C MET A 51 3.33 -19.61 -0.13
N TYR A 52 4.29 -19.92 -0.97
CA TYR A 52 4.29 -21.17 -1.71
C TYR A 52 4.94 -22.28 -0.90
N GLY B 1 -9.70 -15.18 -15.82
CA GLY B 1 -9.56 -13.75 -15.45
C GLY B 1 -10.44 -13.38 -14.28
N SER B 2 -9.83 -12.88 -13.22
CA SER B 2 -10.56 -12.50 -12.03
C SER B 2 -9.88 -11.33 -11.33
N LYS B 3 -8.69 -11.57 -10.77
CA LYS B 3 -8.01 -10.59 -9.92
C LYS B 3 -8.97 -10.11 -8.84
N GLU B 4 -9.29 -11.00 -7.92
CA GLU B 4 -10.29 -10.72 -6.90
C GLU B 4 -9.66 -10.06 -5.67
N LYS B 5 -10.05 -8.81 -5.45
CA LYS B 5 -9.62 -8.05 -4.27
C LYS B 5 -10.86 -7.54 -3.55
N PRO B 6 -10.72 -7.01 -2.32
CA PRO B 6 -11.80 -6.29 -1.65
C PRO B 6 -12.34 -5.18 -2.55
N LYS B 7 -13.66 -5.10 -2.67
CA LYS B 7 -14.31 -4.22 -3.65
C LYS B 7 -13.85 -2.78 -3.54
N PRO B 8 -13.48 -2.19 -4.69
CA PRO B 8 -13.07 -0.81 -4.77
C PRO B 8 -14.24 0.13 -5.05
N THR B 9 -14.14 1.37 -4.58
CA THR B 9 -15.18 2.37 -4.80
C THR B 9 -14.54 3.73 -5.13
N PRO B 10 -15.30 4.68 -5.70
CA PRO B 10 -14.79 6.01 -6.02
C PRO B 10 -14.14 6.68 -4.81
N ASP B 11 -14.83 6.67 -3.67
CA ASP B 11 -14.30 7.28 -2.44
C ASP B 11 -12.97 6.65 -2.07
N TYR B 12 -12.85 5.35 -2.30
CA TYR B 12 -11.59 4.64 -2.07
C TYR B 12 -10.49 5.20 -2.96
N LEU B 13 -10.86 5.58 -4.18
CA LEU B 13 -9.89 6.03 -5.15
C LEU B 13 -9.54 7.50 -4.94
N MET B 14 -10.46 8.27 -4.40
CA MET B 14 -10.27 9.71 -4.27
C MET B 14 -9.25 9.99 -3.18
N GLN B 15 -9.29 9.16 -2.15
CA GLN B 15 -8.34 9.27 -1.05
C GLN B 15 -6.95 8.87 -1.52
N LEU B 16 -6.91 7.87 -2.39
CA LEU B 16 -5.65 7.42 -2.97
C LEU B 16 -5.00 8.50 -3.81
N MET B 17 -5.84 9.35 -4.42
CA MET B 17 -5.34 10.41 -5.28
C MET B 17 -4.50 11.39 -4.49
N ASN B 18 -4.89 11.65 -3.25
CA ASN B 18 -4.19 12.62 -2.42
C ASN B 18 -2.96 11.98 -1.79
N ASP B 19 -3.03 10.67 -1.58
CA ASP B 19 -1.95 9.95 -0.94
C ASP B 19 -0.75 9.84 -1.86
N LYS B 20 -0.99 9.41 -3.10
CA LYS B 20 0.07 9.24 -4.09
C LYS B 20 0.68 10.59 -4.46
N LYS B 21 -0.10 11.65 -4.30
CA LYS B 21 0.35 12.98 -4.70
C LYS B 21 1.15 13.61 -3.57
N LEU B 22 0.63 13.47 -2.35
CA LEU B 22 1.28 14.02 -1.17
C LEU B 22 2.62 13.34 -0.92
N MET B 23 2.69 12.04 -1.14
CA MET B 23 3.92 11.28 -0.89
C MET B 23 5.04 11.77 -1.81
N SER B 24 4.70 12.16 -3.03
CA SER B 24 5.68 12.61 -4.00
C SER B 24 6.19 14.01 -3.68
N SER B 25 5.59 14.65 -2.69
CA SER B 25 5.99 16.00 -2.30
C SER B 25 6.86 15.95 -1.04
N LEU B 26 7.04 14.75 -0.51
CA LEU B 26 7.81 14.56 0.71
C LEU B 26 9.25 14.16 0.41
N PRO B 27 10.22 15.01 0.76
CA PRO B 27 11.65 14.71 0.58
C PRO B 27 12.14 13.61 1.53
N ASN B 28 11.41 13.42 2.63
CA ASN B 28 11.78 12.41 3.62
C ASN B 28 11.19 11.06 3.25
N PHE B 29 10.16 11.11 2.41
CA PHE B 29 9.48 9.89 1.98
C PHE B 29 10.42 8.99 1.21
N SER B 30 11.24 9.58 0.33
CA SER B 30 12.32 8.85 -0.32
C SER B 30 13.37 8.40 0.69
N GLY B 31 12.95 7.55 1.62
CA GLY B 31 13.83 7.02 2.64
C GLY B 31 13.07 6.10 3.57
N ILE B 32 11.79 6.41 3.74
CA ILE B 32 10.88 5.55 4.50
C ILE B 32 9.94 4.85 3.55
N PHE B 33 9.42 3.69 3.96
CA PHE B 33 8.34 3.02 3.26
C PHE B 33 8.77 2.59 1.85
N THR B 34 9.28 1.39 1.71
CA THR B 34 9.75 0.91 0.42
C THR B 34 8.57 0.42 -0.43
N HIS B 35 7.67 -0.33 0.16
CA HIS B 35 6.60 -0.99 -0.59
C HIS B 35 5.35 -0.14 -0.67
N LEU B 36 5.25 0.86 0.19
CA LEU B 36 4.06 1.69 0.28
C LEU B 36 3.81 2.41 -1.03
N GLU B 37 4.88 2.99 -1.57
CA GLU B 37 4.82 3.74 -2.82
C GLU B 37 4.24 2.90 -3.95
N ARG B 38 4.80 1.71 -4.15
CA ARG B 38 4.36 0.82 -5.22
C ARG B 38 2.93 0.34 -5.00
N LEU B 39 2.56 0.14 -3.74
CA LEU B 39 1.22 -0.37 -3.42
C LEU B 39 0.12 0.59 -3.85
N LEU B 40 0.47 1.85 -4.10
CA LEU B 40 -0.50 2.80 -4.62
C LEU B 40 -0.60 2.64 -6.13
N ASP B 41 0.55 2.46 -6.77
CA ASP B 41 0.59 2.41 -8.21
C ASP B 41 -0.10 1.16 -8.69
N GLU B 42 -0.08 0.12 -7.86
CA GLU B 42 -0.82 -1.09 -8.17
C GLU B 42 -2.29 -0.93 -7.81
N GLU B 43 -2.58 -0.55 -6.55
CA GLU B 43 -3.97 -0.50 -6.07
C GLU B 43 -4.77 0.57 -6.81
N ILE B 44 -4.15 1.72 -6.99
CA ILE B 44 -4.78 2.82 -7.72
C ILE B 44 -5.08 2.32 -9.13
N SER B 45 -4.14 1.55 -9.66
CA SER B 45 -4.31 0.96 -10.98
C SER B 45 -5.44 -0.08 -11.01
N ARG B 46 -5.59 -0.84 -9.92
CA ARG B 46 -6.64 -1.86 -9.84
C ARG B 46 -7.97 -1.17 -9.80
N VAL B 47 -8.08 -0.25 -8.85
CA VAL B 47 -9.32 0.43 -8.54
C VAL B 47 -9.90 1.16 -9.76
N ARG B 48 -9.03 1.66 -10.63
CA ARG B 48 -9.46 2.42 -11.79
C ARG B 48 -10.14 1.51 -12.81
N LYS B 49 -9.55 0.35 -13.04
CA LYS B 49 -10.06 -0.57 -14.04
C LYS B 49 -11.21 -1.40 -13.47
N ASP B 50 -11.09 -1.80 -12.21
CA ASP B 50 -12.11 -2.61 -11.55
C ASP B 50 -13.36 -1.80 -11.18
N MET B 51 -13.42 -0.55 -11.62
CA MET B 51 -14.61 0.27 -11.43
C MET B 51 -15.82 -0.41 -12.05
N TYR B 52 -16.94 -0.35 -11.36
CA TYR B 52 -18.15 -1.03 -11.79
C TYR B 52 -18.94 -0.16 -12.75
N GLY A 1 -4.37 0.25 -18.38
CA GLY A 1 -3.92 0.54 -17.00
C GLY A 1 -2.46 0.16 -16.79
N SER A 2 -1.94 0.47 -15.61
CA SER A 2 -0.55 0.14 -15.31
C SER A 2 -0.44 -1.29 -14.76
N LYS A 3 -0.56 -1.43 -13.45
CA LYS A 3 -0.45 -2.73 -12.76
C LYS A 3 0.96 -3.33 -12.89
N GLU A 4 1.49 -3.77 -11.77
CA GLU A 4 2.77 -4.44 -11.74
C GLU A 4 2.57 -5.94 -11.80
N LYS A 5 3.68 -6.68 -11.78
CA LYS A 5 3.65 -8.13 -11.87
C LYS A 5 4.54 -8.81 -10.82
N PRO A 6 4.43 -8.43 -9.54
CA PRO A 6 5.24 -9.02 -8.47
C PRO A 6 4.63 -10.29 -7.92
N LYS A 7 5.29 -10.92 -6.97
CA LYS A 7 4.80 -12.14 -6.36
C LYS A 7 5.08 -12.16 -4.86
N PRO A 8 4.11 -12.60 -4.07
CA PRO A 8 4.26 -12.70 -2.62
C PRO A 8 5.38 -13.65 -2.22
N THR A 9 6.46 -13.09 -1.72
CA THR A 9 7.66 -13.85 -1.41
C THR A 9 8.31 -13.30 -0.15
N PRO A 10 9.25 -14.05 0.47
CA PRO A 10 9.98 -13.58 1.65
C PRO A 10 10.58 -12.18 1.43
N ASP A 11 11.27 -12.01 0.31
CA ASP A 11 11.85 -10.71 -0.05
C ASP A 11 10.79 -9.62 -0.05
N TYR A 12 9.60 -9.98 -0.52
CA TYR A 12 8.47 -9.06 -0.55
C TYR A 12 8.03 -8.74 0.87
N LEU A 13 8.06 -9.75 1.72
CA LEU A 13 7.49 -9.65 3.05
C LEU A 13 8.47 -9.04 4.06
N MET A 14 9.76 -9.27 3.87
CA MET A 14 10.75 -8.86 4.87
C MET A 14 10.88 -7.36 4.87
N GLN A 15 10.80 -6.78 3.68
CA GLN A 15 10.87 -5.34 3.52
C GLN A 15 9.59 -4.70 4.05
N LEU A 16 8.48 -5.40 3.86
CA LEU A 16 7.20 -4.96 4.39
C LEU A 16 7.19 -4.93 5.91
N MET A 17 7.99 -5.81 6.51
CA MET A 17 8.08 -5.88 7.96
C MET A 17 8.64 -4.59 8.51
N ASN A 18 9.57 -3.98 7.78
CA ASN A 18 10.18 -2.75 8.23
C ASN A 18 9.28 -1.56 7.93
N ASP A 19 8.47 -1.69 6.87
CA ASP A 19 7.62 -0.60 6.44
C ASP A 19 6.50 -0.39 7.45
N LYS A 20 5.84 -1.49 7.80
CA LYS A 20 4.73 -1.48 8.75
C LYS A 20 5.23 -1.10 10.15
N LYS A 21 6.51 -1.35 10.39
CA LYS A 21 7.09 -1.05 11.69
C LYS A 21 7.52 0.41 11.76
N LEU A 22 8.14 0.88 10.69
CA LEU A 22 8.63 2.24 10.63
C LEU A 22 7.46 3.23 10.63
N MET A 23 6.37 2.89 9.94
CA MET A 23 5.22 3.78 9.87
C MET A 23 4.57 3.95 11.23
N SER A 24 4.60 2.90 12.04
CA SER A 24 3.97 2.94 13.36
C SER A 24 4.90 3.63 14.36
N SER A 25 6.13 3.91 13.93
CA SER A 25 7.08 4.62 14.75
C SER A 25 7.00 6.11 14.46
N LEU A 26 6.20 6.46 13.45
CA LEU A 26 6.03 7.83 13.04
C LEU A 26 4.67 8.36 13.48
N PRO A 27 4.66 9.36 14.38
CA PRO A 27 3.42 9.99 14.82
C PRO A 27 2.88 10.93 13.74
N ASN A 28 3.67 11.11 12.70
CA ASN A 28 3.28 11.94 11.57
C ASN A 28 2.60 11.10 10.51
N PHE A 29 2.90 9.79 10.52
CA PHE A 29 2.34 8.87 9.55
C PHE A 29 0.82 8.85 9.62
N SER A 30 0.30 8.73 10.83
CA SER A 30 -1.14 8.80 11.07
C SER A 30 -1.66 10.22 10.81
N GLY A 31 -1.64 10.61 9.55
CA GLY A 31 -2.05 11.94 9.17
C GLY A 31 -1.59 12.29 7.77
N ILE A 32 -0.35 11.92 7.46
CA ILE A 32 0.20 12.19 6.14
C ILE A 32 -0.33 11.24 5.09
N PHE A 33 -0.54 9.97 5.44
CA PHE A 33 -1.01 8.98 4.49
C PHE A 33 -2.25 8.29 5.02
N THR A 34 -3.29 8.22 4.21
CA THR A 34 -4.56 7.66 4.62
C THR A 34 -4.65 6.16 4.30
N HIS A 35 -4.43 5.81 3.04
CA HIS A 35 -4.68 4.44 2.58
C HIS A 35 -3.45 3.55 2.68
N LEU A 36 -2.29 4.17 2.81
CA LEU A 36 -1.02 3.46 2.83
C LEU A 36 -0.96 2.43 3.96
N GLU A 37 -1.47 2.79 5.13
CA GLU A 37 -1.43 1.92 6.29
C GLU A 37 -2.14 0.59 6.02
N ARG A 38 -3.38 0.65 5.57
CA ARG A 38 -4.19 -0.54 5.37
C ARG A 38 -3.66 -1.38 4.21
N LEU A 39 -2.92 -0.75 3.31
CA LEU A 39 -2.37 -1.46 2.17
C LEU A 39 -1.24 -2.39 2.58
N LEU A 40 -0.70 -2.18 3.77
CA LEU A 40 0.26 -3.13 4.34
C LEU A 40 -0.53 -4.25 5.01
N ASP A 41 -1.65 -3.87 5.58
CA ASP A 41 -2.46 -4.80 6.33
C ASP A 41 -3.05 -5.83 5.38
N GLU A 42 -3.34 -5.40 4.15
CA GLU A 42 -3.69 -6.31 3.06
C GLU A 42 -2.48 -7.04 2.51
N GLU A 43 -1.47 -6.29 2.07
CA GLU A 43 -0.35 -6.88 1.33
C GLU A 43 0.43 -7.82 2.23
N ILE A 44 0.69 -7.39 3.45
CA ILE A 44 1.44 -8.19 4.40
C ILE A 44 0.67 -9.46 4.73
N SER A 45 -0.64 -9.32 4.89
CA SER A 45 -1.47 -10.48 5.21
C SER A 45 -1.59 -11.44 4.01
N ARG A 46 -1.69 -10.89 2.80
CA ARG A 46 -1.85 -11.73 1.61
C ARG A 46 -0.53 -12.39 1.22
N VAL A 47 0.57 -11.67 1.43
CA VAL A 47 1.90 -12.24 1.18
C VAL A 47 2.19 -13.36 2.19
N ARG A 48 1.61 -13.24 3.37
CA ARG A 48 1.80 -14.25 4.41
C ARG A 48 0.92 -15.45 4.14
N LYS A 49 -0.22 -15.22 3.50
CA LYS A 49 -1.13 -16.29 3.15
C LYS A 49 -0.52 -17.19 2.08
N ASP A 50 0.22 -16.59 1.15
CA ASP A 50 0.84 -17.34 0.06
C ASP A 50 2.09 -18.08 0.53
N MET A 51 2.38 -18.00 1.82
CA MET A 51 3.54 -18.67 2.38
C MET A 51 3.22 -20.13 2.62
N TYR A 52 1.95 -20.40 2.87
CA TYR A 52 1.47 -21.76 3.05
C TYR A 52 0.07 -21.90 2.46
N GLY B 1 -5.33 -15.82 8.88
CA GLY B 1 -4.78 -14.50 8.48
C GLY B 1 -5.76 -13.38 8.73
N SER B 2 -5.34 -12.15 8.49
CA SER B 2 -6.21 -10.99 8.68
C SER B 2 -7.06 -10.73 7.44
N LYS B 3 -6.52 -9.92 6.52
CA LYS B 3 -7.20 -9.54 5.28
C LYS B 3 -8.46 -8.72 5.54
N GLU B 4 -8.59 -7.62 4.82
CA GLU B 4 -9.77 -6.78 4.89
C GLU B 4 -10.77 -7.17 3.81
N LYS B 5 -11.88 -6.47 3.76
CA LYS B 5 -12.93 -6.75 2.80
C LYS B 5 -13.46 -5.48 2.11
N PRO B 6 -12.57 -4.62 1.58
CA PRO B 6 -12.98 -3.39 0.92
C PRO B 6 -13.31 -3.62 -0.56
N LYS B 7 -13.72 -2.56 -1.24
CA LYS B 7 -14.04 -2.66 -2.65
C LYS B 7 -13.56 -1.42 -3.40
N PRO B 8 -13.00 -1.62 -4.60
CA PRO B 8 -12.52 -0.54 -5.45
C PRO B 8 -13.66 0.41 -5.84
N THR B 9 -13.64 1.60 -5.27
CA THR B 9 -14.71 2.56 -5.45
C THR B 9 -14.15 3.97 -5.54
N PRO B 10 -14.93 4.96 -6.01
CA PRO B 10 -14.49 6.36 -6.04
C PRO B 10 -13.93 6.82 -4.69
N ASP B 11 -14.68 6.55 -3.62
CA ASP B 11 -14.23 6.89 -2.26
C ASP B 11 -12.86 6.29 -1.97
N TYR B 12 -12.67 5.08 -2.46
CA TYR B 12 -11.40 4.37 -2.29
C TYR B 12 -10.31 5.09 -3.08
N LEU B 13 -10.68 5.57 -4.27
CA LEU B 13 -9.70 6.10 -5.21
C LEU B 13 -9.39 7.57 -4.95
N MET B 14 -10.36 8.32 -4.44
CA MET B 14 -10.18 9.77 -4.31
C MET B 14 -9.19 10.07 -3.20
N GLN B 15 -9.25 9.27 -2.16
CA GLN B 15 -8.34 9.40 -1.04
C GLN B 15 -6.94 8.95 -1.46
N LEU B 16 -6.90 7.93 -2.32
CA LEU B 16 -5.64 7.45 -2.87
C LEU B 16 -4.98 8.50 -3.73
N MET B 17 -5.78 9.37 -4.34
CA MET B 17 -5.25 10.42 -5.19
C MET B 17 -4.41 11.38 -4.38
N ASN B 18 -4.81 11.60 -3.12
CA ASN B 18 -4.08 12.53 -2.26
C ASN B 18 -2.87 11.83 -1.68
N ASP B 19 -2.97 10.52 -1.50
CA ASP B 19 -1.89 9.76 -0.87
C ASP B 19 -0.70 9.69 -1.79
N LYS B 20 -0.96 9.32 -3.05
CA LYS B 20 0.08 9.19 -4.06
C LYS B 20 0.67 10.56 -4.38
N LYS B 21 -0.10 11.61 -4.14
CA LYS B 21 0.35 12.96 -4.44
C LYS B 21 1.16 13.51 -3.28
N LEU B 22 0.69 13.27 -2.06
CA LEU B 22 1.35 13.76 -0.88
C LEU B 22 2.71 13.06 -0.70
N MET B 23 2.78 11.78 -1.01
CA MET B 23 4.02 11.02 -0.85
C MET B 23 5.09 11.54 -1.81
N SER B 24 4.69 11.97 -3.00
CA SER B 24 5.63 12.45 -4.00
C SER B 24 6.03 13.89 -3.71
N SER B 25 5.37 14.50 -2.73
CA SER B 25 5.70 15.84 -2.30
C SER B 25 6.67 15.77 -1.13
N LEU B 26 6.92 14.56 -0.66
CA LEU B 26 7.82 14.34 0.46
C LEU B 26 9.14 13.77 -0.02
N PRO B 27 10.24 14.50 0.16
CA PRO B 27 11.57 14.01 -0.21
C PRO B 27 12.07 13.00 0.83
N ASN B 28 11.31 12.87 1.90
CA ASN B 28 11.63 11.93 2.96
C ASN B 28 10.95 10.59 2.69
N PHE B 29 9.87 10.64 1.91
CA PHE B 29 9.10 9.45 1.60
C PHE B 29 9.96 8.42 0.89
N SER B 30 10.69 8.88 -0.13
CA SER B 30 11.64 8.03 -0.83
C SER B 30 12.83 7.69 0.06
N GLY B 31 12.56 6.87 1.08
CA GLY B 31 13.57 6.49 2.04
C GLY B 31 12.96 5.92 3.29
N ILE B 32 11.86 6.51 3.75
CA ILE B 32 11.18 6.02 4.94
C ILE B 32 10.35 4.78 4.66
N PHE B 33 9.73 4.71 3.48
CA PHE B 33 8.86 3.59 3.16
C PHE B 33 9.29 2.98 1.82
N THR B 34 9.48 1.68 1.81
CA THR B 34 9.96 0.98 0.63
C THR B 34 8.82 0.50 -0.26
N HIS B 35 7.90 -0.27 0.33
CA HIS B 35 6.86 -0.95 -0.47
C HIS B 35 5.59 -0.13 -0.60
N LEU B 36 5.45 0.88 0.25
CA LEU B 36 4.24 1.69 0.29
C LEU B 36 3.95 2.36 -1.04
N GLU B 37 5.01 2.86 -1.70
CA GLU B 37 4.87 3.57 -2.96
C GLU B 37 4.20 2.71 -4.03
N ARG B 38 4.74 1.53 -4.27
CA ARG B 38 4.24 0.65 -5.33
C ARG B 38 2.87 0.11 -5.00
N LEU B 39 2.51 0.10 -3.72
CA LEU B 39 1.21 -0.40 -3.30
C LEU B 39 0.10 0.56 -3.71
N LEU B 40 0.46 1.81 -4.01
CA LEU B 40 -0.50 2.74 -4.59
C LEU B 40 -0.57 2.50 -6.09
N ASP B 41 0.57 2.14 -6.64
CA ASP B 41 0.68 1.97 -8.07
C ASP B 41 -0.13 0.75 -8.49
N GLU B 42 -0.20 -0.24 -7.60
CA GLU B 42 -1.11 -1.37 -7.76
C GLU B 42 -2.54 -0.99 -7.41
N GLU B 43 -2.75 -0.48 -6.19
CA GLU B 43 -4.12 -0.27 -5.71
C GLU B 43 -4.84 0.77 -6.54
N ILE B 44 -4.15 1.86 -6.82
CA ILE B 44 -4.73 2.94 -7.61
C ILE B 44 -5.05 2.44 -9.00
N SER B 45 -4.16 1.65 -9.58
CA SER B 45 -4.39 1.13 -10.92
C SER B 45 -5.52 0.09 -10.94
N ARG B 46 -5.60 -0.75 -9.91
CA ARG B 46 -6.60 -1.80 -9.86
C ARG B 46 -7.98 -1.23 -9.52
N VAL B 47 -8.00 -0.21 -8.67
CA VAL B 47 -9.25 0.49 -8.34
C VAL B 47 -9.77 1.24 -9.57
N ARG B 48 -8.85 1.67 -10.44
CA ARG B 48 -9.22 2.38 -11.65
C ARG B 48 -9.70 1.41 -12.71
N LYS B 49 -9.19 0.19 -12.66
CA LYS B 49 -9.58 -0.84 -13.60
C LYS B 49 -11.02 -1.28 -13.34
N ASP B 50 -11.41 -1.32 -12.07
CA ASP B 50 -12.76 -1.73 -11.69
C ASP B 50 -13.78 -0.63 -11.94
N MET B 51 -13.32 0.49 -12.49
CA MET B 51 -14.21 1.61 -12.77
C MET B 51 -14.96 1.36 -14.06
N TYR B 52 -14.33 0.59 -14.94
CA TYR B 52 -14.95 0.20 -16.19
C TYR B 52 -14.54 -1.23 -16.54
N GLY A 1 -5.10 -1.46 -16.57
CA GLY A 1 -4.43 -2.71 -16.14
C GLY A 1 -3.04 -2.85 -16.73
N SER A 2 -2.74 -4.05 -17.24
CA SER A 2 -1.45 -4.32 -17.88
C SER A 2 -0.30 -4.10 -16.90
N LYS A 3 -0.50 -4.56 -15.66
CA LYS A 3 0.48 -4.38 -14.61
C LYS A 3 1.11 -5.71 -14.23
N GLU A 4 2.41 -5.70 -13.97
CA GLU A 4 3.10 -6.90 -13.53
C GLU A 4 2.97 -7.05 -12.02
N LYS A 5 2.77 -8.27 -11.58
CA LYS A 5 2.54 -8.56 -10.17
C LYS A 5 3.84 -8.96 -9.49
N PRO A 6 4.21 -8.27 -8.39
CA PRO A 6 5.38 -8.63 -7.59
C PRO A 6 5.19 -9.97 -6.89
N LYS A 7 6.20 -10.83 -6.94
CA LYS A 7 6.09 -12.15 -6.36
C LYS A 7 6.29 -12.12 -4.85
N PRO A 8 5.47 -12.87 -4.12
CA PRO A 8 5.54 -12.96 -2.67
C PRO A 8 6.62 -13.92 -2.19
N THR A 9 7.68 -13.36 -1.61
CA THR A 9 8.76 -14.16 -1.06
C THR A 9 9.06 -13.73 0.37
N PRO A 10 9.80 -14.53 1.15
CA PRO A 10 10.21 -14.12 2.50
C PRO A 10 10.96 -12.80 2.48
N ASP A 11 11.92 -12.68 1.57
CA ASP A 11 12.69 -11.44 1.41
C ASP A 11 11.76 -10.27 1.16
N TYR A 12 10.77 -10.50 0.30
CA TYR A 12 9.74 -9.52 -0.01
C TYR A 12 9.01 -9.10 1.26
N LEU A 13 8.81 -10.07 2.15
CA LEU A 13 8.08 -9.85 3.40
C LEU A 13 8.96 -9.20 4.45
N MET A 14 10.28 -9.36 4.34
CA MET A 14 11.19 -8.86 5.35
C MET A 14 11.29 -7.35 5.23
N GLN A 15 11.24 -6.88 3.99
CA GLN A 15 11.20 -5.46 3.69
C GLN A 15 9.94 -4.86 4.32
N LEU A 16 8.84 -5.57 4.14
CA LEU A 16 7.54 -5.16 4.65
C LEU A 16 7.54 -5.04 6.16
N MET A 17 8.29 -5.90 6.82
CA MET A 17 8.32 -5.89 8.28
C MET A 17 8.87 -4.59 8.79
N ASN A 18 9.77 -3.98 8.04
CA ASN A 18 10.39 -2.74 8.47
C ASN A 18 9.48 -1.57 8.10
N ASP A 19 8.66 -1.74 7.06
CA ASP A 19 7.82 -0.66 6.58
C ASP A 19 6.62 -0.47 7.49
N LYS A 20 5.92 -1.57 7.77
CA LYS A 20 4.74 -1.54 8.63
C LYS A 20 5.12 -1.10 10.04
N LYS A 21 6.36 -1.37 10.41
CA LYS A 21 6.84 -1.04 11.73
C LYS A 21 7.33 0.41 11.73
N LEU A 22 7.98 0.80 10.65
CA LEU A 22 8.41 2.18 10.47
C LEU A 22 7.23 3.13 10.52
N MET A 23 6.15 2.80 9.81
CA MET A 23 4.97 3.65 9.79
C MET A 23 4.34 3.73 11.18
N SER A 24 4.51 2.66 11.94
CA SER A 24 4.00 2.63 13.31
C SER A 24 4.93 3.39 14.26
N SER A 25 6.14 3.69 13.81
CA SER A 25 7.12 4.39 14.63
C SER A 25 7.15 5.87 14.31
N LEU A 26 6.45 6.24 13.24
CA LEU A 26 6.39 7.63 12.79
C LEU A 26 5.17 8.33 13.37
N PRO A 27 5.37 9.31 14.26
CA PRO A 27 4.28 10.05 14.92
C PRO A 27 3.53 10.96 13.95
N ASN A 28 4.16 11.23 12.82
CA ASN A 28 3.56 12.09 11.79
C ASN A 28 2.69 11.27 10.86
N PHE A 29 2.87 9.96 10.92
CA PHE A 29 2.16 9.03 10.06
C PHE A 29 0.64 9.17 10.21
N SER A 30 0.15 9.16 11.44
CA SER A 30 -1.29 9.27 11.72
C SER A 30 -1.98 10.36 10.88
N GLY A 31 -1.31 11.48 10.64
CA GLY A 31 -1.95 12.59 9.95
C GLY A 31 -1.87 12.48 8.44
N ILE A 32 -0.88 11.75 7.94
CA ILE A 32 -0.69 11.61 6.50
C ILE A 32 -0.96 10.17 6.06
N PHE A 33 -1.27 9.97 4.80
CA PHE A 33 -1.46 8.62 4.24
C PHE A 33 -2.71 7.94 4.79
N THR A 34 -3.74 7.86 3.97
CA THR A 34 -4.98 7.24 4.37
C THR A 34 -4.99 5.75 4.06
N HIS A 35 -4.60 5.39 2.85
CA HIS A 35 -4.69 3.99 2.41
C HIS A 35 -3.42 3.20 2.67
N LEU A 36 -2.30 3.90 2.84
CA LEU A 36 -0.99 3.26 2.87
C LEU A 36 -0.88 2.26 4.02
N GLU A 37 -1.40 2.65 5.18
CA GLU A 37 -1.39 1.79 6.37
C GLU A 37 -2.04 0.43 6.08
N ARG A 38 -3.29 0.47 5.64
CA ARG A 38 -4.07 -0.75 5.41
C ARG A 38 -3.49 -1.56 4.25
N LEU A 39 -2.79 -0.89 3.35
CA LEU A 39 -2.21 -1.55 2.19
C LEU A 39 -1.10 -2.52 2.58
N LEU A 40 -0.53 -2.34 3.75
CA LEU A 40 0.45 -3.32 4.25
C LEU A 40 -0.30 -4.45 4.93
N ASP A 41 -1.46 -4.13 5.46
CA ASP A 41 -2.27 -5.13 6.12
C ASP A 41 -2.74 -6.13 5.08
N GLU A 42 -3.09 -5.63 3.89
CA GLU A 42 -3.35 -6.50 2.75
C GLU A 42 -2.08 -7.15 2.25
N GLU A 43 -1.08 -6.32 1.92
CA GLU A 43 0.14 -6.79 1.26
C GLU A 43 0.86 -7.84 2.11
N ILE A 44 1.07 -7.50 3.37
CA ILE A 44 1.78 -8.38 4.29
C ILE A 44 0.97 -9.65 4.51
N SER A 45 -0.34 -9.48 4.62
CA SER A 45 -1.21 -10.64 4.84
C SER A 45 -1.25 -11.57 3.62
N ARG A 46 -1.33 -10.99 2.43
CA ARG A 46 -1.44 -11.78 1.21
C ARG A 46 -0.11 -12.44 0.87
N VAL A 47 0.99 -11.74 1.17
CA VAL A 47 2.33 -12.30 0.96
C VAL A 47 2.58 -13.47 1.92
N ARG A 48 1.96 -13.41 3.10
CA ARG A 48 2.10 -14.48 4.09
C ARG A 48 1.28 -15.70 3.70
N LYS A 49 0.19 -15.44 2.99
CA LYS A 49 -0.70 -16.51 2.58
C LYS A 49 -0.20 -17.15 1.28
N ASP A 50 0.27 -16.31 0.36
CA ASP A 50 0.81 -16.78 -0.90
C ASP A 50 2.21 -17.35 -0.77
N MET A 51 2.72 -17.46 0.46
CA MET A 51 4.01 -18.09 0.70
C MET A 51 4.05 -19.49 0.11
N TYR A 52 5.09 -19.74 -0.69
CA TYR A 52 5.26 -21.02 -1.38
C TYR A 52 4.11 -21.28 -2.35
N GLY B 1 -5.38 -15.24 6.43
CA GLY B 1 -6.45 -14.63 5.61
C GLY B 1 -7.58 -14.09 6.46
N SER B 2 -8.82 -14.39 6.06
CA SER B 2 -10.00 -13.95 6.79
C SER B 2 -10.07 -12.41 6.86
N LYS B 3 -9.73 -11.77 5.75
CA LYS B 3 -9.71 -10.32 5.68
C LYS B 3 -10.85 -9.80 4.82
N GLU B 4 -11.44 -8.69 5.22
CA GLU B 4 -12.49 -8.07 4.44
C GLU B 4 -11.87 -7.14 3.41
N LYS B 5 -12.44 -7.14 2.22
CA LYS B 5 -11.90 -6.38 1.10
C LYS B 5 -12.61 -5.03 0.98
N PRO B 6 -11.85 -3.92 0.97
CA PRO B 6 -12.41 -2.59 0.77
C PRO B 6 -12.95 -2.42 -0.66
N LYS B 7 -14.14 -1.86 -0.78
CA LYS B 7 -14.77 -1.72 -2.08
C LYS B 7 -14.20 -0.53 -2.84
N PRO B 8 -13.96 -0.72 -4.15
CA PRO B 8 -13.43 0.33 -5.01
C PRO B 8 -14.51 1.30 -5.50
N THR B 9 -14.46 2.52 -5.00
CA THR B 9 -15.40 3.55 -5.40
C THR B 9 -14.63 4.81 -5.82
N PRO B 10 -15.27 5.77 -6.50
CA PRO B 10 -14.62 7.05 -6.83
C PRO B 10 -14.11 7.76 -5.58
N ASP B 11 -14.95 7.82 -4.56
CA ASP B 11 -14.58 8.43 -3.28
C ASP B 11 -13.33 7.75 -2.71
N TYR B 12 -13.33 6.43 -2.80
CA TYR B 12 -12.19 5.62 -2.39
C TYR B 12 -10.93 6.03 -3.15
N LEU B 13 -11.12 6.38 -4.42
CA LEU B 13 -10.03 6.74 -5.30
C LEU B 13 -9.60 8.19 -5.09
N MET B 14 -10.50 9.02 -4.57
CA MET B 14 -10.21 10.44 -4.41
C MET B 14 -9.25 10.63 -3.25
N GLN B 15 -9.42 9.80 -2.24
CA GLN B 15 -8.51 9.76 -1.11
C GLN B 15 -7.12 9.39 -1.59
N LEU B 16 -7.09 8.37 -2.45
CA LEU B 16 -5.85 7.88 -3.02
C LEU B 16 -5.11 8.93 -3.81
N MET B 17 -5.85 9.80 -4.48
CA MET B 17 -5.24 10.82 -5.31
C MET B 17 -4.39 11.74 -4.47
N ASN B 18 -4.79 11.95 -3.21
CA ASN B 18 -4.07 12.85 -2.34
C ASN B 18 -2.90 12.12 -1.71
N ASP B 19 -3.01 10.80 -1.58
CA ASP B 19 -1.98 10.00 -0.90
C ASP B 19 -0.79 9.82 -1.82
N LYS B 20 -1.06 9.36 -3.04
CA LYS B 20 0.00 9.12 -4.03
C LYS B 20 0.70 10.43 -4.39
N LYS B 21 -0.02 11.51 -4.25
CA LYS B 21 0.52 12.82 -4.58
C LYS B 21 1.28 13.37 -3.37
N LEU B 22 0.73 13.14 -2.19
CA LEU B 22 1.38 13.51 -0.94
C LEU B 22 2.74 12.83 -0.82
N MET B 23 2.80 11.52 -1.11
CA MET B 23 4.05 10.79 -1.02
C MET B 23 5.06 11.31 -2.03
N SER B 24 4.55 11.82 -3.15
CA SER B 24 5.39 12.40 -4.18
C SER B 24 5.84 13.81 -3.80
N SER B 25 5.16 14.40 -2.82
CA SER B 25 5.47 15.77 -2.39
C SER B 25 6.36 15.76 -1.15
N LEU B 26 6.56 14.58 -0.59
CA LEU B 26 7.38 14.42 0.61
C LEU B 26 8.80 14.04 0.23
N PRO B 27 9.78 14.94 0.47
CA PRO B 27 11.19 14.71 0.13
C PRO B 27 11.84 13.65 1.01
N ASN B 28 11.19 13.34 2.12
CA ASN B 28 11.68 12.34 3.05
C ASN B 28 11.18 10.96 2.66
N PHE B 29 10.17 10.95 1.80
CA PHE B 29 9.54 9.72 1.34
C PHE B 29 10.55 8.77 0.70
N SER B 30 11.34 9.27 -0.24
CA SER B 30 12.35 8.46 -0.94
C SER B 30 13.15 7.54 0.01
N GLY B 31 13.47 8.00 1.22
CA GLY B 31 14.31 7.22 2.10
C GLY B 31 13.52 6.21 2.94
N ILE B 32 12.24 6.47 3.14
CA ILE B 32 11.42 5.60 3.97
C ILE B 32 10.36 4.91 3.11
N PHE B 33 9.84 3.78 3.58
CA PHE B 33 8.74 3.09 2.89
C PHE B 33 9.21 2.48 1.57
N THR B 34 9.35 1.17 1.54
CA THR B 34 9.79 0.48 0.35
C THR B 34 8.59 0.06 -0.51
N HIS B 35 7.60 -0.56 0.11
CA HIS B 35 6.47 -1.12 -0.63
C HIS B 35 5.31 -0.14 -0.79
N LEU B 36 5.26 0.86 0.08
CA LEU B 36 4.09 1.73 0.18
C LEU B 36 3.82 2.47 -1.14
N GLU B 37 4.89 2.95 -1.76
CA GLU B 37 4.80 3.65 -3.05
C GLU B 37 4.06 2.81 -4.09
N ARG B 38 4.60 1.62 -4.35
CA ARG B 38 4.06 0.74 -5.39
C ARG B 38 2.67 0.23 -5.03
N LEU B 39 2.36 0.22 -3.74
CA LEU B 39 1.07 -0.28 -3.28
C LEU B 39 -0.07 0.65 -3.70
N LEU B 40 0.25 1.89 -4.01
CA LEU B 40 -0.78 2.79 -4.55
C LEU B 40 -0.87 2.58 -6.06
N ASP B 41 0.23 2.16 -6.64
CA ASP B 41 0.26 1.90 -8.06
C ASP B 41 -0.64 0.72 -8.35
N GLU B 42 -0.60 -0.29 -7.47
CA GLU B 42 -1.55 -1.37 -7.52
C GLU B 42 -2.95 -0.90 -7.12
N GLU B 43 -3.07 -0.30 -5.94
CA GLU B 43 -4.36 0.06 -5.35
C GLU B 43 -5.13 0.99 -6.26
N ILE B 44 -4.47 2.06 -6.67
CA ILE B 44 -5.08 3.08 -7.52
C ILE B 44 -5.45 2.47 -8.86
N SER B 45 -4.55 1.65 -9.38
CA SER B 45 -4.79 1.02 -10.68
C SER B 45 -5.96 0.03 -10.62
N ARG B 46 -6.01 -0.78 -9.56
CA ARG B 46 -7.04 -1.80 -9.45
C ARG B 46 -8.40 -1.18 -9.13
N VAL B 47 -8.38 -0.10 -8.35
CA VAL B 47 -9.61 0.64 -8.05
C VAL B 47 -10.16 1.31 -9.31
N ARG B 48 -9.27 1.69 -10.22
CA ARG B 48 -9.67 2.33 -11.47
C ARG B 48 -10.24 1.30 -12.44
N LYS B 49 -9.77 0.07 -12.33
CA LYS B 49 -10.21 -0.99 -13.19
C LYS B 49 -11.50 -1.61 -12.67
N ASP B 50 -11.58 -1.80 -11.35
CA ASP B 50 -12.77 -2.36 -10.72
C ASP B 50 -13.88 -1.33 -10.58
N MET B 51 -13.70 -0.15 -11.16
CA MET B 51 -14.77 0.86 -11.18
C MET B 51 -16.04 0.29 -11.79
N TYR B 52 -17.14 0.43 -11.05
CA TYR B 52 -18.44 -0.10 -11.46
C TYR B 52 -18.39 -1.62 -11.56
N GLY A 1 -5.12 -1.13 -19.39
CA GLY A 1 -3.96 -1.96 -19.79
C GLY A 1 -3.52 -2.88 -18.67
N SER A 2 -2.71 -3.87 -19.02
CA SER A 2 -2.21 -4.83 -18.04
C SER A 2 -0.99 -4.27 -17.32
N LYS A 3 -1.15 -4.00 -16.03
CA LYS A 3 -0.06 -3.47 -15.23
C LYS A 3 0.76 -4.59 -14.64
N GLU A 4 1.87 -4.90 -15.27
CA GLU A 4 2.76 -5.97 -14.79
C GLU A 4 3.60 -5.47 -13.62
N LYS A 5 3.90 -6.37 -12.69
CA LYS A 5 4.66 -6.00 -11.50
C LYS A 5 5.60 -7.13 -11.11
N PRO A 6 6.70 -6.80 -10.41
CA PRO A 6 7.64 -7.80 -9.87
C PRO A 6 6.96 -8.79 -8.93
N LYS A 7 7.30 -10.06 -9.06
CA LYS A 7 6.66 -11.12 -8.28
C LYS A 7 7.00 -11.00 -6.80
N PRO A 8 6.02 -11.25 -5.93
CA PRO A 8 6.19 -11.17 -4.49
C PRO A 8 6.82 -12.44 -3.90
N THR A 9 8.07 -12.30 -3.48
CA THR A 9 8.79 -13.38 -2.81
C THR A 9 8.87 -13.05 -1.31
N PRO A 10 9.55 -13.86 -0.46
CA PRO A 10 9.75 -13.48 0.95
C PRO A 10 10.38 -12.10 1.08
N ASP A 11 11.23 -11.75 0.12
CA ASP A 11 11.86 -10.44 0.09
C ASP A 11 10.80 -9.35 0.08
N TYR A 12 9.69 -9.64 -0.57
CA TYR A 12 8.56 -8.74 -0.65
C TYR A 12 7.93 -8.55 0.73
N LEU A 13 7.91 -9.63 1.50
CA LEU A 13 7.29 -9.61 2.82
C LEU A 13 8.24 -9.05 3.86
N MET A 14 9.54 -9.26 3.68
CA MET A 14 10.53 -8.86 4.67
C MET A 14 10.66 -7.35 4.66
N GLN A 15 10.55 -6.78 3.47
CA GLN A 15 10.59 -5.34 3.30
C GLN A 15 9.32 -4.71 3.87
N LEU A 16 8.22 -5.42 3.74
CA LEU A 16 6.94 -4.94 4.27
C LEU A 16 6.93 -4.95 5.79
N MET A 17 7.62 -5.92 6.38
CA MET A 17 7.61 -6.07 7.83
C MET A 17 8.17 -4.84 8.51
N ASN A 18 9.26 -4.29 7.96
CA ASN A 18 9.92 -3.18 8.60
C ASN A 18 9.24 -1.87 8.21
N ASP A 19 8.52 -1.88 7.09
CA ASP A 19 7.81 -0.69 6.62
C ASP A 19 6.62 -0.40 7.52
N LYS A 20 5.85 -1.44 7.80
CA LYS A 20 4.67 -1.33 8.66
C LYS A 20 5.09 -0.95 10.09
N LYS A 21 6.32 -1.31 10.45
CA LYS A 21 6.80 -1.06 11.80
C LYS A 21 7.38 0.34 11.88
N LEU A 22 8.15 0.71 10.86
CA LEU A 22 8.70 2.05 10.75
C LEU A 22 7.58 3.09 10.72
N MET A 23 6.50 2.79 9.99
CA MET A 23 5.35 3.68 9.96
C MET A 23 4.67 3.73 11.33
N SER A 24 4.71 2.61 12.03
CA SER A 24 4.10 2.51 13.35
C SER A 24 4.94 3.28 14.38
N SER A 25 6.16 3.65 13.99
CA SER A 25 7.04 4.41 14.87
C SER A 25 7.02 5.90 14.50
N LEU A 26 6.26 6.23 13.47
CA LEU A 26 6.14 7.60 13.02
C LEU A 26 4.96 8.31 13.67
N PRO A 27 5.23 9.40 14.39
CA PRO A 27 4.18 10.19 15.06
C PRO A 27 3.45 11.11 14.09
N ASN A 28 4.04 11.32 12.92
CA ASN A 28 3.43 12.13 11.88
C ASN A 28 2.54 11.27 11.00
N PHE A 29 2.73 9.96 11.09
CA PHE A 29 1.90 9.03 10.35
C PHE A 29 0.56 8.85 11.04
N SER A 30 -0.22 9.88 10.94
CA SER A 30 -1.54 9.94 11.54
C SER A 30 -2.51 10.71 10.63
N GLY A 31 -1.98 11.67 9.88
CA GLY A 31 -2.79 12.43 8.95
C GLY A 31 -2.13 12.57 7.59
N ILE A 32 -0.85 12.22 7.48
CA ILE A 32 -0.14 12.35 6.21
C ILE A 32 -0.75 11.45 5.14
N PHE A 33 -0.96 10.17 5.44
CA PHE A 33 -1.51 9.24 4.48
C PHE A 33 -2.74 8.55 5.07
N THR A 34 -3.78 8.37 4.28
CA THR A 34 -4.97 7.71 4.76
C THR A 34 -4.95 6.21 4.47
N HIS A 35 -4.62 5.84 3.24
CA HIS A 35 -4.73 4.45 2.80
C HIS A 35 -3.44 3.64 2.95
N LEU A 36 -2.32 4.34 3.10
CA LEU A 36 -1.01 3.69 3.02
C LEU A 36 -0.83 2.61 4.10
N GLU A 37 -1.30 2.87 5.32
CA GLU A 37 -1.18 1.89 6.40
C GLU A 37 -1.99 0.64 6.09
N ARG A 38 -3.23 0.83 5.64
CA ARG A 38 -4.12 -0.30 5.40
C ARG A 38 -3.61 -1.18 4.27
N LEU A 39 -2.90 -0.57 3.32
CA LEU A 39 -2.40 -1.32 2.18
C LEU A 39 -1.25 -2.25 2.58
N LEU A 40 -0.68 -2.00 3.76
CA LEU A 40 0.27 -2.96 4.32
C LEU A 40 -0.53 -4.06 5.02
N ASP A 41 -1.64 -3.65 5.59
CA ASP A 41 -2.49 -4.56 6.33
C ASP A 41 -3.09 -5.57 5.38
N GLU A 42 -3.43 -5.13 4.17
CA GLU A 42 -3.89 -6.02 3.11
C GLU A 42 -2.74 -6.83 2.53
N GLU A 43 -1.71 -6.13 2.06
CA GLU A 43 -0.62 -6.76 1.31
C GLU A 43 0.17 -7.72 2.20
N ILE A 44 0.53 -7.27 3.38
CA ILE A 44 1.29 -8.09 4.32
C ILE A 44 0.48 -9.32 4.67
N SER A 45 -0.81 -9.11 4.86
CA SER A 45 -1.72 -10.22 5.17
C SER A 45 -1.79 -11.23 4.01
N ARG A 46 -1.97 -10.72 2.80
CA ARG A 46 -2.23 -11.60 1.67
C ARG A 46 -0.94 -12.27 1.20
N VAL A 47 0.18 -11.56 1.30
CA VAL A 47 1.49 -12.11 0.96
C VAL A 47 1.79 -13.34 1.82
N ARG A 48 1.27 -13.35 3.04
CA ARG A 48 1.54 -14.43 3.98
C ARG A 48 0.93 -15.75 3.50
N LYS A 49 -0.28 -15.67 2.95
CA LYS A 49 -0.95 -16.87 2.45
C LYS A 49 -0.54 -17.15 1.01
N ASP A 50 -0.41 -16.07 0.24
CA ASP A 50 -0.03 -16.16 -1.17
C ASP A 50 1.38 -16.73 -1.37
N MET A 51 2.10 -16.90 -0.25
CA MET A 51 3.45 -17.48 -0.29
C MET A 51 3.48 -18.79 -1.06
N TYR A 52 4.61 -19.05 -1.72
CA TYR A 52 4.78 -20.25 -2.52
C TYR A 52 4.84 -21.49 -1.63
N GLY B 1 -6.31 -17.19 8.24
CA GLY B 1 -7.72 -16.75 8.40
C GLY B 1 -8.15 -15.79 7.32
N SER B 2 -9.45 -15.59 7.19
CA SER B 2 -9.99 -14.70 6.17
C SER B 2 -9.96 -13.25 6.66
N LYS B 3 -9.12 -12.44 6.04
CA LYS B 3 -8.99 -11.04 6.42
C LYS B 3 -9.99 -10.20 5.64
N GLU B 4 -11.12 -9.89 6.27
CA GLU B 4 -12.15 -9.08 5.64
C GLU B 4 -11.76 -7.60 5.68
N LYS B 5 -12.17 -6.87 4.65
CA LYS B 5 -11.82 -5.46 4.54
C LYS B 5 -12.97 -4.67 3.92
N PRO B 6 -13.05 -3.37 4.22
CA PRO B 6 -14.05 -2.47 3.63
C PRO B 6 -13.96 -2.44 2.11
N LYS B 7 -15.12 -2.45 1.45
CA LYS B 7 -15.17 -2.52 -0.01
C LYS B 7 -14.64 -1.23 -0.65
N PRO B 8 -13.89 -1.37 -1.74
CA PRO B 8 -13.31 -0.24 -2.45
C PRO B 8 -14.31 0.44 -3.39
N THR B 9 -14.72 1.63 -3.01
CA THR B 9 -15.59 2.46 -3.82
C THR B 9 -14.76 3.61 -4.44
N PRO B 10 -15.36 4.56 -5.20
CA PRO B 10 -14.59 5.73 -5.66
C PRO B 10 -13.91 6.45 -4.51
N ASP B 11 -14.54 6.45 -3.35
CA ASP B 11 -13.99 7.05 -2.14
C ASP B 11 -12.62 6.45 -1.85
N TYR B 12 -12.49 5.16 -2.15
CA TYR B 12 -11.24 4.43 -1.97
C TYR B 12 -10.17 4.96 -2.91
N LEU B 13 -10.60 5.34 -4.11
CA LEU B 13 -9.67 5.81 -5.13
C LEU B 13 -9.35 7.28 -4.94
N MET B 14 -10.31 8.05 -4.41
CA MET B 14 -10.14 9.48 -4.29
C MET B 14 -9.15 9.78 -3.18
N GLN B 15 -9.20 8.97 -2.15
CA GLN B 15 -8.26 9.07 -1.04
C GLN B 15 -6.87 8.66 -1.48
N LEU B 16 -6.81 7.67 -2.37
CA LEU B 16 -5.54 7.20 -2.89
C LEU B 16 -4.88 8.23 -3.79
N MET B 17 -5.69 9.01 -4.49
CA MET B 17 -5.17 9.97 -5.45
C MET B 17 -4.32 11.01 -4.75
N ASN B 18 -4.77 11.48 -3.59
CA ASN B 18 -4.06 12.54 -2.90
C ASN B 18 -2.93 11.97 -2.07
N ASP B 19 -3.02 10.69 -1.74
CA ASP B 19 -1.98 10.03 -0.94
C ASP B 19 -0.72 9.84 -1.78
N LYS B 20 -0.91 9.34 -3.00
CA LYS B 20 0.20 9.12 -3.93
C LYS B 20 0.82 10.46 -4.31
N LYS B 21 0.06 11.53 -4.23
CA LYS B 21 0.55 12.84 -4.64
C LYS B 21 1.26 13.49 -3.48
N LEU B 22 0.65 13.39 -2.29
CA LEU B 22 1.25 13.89 -1.07
C LEU B 22 2.60 13.21 -0.83
N MET B 23 2.67 11.90 -1.06
CA MET B 23 3.93 11.19 -0.93
C MET B 23 4.93 11.65 -1.98
N SER B 24 4.42 12.01 -3.14
CA SER B 24 5.25 12.49 -4.23
C SER B 24 5.78 13.89 -3.94
N SER B 25 5.20 14.54 -2.94
CA SER B 25 5.62 15.88 -2.54
C SER B 25 6.54 15.81 -1.32
N LEU B 26 6.74 14.60 -0.82
CA LEU B 26 7.59 14.39 0.35
C LEU B 26 9.04 14.11 -0.05
N PRO B 27 9.98 14.95 0.40
CA PRO B 27 11.40 14.78 0.11
C PRO B 27 12.05 13.70 0.99
N ASN B 28 11.35 13.34 2.06
CA ASN B 28 11.82 12.31 2.97
C ASN B 28 11.33 10.94 2.51
N PHE B 29 10.34 10.96 1.63
CA PHE B 29 9.81 9.73 1.06
C PHE B 29 10.73 9.24 -0.05
N SER B 30 11.86 8.76 0.39
CA SER B 30 12.89 8.24 -0.48
C SER B 30 13.58 7.03 0.16
N GLY B 31 13.65 7.02 1.50
CA GLY B 31 14.24 5.91 2.19
C GLY B 31 13.40 5.45 3.37
N ILE B 32 12.38 6.24 3.74
CA ILE B 32 11.52 5.88 4.87
C ILE B 32 10.76 4.59 4.60
N PHE B 33 10.10 4.48 3.46
CA PHE B 33 9.33 3.28 3.13
C PHE B 33 9.79 2.73 1.79
N THR B 34 9.90 1.42 1.69
CA THR B 34 10.30 0.81 0.43
C THR B 34 9.10 0.43 -0.43
N HIS B 35 8.12 -0.24 0.16
CA HIS B 35 7.00 -0.80 -0.60
C HIS B 35 5.78 0.10 -0.68
N LEU B 36 5.70 1.09 0.20
CA LEU B 36 4.49 1.88 0.36
C LEU B 36 4.09 2.60 -0.93
N GLU B 37 5.05 3.15 -1.67
CA GLU B 37 4.75 3.84 -2.91
C GLU B 37 4.19 2.89 -3.96
N ARG B 38 4.81 1.73 -4.10
CA ARG B 38 4.41 0.76 -5.12
C ARG B 38 3.01 0.23 -4.84
N LEU B 39 2.64 0.15 -3.57
CA LEU B 39 1.34 -0.37 -3.21
C LEU B 39 0.22 0.59 -3.59
N LEU B 40 0.58 1.84 -3.86
CA LEU B 40 -0.38 2.77 -4.44
C LEU B 40 -0.42 2.53 -5.95
N ASP B 41 0.73 2.19 -6.47
CA ASP B 41 0.88 1.98 -7.90
C ASP B 41 0.09 0.75 -8.31
N GLU B 42 0.06 -0.26 -7.44
CA GLU B 42 -0.77 -1.44 -7.64
C GLU B 42 -2.24 -1.12 -7.37
N GLU B 43 -2.52 -0.63 -6.16
CA GLU B 43 -3.89 -0.46 -5.70
C GLU B 43 -4.63 0.58 -6.53
N ILE B 44 -4.00 1.71 -6.76
CA ILE B 44 -4.60 2.79 -7.54
C ILE B 44 -4.87 2.29 -8.94
N SER B 45 -3.91 1.53 -9.47
CA SER B 45 -4.07 0.96 -10.81
C SER B 45 -5.24 -0.04 -10.86
N ARG B 46 -5.30 -0.93 -9.88
CA ARG B 46 -6.27 -2.02 -9.93
C ARG B 46 -7.67 -1.52 -9.58
N VAL B 47 -7.74 -0.56 -8.67
CA VAL B 47 -9.01 0.07 -8.29
C VAL B 47 -9.69 0.71 -9.50
N ARG B 48 -8.87 1.18 -10.44
CA ARG B 48 -9.39 1.87 -11.62
C ARG B 48 -10.18 0.92 -12.50
N LYS B 49 -9.70 -0.30 -12.66
CA LYS B 49 -10.39 -1.29 -13.49
C LYS B 49 -11.44 -2.02 -12.66
N ASP B 50 -11.08 -2.32 -11.42
CA ASP B 50 -11.96 -3.03 -10.49
C ASP B 50 -13.24 -2.25 -10.17
N MET B 51 -13.29 -0.99 -10.62
CA MET B 51 -14.47 -0.14 -10.43
C MET B 51 -15.74 -0.84 -10.87
N TYR B 52 -16.83 -0.53 -10.18
CA TYR B 52 -18.12 -1.12 -10.47
C TYR B 52 -18.65 -0.64 -11.81
N GLY A 1 -5.68 -0.85 -19.17
CA GLY A 1 -5.49 -0.58 -17.73
C GLY A 1 -5.36 -1.85 -16.93
N SER A 2 -4.19 -2.06 -16.35
CA SER A 2 -3.93 -3.24 -15.54
C SER A 2 -2.66 -3.03 -14.73
N LYS A 3 -1.53 -2.96 -15.43
CA LYS A 3 -0.21 -2.73 -14.82
C LYS A 3 0.28 -3.96 -14.04
N GLU A 4 1.53 -4.31 -14.25
CA GLU A 4 2.13 -5.45 -13.58
C GLU A 4 3.01 -4.99 -12.44
N LYS A 5 3.35 -5.90 -11.54
CA LYS A 5 4.20 -5.58 -10.41
C LYS A 5 4.97 -6.83 -9.95
N PRO A 6 6.01 -6.65 -9.12
CA PRO A 6 6.78 -7.77 -8.56
C PRO A 6 5.90 -8.82 -7.87
N LYS A 7 6.34 -10.07 -7.92
CA LYS A 7 5.61 -11.17 -7.32
C LYS A 7 5.83 -11.21 -5.82
N PRO A 8 4.81 -11.64 -5.06
CA PRO A 8 4.91 -11.78 -3.61
C PRO A 8 5.84 -12.92 -3.20
N THR A 9 6.98 -12.56 -2.67
CA THR A 9 7.97 -13.52 -2.19
C THR A 9 8.29 -13.25 -0.72
N PRO A 10 9.05 -14.12 -0.03
CA PRO A 10 9.50 -13.83 1.33
C PRO A 10 10.27 -12.52 1.39
N ASP A 11 11.15 -12.30 0.41
CA ASP A 11 11.90 -11.05 0.31
C ASP A 11 10.94 -9.87 0.27
N TYR A 12 9.92 -10.01 -0.58
CA TYR A 12 8.87 -9.00 -0.71
C TYR A 12 8.22 -8.72 0.65
N LEU A 13 8.10 -9.77 1.46
CA LEU A 13 7.40 -9.67 2.73
C LEU A 13 8.31 -9.15 3.84
N MET A 14 9.60 -9.43 3.73
CA MET A 14 10.54 -9.07 4.80
C MET A 14 10.75 -7.57 4.80
N GLN A 15 10.81 -7.02 3.60
CA GLN A 15 10.99 -5.59 3.43
C GLN A 15 9.71 -4.88 3.89
N LEU A 16 8.58 -5.53 3.68
CA LEU A 16 7.30 -5.02 4.14
C LEU A 16 7.24 -4.96 5.66
N MET A 17 7.93 -5.88 6.30
CA MET A 17 7.90 -5.97 7.76
C MET A 17 8.52 -4.73 8.37
N ASN A 18 9.48 -4.13 7.68
CA ASN A 18 10.15 -2.95 8.20
C ASN A 18 9.31 -1.71 7.92
N ASP A 19 8.54 -1.74 6.84
CA ASP A 19 7.72 -0.59 6.46
C ASP A 19 6.57 -0.46 7.44
N LYS A 20 5.85 -1.57 7.63
CA LYS A 20 4.71 -1.64 8.54
C LYS A 20 5.12 -1.24 9.95
N LYS A 21 6.32 -1.61 10.35
CA LYS A 21 6.77 -1.41 11.71
C LYS A 21 7.31 0.00 11.86
N LEU A 22 7.96 0.48 10.81
CA LEU A 22 8.45 1.84 10.76
C LEU A 22 7.30 2.83 10.89
N MET A 23 6.22 2.55 10.17
CA MET A 23 5.08 3.45 10.13
C MET A 23 4.38 3.53 11.48
N SER A 24 4.40 2.42 12.23
CA SER A 24 3.78 2.40 13.55
C SER A 24 4.66 3.07 14.61
N SER A 25 5.90 3.36 14.23
CA SER A 25 6.82 4.04 15.14
C SER A 25 6.92 5.51 14.76
N LEU A 26 6.23 5.88 13.70
CA LEU A 26 6.21 7.26 13.24
C LEU A 26 4.88 7.92 13.61
N PRO A 27 4.91 8.86 14.58
CA PRO A 27 3.70 9.54 15.05
C PRO A 27 3.21 10.60 14.07
N ASN A 28 4.12 11.04 13.21
CA ASN A 28 3.81 12.01 12.17
C ASN A 28 3.13 11.31 11.01
N PHE A 29 3.52 10.05 10.80
CA PHE A 29 2.94 9.21 9.76
C PHE A 29 1.42 9.20 9.86
N SER A 30 0.91 9.03 11.07
CA SER A 30 -0.53 8.99 11.30
C SER A 30 -1.29 10.14 10.61
N GLY A 31 -0.64 11.28 10.39
CA GLY A 31 -1.31 12.40 9.77
C GLY A 31 -1.31 12.32 8.25
N ILE A 32 -0.31 11.67 7.67
CA ILE A 32 -0.24 11.55 6.21
C ILE A 32 -0.39 10.10 5.78
N PHE A 33 -0.64 9.89 4.50
CA PHE A 33 -0.70 8.54 3.93
C PHE A 33 -1.85 7.75 4.57
N THR A 34 -3.06 8.20 4.30
CA THR A 34 -4.26 7.66 4.92
C THR A 34 -4.48 6.21 4.55
N HIS A 35 -4.36 5.90 3.27
CA HIS A 35 -4.70 4.56 2.80
C HIS A 35 -3.52 3.61 2.89
N LEU A 36 -2.32 4.14 2.83
CA LEU A 36 -1.13 3.30 2.75
C LEU A 36 -0.93 2.48 4.01
N GLU A 37 -1.19 3.08 5.17
CA GLU A 37 -1.08 2.39 6.45
C GLU A 37 -1.82 1.05 6.41
N ARG A 38 -3.12 1.11 6.16
CA ARG A 38 -3.94 -0.09 6.14
C ARG A 38 -3.60 -0.98 4.95
N LEU A 39 -3.15 -0.39 3.85
CA LEU A 39 -2.78 -1.15 2.66
C LEU A 39 -1.75 -2.21 3.00
N LEU A 40 -0.65 -1.80 3.62
CA LEU A 40 0.32 -2.77 4.18
C LEU A 40 -0.39 -3.88 4.95
N ASP A 41 -1.36 -3.49 5.74
CA ASP A 41 -2.01 -4.42 6.65
C ASP A 41 -2.80 -5.44 5.84
N GLU A 42 -3.21 -5.02 4.63
CA GLU A 42 -3.85 -5.91 3.67
C GLU A 42 -2.82 -6.73 2.92
N GLU A 43 -1.90 -6.05 2.22
CA GLU A 43 -0.95 -6.73 1.31
C GLU A 43 -0.01 -7.63 2.08
N ILE A 44 0.42 -7.16 3.24
CA ILE A 44 1.27 -7.96 4.10
C ILE A 44 0.51 -9.20 4.50
N SER A 45 -0.77 -9.02 4.74
CA SER A 45 -1.63 -10.15 5.08
C SER A 45 -1.80 -11.10 3.87
N ARG A 46 -1.93 -10.51 2.68
CA ARG A 46 -2.13 -11.28 1.45
C ARG A 46 -0.90 -12.12 1.17
N VAL A 47 0.24 -11.46 1.25
CA VAL A 47 1.53 -12.07 0.96
C VAL A 47 1.82 -13.23 1.93
N ARG A 48 1.27 -13.14 3.13
CA ARG A 48 1.48 -14.18 4.14
C ARG A 48 0.62 -15.41 3.82
N LYS A 49 -0.52 -15.16 3.19
CA LYS A 49 -1.42 -16.23 2.81
C LYS A 49 -0.94 -16.86 1.50
N ASP A 50 -0.49 -16.02 0.57
CA ASP A 50 0.02 -16.47 -0.72
C ASP A 50 1.32 -17.26 -0.58
N MET A 51 1.79 -17.45 0.65
CA MET A 51 3.00 -18.23 0.89
C MET A 51 2.71 -19.70 0.68
N TYR A 52 1.47 -20.09 0.92
CA TYR A 52 1.05 -21.46 0.70
C TYR A 52 -0.33 -21.49 0.08
N GLY B 1 -5.73 -17.38 8.10
CA GLY B 1 -5.01 -16.22 7.52
C GLY B 1 -5.64 -15.75 6.23
N SER B 2 -6.20 -14.55 6.25
CA SER B 2 -6.83 -13.97 5.08
C SER B 2 -7.04 -12.47 5.31
N LYS B 3 -7.92 -12.14 6.26
CA LYS B 3 -8.23 -10.76 6.63
C LYS B 3 -9.03 -10.04 5.54
N GLU B 4 -10.06 -9.35 5.96
CA GLU B 4 -10.92 -8.61 5.04
C GLU B 4 -10.59 -7.12 5.08
N LYS B 5 -11.03 -6.40 4.06
CA LYS B 5 -10.79 -4.97 3.99
C LYS B 5 -11.91 -4.27 3.20
N PRO B 6 -12.00 -2.94 3.28
CA PRO B 6 -12.99 -2.17 2.52
C PRO B 6 -12.95 -2.47 1.02
N LYS B 7 -14.10 -2.35 0.38
CA LYS B 7 -14.22 -2.60 -1.05
C LYS B 7 -13.73 -1.41 -1.86
N PRO B 8 -13.12 -1.67 -3.03
CA PRO B 8 -12.65 -0.61 -3.93
C PRO B 8 -13.81 0.16 -4.55
N THR B 9 -13.95 1.40 -4.12
CA THR B 9 -14.98 2.30 -4.64
C THR B 9 -14.32 3.57 -5.17
N PRO B 10 -15.08 4.47 -5.84
CA PRO B 10 -14.53 5.77 -6.23
C PRO B 10 -14.01 6.54 -5.04
N ASP B 11 -14.77 6.51 -3.94
CA ASP B 11 -14.34 7.15 -2.68
C ASP B 11 -12.99 6.60 -2.26
N TYR B 12 -12.88 5.28 -2.30
CA TYR B 12 -11.64 4.57 -2.00
C TYR B 12 -10.49 5.09 -2.86
N LEU B 13 -10.82 5.42 -4.11
CA LEU B 13 -9.81 5.82 -5.09
C LEU B 13 -9.47 7.30 -4.96
N MET B 14 -10.43 8.11 -4.54
CA MET B 14 -10.23 9.56 -4.51
C MET B 14 -9.29 9.92 -3.39
N GLN B 15 -9.45 9.21 -2.28
CA GLN B 15 -8.61 9.41 -1.12
C GLN B 15 -7.19 8.92 -1.44
N LEU B 16 -7.11 7.88 -2.26
CA LEU B 16 -5.84 7.35 -2.73
C LEU B 16 -5.11 8.37 -3.59
N MET B 17 -5.88 9.18 -4.31
CA MET B 17 -5.29 10.15 -5.22
C MET B 17 -4.49 11.18 -4.46
N ASN B 18 -4.91 11.48 -3.22
CA ASN B 18 -4.21 12.47 -2.42
C ASN B 18 -2.99 11.86 -1.76
N ASP B 19 -3.04 10.55 -1.48
CA ASP B 19 -1.94 9.86 -0.82
C ASP B 19 -0.77 9.74 -1.80
N LYS B 20 -1.08 9.21 -2.98
CA LYS B 20 -0.10 9.02 -4.06
C LYS B 20 0.57 10.34 -4.43
N LYS B 21 -0.21 11.41 -4.39
CA LYS B 21 0.28 12.70 -4.84
C LYS B 21 1.04 13.39 -3.72
N LEU B 22 0.57 13.18 -2.50
CA LEU B 22 1.24 13.69 -1.32
C LEU B 22 2.64 13.10 -1.21
N MET B 23 2.73 11.79 -1.46
CA MET B 23 3.99 11.07 -1.31
C MET B 23 5.02 11.52 -2.34
N SER B 24 4.56 11.91 -3.52
CA SER B 24 5.45 12.37 -4.57
C SER B 24 5.88 13.82 -4.35
N SER B 25 5.24 14.49 -3.38
CA SER B 25 5.59 15.85 -3.05
C SER B 25 6.43 15.87 -1.78
N LEU B 26 6.61 14.69 -1.19
CA LEU B 26 7.41 14.54 0.01
C LEU B 26 8.77 13.95 -0.33
N PRO B 27 9.84 14.76 -0.22
CA PRO B 27 11.20 14.33 -0.54
C PRO B 27 11.80 13.46 0.55
N ASN B 28 11.24 13.57 1.74
CA ASN B 28 11.65 12.76 2.88
C ASN B 28 11.02 11.38 2.78
N PHE B 29 9.83 11.34 2.20
CA PHE B 29 9.12 10.09 1.97
C PHE B 29 9.99 9.09 1.26
N SER B 30 10.68 9.52 0.22
CA SER B 30 11.55 8.66 -0.57
C SER B 30 12.50 7.81 0.29
N GLY B 31 12.84 8.27 1.50
CA GLY B 31 13.74 7.52 2.34
C GLY B 31 13.04 6.46 3.17
N ILE B 32 11.76 6.67 3.48
CA ILE B 32 11.01 5.70 4.28
C ILE B 32 9.88 5.10 3.45
N PHE B 33 9.31 4.01 3.95
CA PHE B 33 8.15 3.39 3.32
C PHE B 33 8.49 2.91 1.90
N THR B 34 9.37 1.93 1.86
CA THR B 34 9.93 1.44 0.61
C THR B 34 8.86 0.81 -0.28
N HIS B 35 8.02 -0.03 0.30
CA HIS B 35 7.06 -0.77 -0.50
C HIS B 35 5.76 -0.01 -0.71
N LEU B 36 5.45 0.87 0.22
CA LEU B 36 4.16 1.54 0.21
C LEU B 36 4.00 2.45 -1.02
N GLU B 37 5.08 3.14 -1.38
CA GLU B 37 5.08 4.01 -2.55
C GLU B 37 4.53 3.28 -3.78
N ARG B 38 5.19 2.20 -4.15
CA ARG B 38 4.78 1.43 -5.32
C ARG B 38 3.44 0.72 -5.10
N LEU B 39 3.14 0.37 -3.85
CA LEU B 39 1.87 -0.29 -3.54
C LEU B 39 0.69 0.53 -4.03
N LEU B 40 0.64 1.79 -3.63
CA LEU B 40 -0.34 2.73 -4.21
C LEU B 40 -0.40 2.60 -5.73
N ASP B 41 0.76 2.51 -6.34
CA ASP B 41 0.84 2.56 -7.77
C ASP B 41 0.21 1.29 -8.35
N GLU B 42 0.22 0.23 -7.53
CA GLU B 42 -0.46 -1.01 -7.87
C GLU B 42 -1.95 -0.91 -7.56
N GLU B 43 -2.29 -0.64 -6.29
CA GLU B 43 -3.68 -0.70 -5.81
C GLU B 43 -4.51 0.39 -6.48
N ILE B 44 -3.92 1.55 -6.64
CA ILE B 44 -4.59 2.65 -7.32
C ILE B 44 -4.87 2.21 -8.74
N SER B 45 -3.92 1.50 -9.32
CA SER B 45 -4.10 0.96 -10.67
C SER B 45 -5.20 -0.12 -10.69
N ARG B 46 -5.23 -0.97 -9.65
CA ARG B 46 -6.20 -2.06 -9.55
C ARG B 46 -7.60 -1.50 -9.44
N VAL B 47 -7.74 -0.55 -8.54
CA VAL B 47 -9.01 0.10 -8.24
C VAL B 47 -9.58 0.81 -9.47
N ARG B 48 -8.69 1.26 -10.35
CA ARG B 48 -9.11 1.96 -11.56
C ARG B 48 -9.63 0.96 -12.59
N LYS B 49 -9.09 -0.25 -12.56
CA LYS B 49 -9.51 -1.30 -13.46
C LYS B 49 -10.78 -1.95 -12.94
N ASP B 50 -10.85 -2.15 -11.62
CA ASP B 50 -12.01 -2.74 -10.96
C ASP B 50 -13.24 -1.83 -11.03
N MET B 51 -13.09 -0.67 -11.67
CA MET B 51 -14.22 0.25 -11.82
C MET B 51 -15.21 -0.30 -12.84
N TYR B 52 -14.69 -1.07 -13.78
CA TYR B 52 -15.51 -1.71 -14.79
C TYR B 52 -15.04 -3.13 -15.03
N GLY A 1 -2.83 0.17 -18.66
CA GLY A 1 -1.54 -0.03 -19.35
C GLY A 1 -0.89 -1.35 -18.98
N SER A 2 0.24 -1.64 -19.59
CA SER A 2 0.94 -2.88 -19.32
C SER A 2 1.73 -2.78 -18.02
N LYS A 3 1.39 -3.61 -17.06
CA LYS A 3 2.03 -3.59 -15.74
C LYS A 3 1.96 -4.96 -15.09
N GLU A 4 3.12 -5.55 -14.83
CA GLU A 4 3.18 -6.83 -14.14
C GLU A 4 3.01 -6.61 -12.64
N LYS A 5 2.15 -7.40 -12.02
CA LYS A 5 1.89 -7.27 -10.60
C LYS A 5 2.95 -8.02 -9.79
N PRO A 6 3.48 -7.40 -8.74
CA PRO A 6 4.55 -7.98 -7.92
C PRO A 6 4.10 -9.27 -7.23
N LYS A 7 4.83 -10.35 -7.48
CA LYS A 7 4.52 -11.63 -6.88
C LYS A 7 5.08 -11.73 -5.47
N PRO A 8 4.20 -11.94 -4.48
CA PRO A 8 4.57 -12.09 -3.07
C PRO A 8 5.69 -13.09 -2.83
N THR A 9 6.82 -12.58 -2.37
CA THR A 9 7.97 -13.40 -2.05
C THR A 9 8.51 -13.04 -0.67
N PRO A 10 9.29 -13.92 -0.02
CA PRO A 10 9.84 -13.65 1.32
C PRO A 10 10.54 -12.28 1.39
N ASP A 11 11.43 -12.01 0.44
CA ASP A 11 12.14 -10.74 0.40
C ASP A 11 11.17 -9.58 0.32
N TYR A 12 10.15 -9.73 -0.50
CA TYR A 12 9.09 -8.73 -0.63
C TYR A 12 8.42 -8.50 0.72
N LEU A 13 8.30 -9.56 1.51
CA LEU A 13 7.61 -9.50 2.79
C LEU A 13 8.53 -8.95 3.89
N MET A 14 9.82 -9.23 3.79
CA MET A 14 10.76 -8.86 4.85
C MET A 14 10.93 -7.36 4.87
N GLN A 15 10.94 -6.79 3.67
CA GLN A 15 11.08 -5.36 3.51
C GLN A 15 9.81 -4.67 4.01
N LEU A 16 8.67 -5.32 3.76
CA LEU A 16 7.38 -4.82 4.22
C LEU A 16 7.30 -4.81 5.74
N MET A 17 7.98 -5.76 6.37
CA MET A 17 7.95 -5.86 7.83
C MET A 17 8.55 -4.63 8.46
N ASN A 18 9.49 -4.00 7.77
CA ASN A 18 10.13 -2.81 8.27
C ASN A 18 9.27 -1.58 8.00
N ASP A 19 8.49 -1.63 6.92
CA ASP A 19 7.67 -0.48 6.53
C ASP A 19 6.53 -0.31 7.53
N LYS A 20 5.84 -1.42 7.81
CA LYS A 20 4.71 -1.43 8.74
C LYS A 20 5.17 -1.07 10.16
N LYS A 21 6.43 -1.35 10.46
CA LYS A 21 6.96 -1.09 11.78
C LYS A 21 7.42 0.36 11.87
N LEU A 22 8.03 0.83 10.80
CA LEU A 22 8.47 2.21 10.70
C LEU A 22 7.28 3.16 10.84
N MET A 23 6.18 2.84 10.16
CA MET A 23 4.99 3.69 10.19
C MET A 23 4.34 3.65 11.57
N SER A 24 4.47 2.51 12.23
CA SER A 24 3.92 2.32 13.57
C SER A 24 4.66 3.20 14.58
N SER A 25 5.87 3.61 14.22
CA SER A 25 6.69 4.43 15.11
C SER A 25 6.59 5.90 14.69
N LEU A 26 5.82 6.18 13.65
CA LEU A 26 5.67 7.54 13.14
C LEU A 26 4.28 8.09 13.44
N PRO A 27 4.18 9.04 14.39
CA PRO A 27 2.90 9.66 14.78
C PRO A 27 2.31 10.52 13.65
N ASN A 28 3.12 10.77 12.63
CA ASN A 28 2.69 11.55 11.48
C ASN A 28 1.96 10.65 10.49
N PHE A 29 2.19 9.35 10.62
CA PHE A 29 1.59 8.37 9.73
C PHE A 29 0.14 8.12 10.11
N SER A 30 -0.71 8.97 9.59
CA SER A 30 -2.14 8.86 9.75
C SER A 30 -2.81 9.99 8.98
N GLY A 31 -2.33 11.21 9.22
CA GLY A 31 -2.80 12.34 8.44
C GLY A 31 -2.23 12.31 7.04
N ILE A 32 -1.06 11.71 6.92
CA ILE A 32 -0.46 11.48 5.63
C ILE A 32 -0.46 9.97 5.34
N PHE A 33 -0.59 9.63 4.07
CA PHE A 33 -0.61 8.24 3.64
C PHE A 33 -1.73 7.46 4.35
N THR A 34 -2.92 8.02 4.32
CA THR A 34 -4.05 7.47 5.06
C THR A 34 -4.37 6.03 4.64
N HIS A 35 -4.28 5.76 3.34
CA HIS A 35 -4.68 4.44 2.84
C HIS A 35 -3.53 3.45 2.82
N LEU A 36 -2.32 3.96 2.82
CA LEU A 36 -1.13 3.12 2.76
C LEU A 36 -1.01 2.24 3.99
N GLU A 37 -1.49 2.75 5.13
CA GLU A 37 -1.56 1.98 6.37
C GLU A 37 -2.27 0.64 6.14
N ARG A 38 -3.53 0.70 5.72
CA ARG A 38 -4.31 -0.50 5.47
C ARG A 38 -3.70 -1.31 4.33
N LEU A 39 -3.03 -0.63 3.42
CA LEU A 39 -2.38 -1.30 2.30
C LEU A 39 -1.28 -2.23 2.78
N LEU A 40 -0.66 -1.91 3.90
CA LEU A 40 0.34 -2.81 4.47
C LEU A 40 -0.36 -3.94 5.21
N ASP A 41 -1.43 -3.59 5.90
CA ASP A 41 -2.13 -4.56 6.71
C ASP A 41 -2.77 -5.60 5.81
N GLU A 42 -3.11 -5.19 4.59
CA GLU A 42 -3.64 -6.09 3.58
C GLU A 42 -2.53 -6.78 2.79
N GLU A 43 -1.59 -6.00 2.27
CA GLU A 43 -0.52 -6.55 1.42
C GLU A 43 0.34 -7.51 2.23
N ILE A 44 0.73 -7.07 3.41
CA ILE A 44 1.57 -7.87 4.28
C ILE A 44 0.84 -9.15 4.65
N SER A 45 -0.45 -9.02 4.88
CA SER A 45 -1.27 -10.17 5.21
C SER A 45 -1.36 -11.14 4.01
N ARG A 46 -1.66 -10.59 2.84
CA ARG A 46 -1.95 -11.42 1.67
C ARG A 46 -0.66 -12.08 1.17
N VAL A 47 0.45 -11.36 1.26
CA VAL A 47 1.76 -11.88 0.89
C VAL A 47 2.08 -13.14 1.70
N ARG A 48 1.53 -13.23 2.90
CA ARG A 48 1.82 -14.36 3.78
C ARG A 48 1.14 -15.64 3.29
N LYS A 49 -0.03 -15.49 2.67
CA LYS A 49 -0.75 -16.65 2.15
C LYS A 49 -0.36 -16.91 0.71
N ASP A 50 -0.37 -15.85 -0.08
CA ASP A 50 -0.12 -15.92 -1.52
C ASP A 50 1.34 -16.30 -1.82
N MET A 51 2.15 -16.45 -0.78
CA MET A 51 3.53 -16.95 -0.91
C MET A 51 3.61 -18.10 -1.90
N TYR A 52 2.88 -19.16 -1.60
CA TYR A 52 2.88 -20.35 -2.42
C TYR A 52 1.46 -20.83 -2.63
N GLY B 1 -6.36 -14.88 9.75
CA GLY B 1 -7.52 -14.45 10.57
C GLY B 1 -8.65 -13.91 9.72
N SER B 2 -9.76 -13.57 10.36
CA SER B 2 -10.92 -13.06 9.64
C SER B 2 -10.72 -11.58 9.31
N LYS B 3 -10.70 -11.28 8.02
CA LYS B 3 -10.47 -9.92 7.54
C LYS B 3 -11.12 -9.71 6.19
N GLU B 4 -12.08 -8.79 6.13
CA GLU B 4 -12.71 -8.45 4.86
C GLU B 4 -11.82 -7.50 4.08
N LYS B 5 -11.64 -7.78 2.80
CA LYS B 5 -10.79 -6.96 1.94
C LYS B 5 -11.57 -5.77 1.43
N PRO B 6 -10.97 -4.57 1.48
CA PRO B 6 -11.62 -3.33 1.06
C PRO B 6 -11.99 -3.35 -0.43
N LYS B 7 -13.26 -3.16 -0.72
CA LYS B 7 -13.74 -3.14 -2.09
C LYS B 7 -13.51 -1.78 -2.74
N PRO B 8 -12.75 -1.75 -3.84
CA PRO B 8 -12.45 -0.54 -4.60
C PRO B 8 -13.68 0.29 -4.94
N THR B 9 -13.75 1.48 -4.36
CA THR B 9 -14.84 2.41 -4.62
C THR B 9 -14.27 3.80 -4.95
N PRO B 10 -15.06 4.68 -5.59
CA PRO B 10 -14.59 6.03 -5.94
C PRO B 10 -13.98 6.77 -4.75
N ASP B 11 -14.70 6.77 -3.63
CA ASP B 11 -14.21 7.43 -2.41
C ASP B 11 -12.88 6.84 -1.98
N TYR B 12 -12.77 5.52 -2.06
CA TYR B 12 -11.53 4.82 -1.75
C TYR B 12 -10.41 5.31 -2.67
N LEU B 13 -10.76 5.64 -3.90
CA LEU B 13 -9.78 6.04 -4.90
C LEU B 13 -9.43 7.52 -4.76
N MET B 14 -10.39 8.33 -4.33
CA MET B 14 -10.19 9.77 -4.30
C MET B 14 -9.20 10.12 -3.19
N GLN B 15 -9.33 9.38 -2.11
CA GLN B 15 -8.45 9.56 -0.96
C GLN B 15 -7.04 9.09 -1.33
N LEU B 16 -6.98 8.03 -2.12
CA LEU B 16 -5.71 7.50 -2.59
C LEU B 16 -4.99 8.49 -3.50
N MET B 17 -5.78 9.29 -4.24
CA MET B 17 -5.22 10.25 -5.17
C MET B 17 -4.39 11.28 -4.42
N ASN B 18 -4.78 11.55 -3.18
CA ASN B 18 -4.06 12.52 -2.37
C ASN B 18 -2.83 11.89 -1.74
N ASP B 19 -2.90 10.58 -1.48
CA ASP B 19 -1.80 9.89 -0.81
C ASP B 19 -0.61 9.80 -1.77
N LYS B 20 -0.88 9.34 -3.00
CA LYS B 20 0.13 9.20 -4.03
C LYS B 20 0.74 10.55 -4.40
N LYS B 21 -0.02 11.61 -4.23
CA LYS B 21 0.44 12.93 -4.59
C LYS B 21 1.25 13.52 -3.44
N LEU B 22 0.77 13.28 -2.23
CA LEU B 22 1.47 13.72 -1.02
C LEU B 22 2.86 13.10 -0.97
N MET B 23 2.96 11.80 -1.26
CA MET B 23 4.23 11.10 -1.21
C MET B 23 5.16 11.58 -2.32
N SER B 24 4.57 11.97 -3.44
CA SER B 24 5.32 12.47 -4.58
C SER B 24 5.96 13.82 -4.25
N SER B 25 5.43 14.49 -3.24
CA SER B 25 5.95 15.78 -2.82
C SER B 25 6.87 15.64 -1.61
N LEU B 26 7.04 14.41 -1.14
CA LEU B 26 7.86 14.14 0.03
C LEU B 26 9.16 13.45 -0.37
N PRO B 27 10.29 14.16 -0.31
CA PRO B 27 11.62 13.59 -0.64
C PRO B 27 12.07 12.53 0.35
N ASN B 28 11.35 12.43 1.46
CA ASN B 28 11.64 11.43 2.49
C ASN B 28 10.99 10.10 2.13
N PHE B 29 10.00 10.18 1.24
CA PHE B 29 9.26 9.01 0.83
C PHE B 29 10.04 8.20 -0.19
N SER B 30 10.90 7.37 0.33
CA SER B 30 11.70 6.44 -0.46
C SER B 30 12.53 5.59 0.49
N GLY B 31 13.24 6.25 1.40
CA GLY B 31 13.96 5.54 2.44
C GLY B 31 13.02 4.98 3.47
N ILE B 32 11.88 5.64 3.62
CA ILE B 32 10.82 5.14 4.47
C ILE B 32 9.65 4.73 3.60
N PHE B 33 8.92 3.72 4.05
CA PHE B 33 7.75 3.22 3.32
C PHE B 33 8.13 2.81 1.89
N THR B 34 9.17 2.01 1.78
CA THR B 34 9.74 1.65 0.50
C THR B 34 8.73 0.93 -0.39
N HIS B 35 7.91 0.06 0.20
CA HIS B 35 6.99 -0.75 -0.59
C HIS B 35 5.63 -0.08 -0.77
N LEU B 36 5.31 0.85 0.11
CA LEU B 36 4.03 1.53 0.08
C LEU B 36 3.89 2.36 -1.20
N GLU B 37 5.00 2.86 -1.71
CA GLU B 37 5.03 3.57 -2.99
C GLU B 37 4.38 2.72 -4.10
N ARG B 38 4.93 1.54 -4.34
CA ARG B 38 4.40 0.66 -5.37
C ARG B 38 3.00 0.20 -5.01
N LEU B 39 2.71 0.13 -3.72
CA LEU B 39 1.40 -0.27 -3.25
C LEU B 39 0.32 0.71 -3.70
N LEU B 40 0.69 1.97 -3.86
CA LEU B 40 -0.25 2.96 -4.39
C LEU B 40 -0.35 2.80 -5.90
N ASP B 41 0.80 2.57 -6.52
CA ASP B 41 0.85 2.50 -7.97
C ASP B 41 0.07 1.29 -8.44
N GLU B 42 0.03 0.26 -7.59
CA GLU B 42 -0.75 -0.93 -7.85
C GLU B 42 -2.20 -0.79 -7.39
N GLU B 43 -2.39 -0.38 -6.14
CA GLU B 43 -3.74 -0.28 -5.57
C GLU B 43 -4.55 0.75 -6.33
N ILE B 44 -3.95 1.91 -6.55
CA ILE B 44 -4.62 3.01 -7.24
C ILE B 44 -4.96 2.56 -8.65
N SER B 45 -4.04 1.83 -9.25
CA SER B 45 -4.26 1.29 -10.59
C SER B 45 -5.41 0.28 -10.60
N ARG B 46 -5.36 -0.66 -9.68
CA ARG B 46 -6.30 -1.79 -9.69
C ARG B 46 -7.70 -1.32 -9.31
N VAL B 47 -7.76 -0.37 -8.38
CA VAL B 47 -9.03 0.23 -7.96
C VAL B 47 -9.75 0.85 -9.16
N ARG B 48 -9.00 1.28 -10.16
CA ARG B 48 -9.57 1.94 -11.33
C ARG B 48 -10.30 0.94 -12.22
N LYS B 49 -9.82 -0.30 -12.26
CA LYS B 49 -10.46 -1.33 -13.07
C LYS B 49 -11.49 -2.09 -12.25
N ASP B 50 -11.07 -2.50 -11.05
CA ASP B 50 -11.89 -3.31 -10.15
C ASP B 50 -13.11 -2.55 -9.63
N MET B 51 -13.21 -1.26 -9.98
CA MET B 51 -14.39 -0.45 -9.64
C MET B 51 -15.67 -1.23 -9.84
N TYR B 52 -15.89 -1.68 -11.06
CA TYR B 52 -17.10 -2.41 -11.40
C TYR B 52 -16.74 -3.63 -12.23
N GLY A 1 -2.45 -0.05 -20.88
CA GLY A 1 -2.10 -1.49 -20.88
C GLY A 1 -2.31 -2.12 -19.52
N SER A 2 -1.76 -3.32 -19.34
CA SER A 2 -1.90 -4.02 -18.07
C SER A 2 -0.59 -3.98 -17.29
N LYS A 3 -0.66 -3.43 -16.09
CA LYS A 3 0.50 -3.37 -15.21
C LYS A 3 0.76 -4.73 -14.58
N GLU A 4 1.99 -5.20 -14.69
CA GLU A 4 2.35 -6.51 -14.16
C GLU A 4 2.47 -6.46 -12.64
N LYS A 5 2.10 -7.55 -11.99
CA LYS A 5 2.14 -7.62 -10.54
C LYS A 5 3.40 -8.35 -10.08
N PRO A 6 4.08 -7.80 -9.07
CA PRO A 6 5.28 -8.41 -8.50
C PRO A 6 4.93 -9.62 -7.63
N LYS A 7 5.74 -10.66 -7.71
CA LYS A 7 5.53 -11.85 -6.91
C LYS A 7 5.72 -11.58 -5.43
N PRO A 8 4.86 -12.16 -4.59
CA PRO A 8 5.04 -12.12 -3.16
C PRO A 8 6.07 -13.14 -2.69
N THR A 9 7.23 -12.64 -2.32
CA THR A 9 8.30 -13.48 -1.81
C THR A 9 8.63 -13.10 -0.38
N PRO A 10 9.39 -13.92 0.36
CA PRO A 10 9.82 -13.55 1.71
C PRO A 10 10.51 -12.19 1.71
N ASP A 11 11.35 -11.94 0.72
CA ASP A 11 12.01 -10.64 0.58
C ASP A 11 10.97 -9.53 0.46
N TYR A 12 9.92 -9.81 -0.30
CA TYR A 12 8.80 -8.88 -0.46
C TYR A 12 8.13 -8.62 0.88
N LEU A 13 8.11 -9.65 1.73
CA LEU A 13 7.45 -9.57 3.02
C LEU A 13 8.34 -8.93 4.08
N MET A 14 9.63 -9.21 4.02
CA MET A 14 10.56 -8.73 5.05
C MET A 14 10.72 -7.23 4.92
N GLN A 15 10.65 -6.76 3.68
CA GLN A 15 10.67 -5.34 3.40
C GLN A 15 9.40 -4.69 3.92
N LEU A 16 8.27 -5.37 3.71
CA LEU A 16 6.98 -4.89 4.18
C LEU A 16 6.93 -4.78 5.70
N MET A 17 7.54 -5.74 6.38
CA MET A 17 7.47 -5.78 7.83
C MET A 17 8.18 -4.58 8.43
N ASN A 18 9.24 -4.14 7.78
CA ASN A 18 10.01 -3.01 8.26
C ASN A 18 9.35 -1.70 7.85
N ASP A 19 8.66 -1.72 6.71
CA ASP A 19 7.99 -0.53 6.19
C ASP A 19 6.77 -0.20 7.05
N LYS A 20 6.04 -1.24 7.45
CA LYS A 20 4.90 -1.08 8.33
C LYS A 20 5.36 -0.55 9.68
N LYS A 21 6.60 -0.87 10.06
CA LYS A 21 7.12 -0.43 11.34
C LYS A 21 7.63 0.99 11.23
N LEU A 22 8.23 1.31 10.09
CA LEU A 22 8.64 2.68 9.80
C LEU A 22 7.45 3.62 9.83
N MET A 23 6.33 3.22 9.24
CA MET A 23 5.12 4.04 9.27
C MET A 23 4.57 4.13 10.70
N SER A 24 4.77 3.07 11.47
CA SER A 24 4.29 3.03 12.85
C SER A 24 5.24 3.84 13.74
N SER A 25 6.44 4.11 13.24
CA SER A 25 7.43 4.88 13.97
C SER A 25 7.19 6.37 13.76
N LEU A 26 6.29 6.70 12.84
CA LEU A 26 5.96 8.07 12.54
C LEU A 26 4.69 8.46 13.28
N PRO A 27 4.78 9.44 14.19
CA PRO A 27 3.66 9.81 15.06
C PRO A 27 2.66 10.72 14.36
N ASN A 28 2.98 11.11 13.13
CA ASN A 28 2.11 11.94 12.32
C ASN A 28 1.54 11.12 11.17
N PHE A 29 1.79 9.81 11.24
CA PHE A 29 1.41 8.88 10.19
C PHE A 29 -0.09 8.92 9.88
N SER A 30 -0.90 8.78 10.91
CA SER A 30 -2.34 8.75 10.77
C SER A 30 -2.87 9.97 9.99
N GLY A 31 -2.19 11.11 10.13
CA GLY A 31 -2.64 12.31 9.45
C GLY A 31 -2.04 12.48 8.07
N ILE A 32 -0.89 11.85 7.80
CA ILE A 32 -0.25 12.02 6.50
C ILE A 32 -0.73 10.97 5.49
N PHE A 33 -1.04 9.76 5.93
CA PHE A 33 -1.44 8.71 5.00
C PHE A 33 -2.68 7.99 5.50
N THR A 34 -3.68 7.91 4.65
CA THR A 34 -4.93 7.26 5.01
C THR A 34 -4.94 5.78 4.64
N HIS A 35 -4.64 5.50 3.38
CA HIS A 35 -4.79 4.15 2.84
C HIS A 35 -3.51 3.32 2.95
N LEU A 36 -2.38 4.00 3.07
CA LEU A 36 -1.08 3.34 3.12
C LEU A 36 -1.02 2.37 4.32
N GLU A 37 -1.71 2.73 5.39
CA GLU A 37 -1.84 1.89 6.57
C GLU A 37 -2.46 0.54 6.23
N ARG A 38 -3.63 0.55 5.62
CA ARG A 38 -4.38 -0.68 5.39
C ARG A 38 -3.81 -1.48 4.23
N LEU A 39 -3.14 -0.82 3.31
CA LEU A 39 -2.56 -1.53 2.16
C LEU A 39 -1.40 -2.42 2.58
N LEU A 40 -0.80 -2.15 3.74
CA LEU A 40 0.20 -3.04 4.30
C LEU A 40 -0.51 -4.13 5.09
N ASP A 41 -1.59 -3.73 5.72
CA ASP A 41 -2.30 -4.62 6.63
C ASP A 41 -2.97 -5.72 5.82
N GLU A 42 -3.35 -5.37 4.59
CA GLU A 42 -3.88 -6.34 3.66
C GLU A 42 -2.75 -7.07 2.95
N GLU A 43 -1.79 -6.33 2.36
CA GLU A 43 -0.73 -6.96 1.55
C GLU A 43 0.15 -7.87 2.40
N ILE A 44 0.50 -7.37 3.57
CA ILE A 44 1.35 -8.13 4.49
C ILE A 44 0.58 -9.36 4.93
N SER A 45 -0.72 -9.20 5.00
CA SER A 45 -1.59 -10.33 5.31
C SER A 45 -1.61 -11.33 4.14
N ARG A 46 -1.81 -10.81 2.92
CA ARG A 46 -1.91 -11.62 1.69
C ARG A 46 -0.68 -12.50 1.57
N VAL A 47 0.46 -11.84 1.67
CA VAL A 47 1.75 -12.47 1.52
C VAL A 47 2.00 -13.54 2.59
N ARG A 48 1.32 -13.43 3.71
CA ARG A 48 1.50 -14.39 4.79
C ARG A 48 0.53 -15.58 4.67
N LYS A 49 -0.56 -15.40 3.94
CA LYS A 49 -1.48 -16.49 3.69
C LYS A 49 -0.96 -17.37 2.57
N ASP A 50 -0.52 -16.71 1.52
CA ASP A 50 0.01 -17.38 0.35
C ASP A 50 1.29 -18.13 0.72
N MET A 51 2.36 -17.38 0.80
CA MET A 51 3.64 -17.91 1.24
C MET A 51 3.81 -17.77 2.75
N TYR A 52 5.03 -17.96 3.24
CA TYR A 52 5.36 -17.85 4.66
C TYR A 52 4.80 -19.03 5.44
N GLY B 1 -7.69 -16.14 11.05
CA GLY B 1 -8.91 -16.09 10.20
C GLY B 1 -8.65 -15.39 8.89
N SER B 2 -9.72 -15.05 8.18
CA SER B 2 -9.60 -14.38 6.91
C SER B 2 -9.96 -12.90 7.03
N LYS B 3 -9.01 -12.04 6.69
CA LYS B 3 -9.24 -10.59 6.72
C LYS B 3 -10.08 -10.18 5.53
N GLU B 4 -11.14 -9.43 5.79
CA GLU B 4 -12.05 -9.00 4.74
C GLU B 4 -11.42 -7.86 3.94
N LYS B 5 -11.71 -7.82 2.66
CA LYS B 5 -11.16 -6.79 1.78
C LYS B 5 -12.17 -5.69 1.55
N PRO B 6 -11.73 -4.43 1.63
CA PRO B 6 -12.58 -3.27 1.39
C PRO B 6 -12.86 -3.08 -0.10
N LYS B 7 -14.09 -2.69 -0.42
CA LYS B 7 -14.47 -2.46 -1.80
C LYS B 7 -13.74 -1.27 -2.39
N PRO B 8 -13.32 -1.38 -3.64
CA PRO B 8 -12.77 -0.26 -4.36
C PRO B 8 -13.87 0.65 -4.90
N THR B 9 -14.01 1.80 -4.28
CA THR B 9 -14.98 2.80 -4.69
C THR B 9 -14.26 4.07 -5.12
N PRO B 10 -14.95 5.02 -5.79
CA PRO B 10 -14.34 6.31 -6.12
C PRO B 10 -13.76 6.99 -4.89
N ASP B 11 -14.49 6.93 -3.78
CA ASP B 11 -13.99 7.48 -2.52
C ASP B 11 -12.67 6.81 -2.14
N TYR B 12 -12.61 5.50 -2.33
CA TYR B 12 -11.40 4.72 -2.07
C TYR B 12 -10.26 5.21 -2.96
N LEU B 13 -10.62 5.65 -4.17
CA LEU B 13 -9.63 6.07 -5.16
C LEU B 13 -9.21 7.52 -4.95
N MET B 14 -10.16 8.36 -4.55
CA MET B 14 -9.90 9.79 -4.41
C MET B 14 -8.98 10.02 -3.23
N GLN B 15 -9.14 9.17 -2.22
CA GLN B 15 -8.26 9.20 -1.07
C GLN B 15 -6.86 8.74 -1.47
N LEU B 16 -6.81 7.72 -2.30
CA LEU B 16 -5.55 7.18 -2.79
C LEU B 16 -4.80 8.20 -3.62
N MET B 17 -5.52 8.97 -4.41
CA MET B 17 -4.89 9.92 -5.32
C MET B 17 -4.17 11.01 -4.54
N ASN B 18 -4.73 11.37 -3.39
CA ASN B 18 -4.15 12.41 -2.56
C ASN B 18 -3.02 11.83 -1.69
N ASP B 19 -3.15 10.56 -1.35
CA ASP B 19 -2.15 9.88 -0.51
C ASP B 19 -0.87 9.66 -1.31
N LYS B 20 -1.03 9.27 -2.57
CA LYS B 20 0.10 9.09 -3.47
C LYS B 20 0.81 10.42 -3.68
N LYS B 21 0.06 11.51 -3.60
CA LYS B 21 0.62 12.82 -3.81
C LYS B 21 1.29 13.32 -2.54
N LEU B 22 0.70 12.99 -1.40
CA LEU B 22 1.32 13.28 -0.12
C LEU B 22 2.67 12.58 0.01
N MET B 23 2.75 11.31 -0.41
CA MET B 23 4.02 10.60 -0.39
C MET B 23 5.00 11.19 -1.39
N SER B 24 4.47 11.73 -2.48
CA SER B 24 5.29 12.34 -3.51
C SER B 24 5.75 13.74 -3.07
N SER B 25 5.05 14.28 -2.07
CA SER B 25 5.35 15.60 -1.54
C SER B 25 6.46 15.49 -0.49
N LEU B 26 6.79 14.26 -0.12
CA LEU B 26 7.82 14.02 0.87
C LEU B 26 9.13 13.67 0.16
N PRO B 27 10.16 14.49 0.35
CA PRO B 27 11.43 14.35 -0.37
C PRO B 27 12.32 13.27 0.23
N ASN B 28 11.89 12.72 1.35
CA ASN B 28 12.62 11.65 2.01
C ASN B 28 11.86 10.34 1.88
N PHE B 29 10.82 10.38 1.03
CA PHE B 29 9.92 9.25 0.84
C PHE B 29 10.65 7.99 0.41
N SER B 30 11.45 8.11 -0.64
CA SER B 30 12.17 6.97 -1.20
C SER B 30 12.99 6.23 -0.14
N GLY B 31 13.46 6.97 0.86
CA GLY B 31 14.28 6.35 1.89
C GLY B 31 13.47 5.83 3.06
N ILE B 32 12.28 6.38 3.29
CA ILE B 32 11.47 5.96 4.43
C ILE B 32 10.55 4.79 4.09
N PHE B 33 10.07 4.70 2.85
CA PHE B 33 9.13 3.63 2.51
C PHE B 33 9.54 3.00 1.19
N THR B 34 9.67 1.68 1.19
CA THR B 34 10.07 0.96 0.00
C THR B 34 8.86 0.50 -0.81
N HIS B 35 7.94 -0.21 -0.15
CA HIS B 35 6.83 -0.87 -0.83
C HIS B 35 5.59 0.01 -0.91
N LEU B 36 5.50 0.99 -0.03
CA LEU B 36 4.31 1.86 0.03
C LEU B 36 4.12 2.59 -1.29
N GLU B 37 5.21 2.88 -1.97
CA GLU B 37 5.20 3.50 -3.29
C GLU B 37 4.44 2.64 -4.30
N ARG B 38 4.84 1.38 -4.44
CA ARG B 38 4.28 0.52 -5.48
C ARG B 38 2.89 0.02 -5.12
N LEU B 39 2.58 -0.06 -3.83
CA LEU B 39 1.27 -0.53 -3.40
C LEU B 39 0.17 0.47 -3.77
N LEU B 40 0.54 1.72 -3.99
CA LEU B 40 -0.42 2.69 -4.51
C LEU B 40 -0.46 2.59 -6.02
N ASP B 41 0.70 2.30 -6.58
CA ASP B 41 0.85 2.31 -8.02
C ASP B 41 0.11 1.12 -8.60
N GLU B 42 0.04 0.06 -7.81
CA GLU B 42 -0.76 -1.10 -8.16
C GLU B 42 -2.22 -0.89 -7.77
N GLU B 43 -2.48 -0.51 -6.51
CA GLU B 43 -3.86 -0.41 -6.03
C GLU B 43 -4.63 0.68 -6.76
N ILE B 44 -3.97 1.81 -6.95
CA ILE B 44 -4.58 2.95 -7.64
C ILE B 44 -4.84 2.54 -9.07
N SER B 45 -3.97 1.67 -9.56
CA SER B 45 -4.16 1.12 -10.89
C SER B 45 -5.36 0.16 -10.91
N ARG B 46 -5.40 -0.75 -9.94
CA ARG B 46 -6.45 -1.77 -9.83
C ARG B 46 -7.81 -1.11 -9.84
N VAL B 47 -7.93 -0.15 -8.95
CA VAL B 47 -9.18 0.58 -8.73
C VAL B 47 -9.61 1.35 -9.98
N ARG B 48 -8.68 1.66 -10.86
CA ARG B 48 -8.99 2.40 -12.08
C ARG B 48 -9.34 1.47 -13.24
N LYS B 49 -8.92 0.21 -13.16
CA LYS B 49 -9.28 -0.76 -14.17
C LYS B 49 -10.68 -1.28 -13.90
N ASP B 50 -10.91 -1.61 -12.65
CA ASP B 50 -12.19 -2.13 -12.21
C ASP B 50 -13.27 -1.08 -12.37
N MET B 51 -13.30 -0.15 -11.46
CA MET B 51 -14.20 0.98 -11.53
C MET B 51 -13.54 2.16 -12.25
N TYR B 52 -14.15 3.35 -12.11
CA TYR B 52 -13.65 4.58 -12.72
C TYR B 52 -13.84 4.55 -14.23
N GLY A 1 -6.05 -3.24 -20.33
CA GLY A 1 -5.00 -2.43 -19.66
C GLY A 1 -3.81 -3.28 -19.26
N SER A 2 -2.66 -2.65 -19.12
CA SER A 2 -1.45 -3.36 -18.74
C SER A 2 -1.32 -3.40 -17.22
N LYS A 3 -1.22 -4.59 -16.68
CA LYS A 3 -1.06 -4.78 -15.24
C LYS A 3 -0.14 -5.95 -14.97
N GLU A 4 0.76 -5.78 -14.02
CA GLU A 4 1.71 -6.82 -13.67
C GLU A 4 1.44 -7.33 -12.26
N LYS A 5 1.81 -8.57 -12.00
CA LYS A 5 1.59 -9.17 -10.70
C LYS A 5 2.92 -9.46 -10.01
N PRO A 6 3.14 -8.89 -8.83
CA PRO A 6 4.33 -9.18 -8.02
C PRO A 6 4.25 -10.56 -7.39
N LYS A 7 5.39 -11.15 -7.08
CA LYS A 7 5.42 -12.49 -6.51
C LYS A 7 5.86 -12.47 -5.06
N PRO A 8 5.01 -12.98 -4.16
CA PRO A 8 5.29 -13.04 -2.72
C PRO A 8 6.46 -13.95 -2.37
N THR A 9 7.48 -13.37 -1.78
CA THR A 9 8.64 -14.11 -1.32
C THR A 9 8.99 -13.69 0.11
N PRO A 10 9.84 -14.45 0.82
CA PRO A 10 10.30 -14.03 2.15
C PRO A 10 10.93 -12.64 2.09
N ASP A 11 11.77 -12.43 1.08
CA ASP A 11 12.40 -11.14 0.84
C ASP A 11 11.37 -10.04 0.74
N TYR A 12 10.30 -10.33 0.00
CA TYR A 12 9.18 -9.42 -0.19
C TYR A 12 8.55 -9.09 1.17
N LEU A 13 8.48 -10.10 2.03
CA LEU A 13 7.81 -9.98 3.31
C LEU A 13 8.71 -9.32 4.36
N MET A 14 10.02 -9.53 4.26
CA MET A 14 10.93 -9.03 5.29
C MET A 14 11.03 -7.53 5.18
N GLN A 15 11.02 -7.06 3.93
CA GLN A 15 11.05 -5.63 3.67
C GLN A 15 9.78 -4.97 4.16
N LEU A 16 8.66 -5.68 3.98
CA LEU A 16 7.36 -5.22 4.46
C LEU A 16 7.32 -5.10 5.97
N MET A 17 8.02 -6.00 6.66
CA MET A 17 8.00 -6.01 8.11
C MET A 17 8.60 -4.73 8.66
N ASN A 18 9.54 -4.15 7.92
CA ASN A 18 10.22 -2.95 8.36
C ASN A 18 9.38 -1.73 8.01
N ASP A 19 8.57 -1.85 6.95
CA ASP A 19 7.76 -0.73 6.49
C ASP A 19 6.63 -0.46 7.48
N LYS A 20 5.90 -1.51 7.84
CA LYS A 20 4.79 -1.39 8.77
C LYS A 20 5.30 -1.02 10.16
N LYS A 21 6.56 -1.32 10.43
CA LYS A 21 7.15 -1.04 11.71
C LYS A 21 7.60 0.40 11.77
N LEU A 22 8.35 0.81 10.75
CA LEU A 22 8.89 2.16 10.66
C LEU A 22 7.76 3.18 10.58
N MET A 23 6.70 2.88 9.83
CA MET A 23 5.60 3.81 9.67
C MET A 23 4.93 4.10 11.01
N SER A 24 4.85 3.08 11.84
CA SER A 24 4.17 3.20 13.13
C SER A 24 5.05 3.92 14.15
N SER A 25 6.29 4.16 13.78
CA SER A 25 7.25 4.84 14.66
C SER A 25 7.47 6.28 14.19
N LEU A 26 6.94 6.59 13.02
CA LEU A 26 7.12 7.92 12.43
C LEU A 26 6.31 8.97 13.16
N PRO A 27 6.83 10.21 13.24
CA PRO A 27 6.20 11.31 13.93
C PRO A 27 5.49 12.23 12.95
N ASN A 28 4.37 11.74 12.45
CA ASN A 28 3.61 12.40 11.38
C ASN A 28 2.70 11.42 10.65
N PHE A 29 2.78 10.15 11.00
CA PHE A 29 2.11 9.12 10.25
C PHE A 29 0.61 9.22 10.40
N SER A 30 0.14 9.21 11.64
CA SER A 30 -1.28 9.40 11.93
C SER A 30 -1.71 10.85 11.61
N GLY A 31 -1.70 11.16 10.33
CA GLY A 31 -2.12 12.47 9.85
C GLY A 31 -2.03 12.54 8.34
N ILE A 32 -1.09 11.79 7.79
CA ILE A 32 -0.94 11.65 6.36
C ILE A 32 -1.11 10.18 6.00
N PHE A 33 -1.20 9.87 4.71
CA PHE A 33 -1.30 8.48 4.25
C PHE A 33 -2.62 7.85 4.67
N THR A 34 -3.60 7.91 3.80
CA THR A 34 -4.92 7.40 4.09
C THR A 34 -4.98 5.88 3.90
N HIS A 35 -4.56 5.41 2.73
CA HIS A 35 -4.67 4.00 2.36
C HIS A 35 -3.40 3.19 2.68
N LEU A 36 -2.29 3.88 2.88
CA LEU A 36 -0.97 3.23 2.93
C LEU A 36 -0.85 2.18 4.04
N GLU A 37 -1.29 2.51 5.25
CA GLU A 37 -1.14 1.60 6.37
C GLU A 37 -1.90 0.31 6.14
N ARG A 38 -3.14 0.45 5.67
CA ARG A 38 -4.01 -0.70 5.48
C ARG A 38 -3.49 -1.58 4.35
N LEU A 39 -2.86 -0.94 3.35
CA LEU A 39 -2.33 -1.67 2.20
C LEU A 39 -1.21 -2.63 2.61
N LEU A 40 -0.65 -2.43 3.80
CA LEU A 40 0.33 -3.38 4.32
C LEU A 40 -0.42 -4.51 5.05
N ASP A 41 -1.57 -4.18 5.60
CA ASP A 41 -2.33 -5.15 6.36
C ASP A 41 -2.91 -6.19 5.42
N GLU A 42 -3.25 -5.78 4.19
CA GLU A 42 -3.58 -6.75 3.16
C GLU A 42 -2.32 -7.44 2.69
N GLU A 43 -1.32 -6.66 2.29
CA GLU A 43 -0.14 -7.19 1.62
C GLU A 43 0.63 -8.14 2.53
N ILE A 44 0.96 -7.66 3.72
CA ILE A 44 1.73 -8.42 4.68
C ILE A 44 1.01 -9.70 5.04
N SER A 45 -0.29 -9.58 5.29
CA SER A 45 -1.08 -10.74 5.68
C SER A 45 -1.26 -11.73 4.51
N ARG A 46 -1.45 -11.20 3.30
CA ARG A 46 -1.73 -12.05 2.14
C ARG A 46 -0.45 -12.74 1.68
N VAL A 47 0.66 -12.01 1.71
CA VAL A 47 1.97 -12.56 1.35
C VAL A 47 2.32 -13.77 2.21
N ARG A 48 1.79 -13.81 3.43
CA ARG A 48 2.11 -14.87 4.37
C ARG A 48 1.42 -16.18 4.00
N LYS A 49 0.26 -16.11 3.37
CA LYS A 49 -0.41 -17.32 2.88
C LYS A 49 0.03 -17.60 1.46
N ASP A 50 0.10 -16.54 0.68
CA ASP A 50 0.45 -16.62 -0.75
C ASP A 50 1.86 -17.19 -0.96
N MET A 51 2.61 -17.37 0.12
CA MET A 51 3.92 -18.03 0.07
C MET A 51 3.81 -19.40 -0.58
N TYR A 52 2.70 -20.07 -0.31
CA TYR A 52 2.52 -21.45 -0.73
C TYR A 52 1.61 -21.54 -1.95
N GLY B 1 -7.69 -18.82 6.91
CA GLY B 1 -7.40 -17.50 7.52
C GLY B 1 -8.49 -16.50 7.22
N SER B 2 -8.62 -15.49 8.08
CA SER B 2 -9.63 -14.47 7.89
C SER B 2 -9.08 -13.33 7.05
N LYS B 3 -9.75 -13.04 5.95
CA LYS B 3 -9.35 -11.97 5.06
C LYS B 3 -10.59 -11.29 4.49
N GLU B 4 -10.55 -9.96 4.44
CA GLU B 4 -11.68 -9.19 3.92
C GLU B 4 -11.27 -8.48 2.64
N LYS B 5 -12.26 -8.20 1.80
CA LYS B 5 -12.00 -7.54 0.54
C LYS B 5 -12.65 -6.16 0.51
N PRO B 6 -11.86 -5.10 0.31
CA PRO B 6 -12.37 -3.75 0.16
C PRO B 6 -13.04 -3.56 -1.20
N LYS B 7 -13.96 -2.60 -1.29
CA LYS B 7 -14.69 -2.38 -2.52
C LYS B 7 -14.28 -1.05 -3.16
N PRO B 8 -13.80 -1.11 -4.40
CA PRO B 8 -13.37 0.07 -5.15
C PRO B 8 -14.53 1.02 -5.47
N THR B 9 -14.43 2.25 -4.97
CA THR B 9 -15.40 3.28 -5.25
C THR B 9 -14.68 4.57 -5.64
N PRO B 10 -15.38 5.56 -6.21
CA PRO B 10 -14.77 6.86 -6.49
C PRO B 10 -14.16 7.46 -5.23
N ASP B 11 -14.92 7.38 -4.13
CA ASP B 11 -14.46 7.84 -2.82
C ASP B 11 -13.14 7.19 -2.45
N TYR B 12 -13.08 5.88 -2.68
CA TYR B 12 -11.89 5.07 -2.44
C TYR B 12 -10.73 5.62 -3.27
N LEU B 13 -11.03 6.02 -4.49
CA LEU B 13 -10.01 6.45 -5.44
C LEU B 13 -9.59 7.91 -5.20
N MET B 14 -10.51 8.74 -4.73
CA MET B 14 -10.23 10.16 -4.58
C MET B 14 -9.26 10.37 -3.43
N GLN B 15 -9.44 9.57 -2.39
CA GLN B 15 -8.56 9.60 -1.24
C GLN B 15 -7.18 9.11 -1.63
N LEU B 16 -7.14 8.12 -2.50
CA LEU B 16 -5.88 7.58 -3.03
C LEU B 16 -5.12 8.62 -3.83
N MET B 17 -5.85 9.47 -4.54
CA MET B 17 -5.22 10.46 -5.40
C MET B 17 -4.42 11.44 -4.57
N ASN B 18 -4.85 11.66 -3.34
CA ASN B 18 -4.19 12.61 -2.47
C ASN B 18 -3.00 11.95 -1.78
N ASP B 19 -3.09 10.63 -1.61
CA ASP B 19 -2.04 9.89 -0.92
C ASP B 19 -0.79 9.80 -1.79
N LYS B 20 -0.98 9.39 -3.04
CA LYS B 20 0.13 9.26 -3.98
C LYS B 20 0.70 10.65 -4.30
N LYS B 21 -0.10 11.67 -4.12
CA LYS B 21 0.32 13.02 -4.43
C LYS B 21 1.12 13.58 -3.26
N LEU B 22 0.55 13.47 -2.07
CA LEU B 22 1.17 13.95 -0.85
C LEU B 22 2.50 13.25 -0.58
N MET B 23 2.54 11.94 -0.81
CA MET B 23 3.75 11.16 -0.55
C MET B 23 4.91 11.66 -1.42
N SER B 24 4.59 12.05 -2.64
CA SER B 24 5.60 12.48 -3.59
C SER B 24 6.06 13.90 -3.31
N SER B 25 5.38 14.57 -2.39
CA SER B 25 5.72 15.93 -2.02
C SER B 25 6.41 15.97 -0.66
N LEU B 26 6.42 14.82 0.01
CA LEU B 26 7.01 14.72 1.34
C LEU B 26 8.53 14.79 1.29
N PRO B 27 9.15 15.38 2.33
CA PRO B 27 10.58 15.56 2.41
C PRO B 27 11.21 14.51 3.31
N ASN B 28 11.28 13.30 2.77
CA ASN B 28 11.70 12.11 3.52
C ASN B 28 11.20 10.84 2.88
N PHE B 29 10.40 10.96 1.83
CA PHE B 29 9.71 9.82 1.26
C PHE B 29 10.69 8.88 0.59
N SER B 30 11.49 9.40 -0.34
CA SER B 30 12.54 8.62 -0.99
C SER B 30 13.66 8.29 0.01
N GLY B 31 13.33 7.45 0.97
CA GLY B 31 14.28 7.00 1.96
C GLY B 31 13.63 6.03 2.92
N ILE B 32 12.34 6.22 3.13
CA ILE B 32 11.54 5.32 3.93
C ILE B 32 10.44 4.74 3.06
N PHE B 33 9.70 3.75 3.56
CA PHE B 33 8.58 3.17 2.81
C PHE B 33 9.05 2.44 1.57
N THR B 34 9.27 1.14 1.69
CA THR B 34 9.76 0.34 0.59
C THR B 34 8.64 -0.04 -0.37
N HIS B 35 7.57 -0.60 0.17
CA HIS B 35 6.46 -1.13 -0.65
C HIS B 35 5.33 -0.13 -0.85
N LEU B 36 5.28 0.90 -0.01
CA LEU B 36 4.10 1.76 0.09
C LEU B 36 3.76 2.47 -1.22
N GLU B 37 4.77 3.05 -1.88
CA GLU B 37 4.52 3.82 -3.10
C GLU B 37 3.93 2.94 -4.18
N ARG B 38 4.51 1.76 -4.35
CA ARG B 38 4.09 0.85 -5.40
C ARG B 38 2.71 0.31 -5.13
N LEU B 39 2.37 0.16 -3.85
CA LEU B 39 1.06 -0.36 -3.46
C LEU B 39 -0.06 0.58 -3.87
N LEU B 40 0.28 1.83 -4.18
CA LEU B 40 -0.72 2.76 -4.72
C LEU B 40 -0.80 2.58 -6.23
N ASP B 41 0.32 2.18 -6.82
CA ASP B 41 0.38 2.04 -8.26
C ASP B 41 -0.45 0.84 -8.68
N GLU B 42 -0.48 -0.20 -7.85
CA GLU B 42 -1.43 -1.28 -8.05
C GLU B 42 -2.83 -0.80 -7.71
N GLU B 43 -3.00 -0.26 -6.51
CA GLU B 43 -4.33 0.04 -5.98
C GLU B 43 -5.04 1.08 -6.83
N ILE B 44 -4.37 2.20 -7.04
CA ILE B 44 -4.93 3.31 -7.79
C ILE B 44 -5.28 2.89 -9.20
N SER B 45 -4.37 2.14 -9.81
CA SER B 45 -4.58 1.70 -11.19
C SER B 45 -5.69 0.63 -11.26
N ARG B 46 -5.72 -0.27 -10.30
CA ARG B 46 -6.67 -1.38 -10.32
C ARG B 46 -8.07 -0.90 -9.98
N VAL B 47 -8.16 0.01 -9.01
CA VAL B 47 -9.43 0.60 -8.61
C VAL B 47 -10.12 1.29 -9.80
N ARG B 48 -9.33 1.75 -10.76
CA ARG B 48 -9.86 2.48 -11.89
C ARG B 48 -10.56 1.56 -12.89
N LYS B 49 -10.12 0.32 -12.99
CA LYS B 49 -10.83 -0.66 -13.82
C LYS B 49 -11.89 -1.36 -13.00
N ASP B 50 -11.50 -1.72 -11.79
CA ASP B 50 -12.37 -2.47 -10.86
C ASP B 50 -13.66 -1.70 -10.53
N MET B 51 -13.73 -0.44 -10.96
CA MET B 51 -14.95 0.36 -10.82
C MET B 51 -16.14 -0.36 -11.43
N TYR B 52 -15.90 -1.04 -12.54
CA TYR B 52 -16.96 -1.64 -13.32
C TYR B 52 -17.03 -3.14 -13.06
N GLY A 1 -1.99 -0.45 -17.14
CA GLY A 1 -0.88 -1.44 -17.07
C GLY A 1 0.41 -0.79 -16.58
N SER A 2 1.53 -1.26 -17.11
CA SER A 2 2.85 -0.75 -16.74
C SER A 2 3.14 -1.02 -15.28
N LYS A 3 2.95 -2.27 -14.87
CA LYS A 3 3.24 -2.67 -13.50
C LYS A 3 4.60 -3.36 -13.45
N GLU A 4 5.24 -3.31 -12.29
CA GLU A 4 6.60 -3.81 -12.15
C GLU A 4 6.60 -5.31 -11.83
N LYS A 5 6.08 -6.09 -12.79
CA LYS A 5 5.98 -7.57 -12.70
C LYS A 5 5.74 -8.08 -11.26
N PRO A 6 4.69 -7.59 -10.61
CA PRO A 6 4.38 -7.92 -9.21
C PRO A 6 4.29 -9.41 -8.94
N LYS A 7 5.18 -9.89 -8.08
CA LYS A 7 5.17 -11.27 -7.64
C LYS A 7 5.36 -11.32 -6.14
N PRO A 8 4.70 -12.28 -5.48
CA PRO A 8 4.79 -12.45 -4.04
C PRO A 8 6.03 -13.27 -3.64
N THR A 9 7.00 -12.61 -3.04
CA THR A 9 8.21 -13.27 -2.60
C THR A 9 8.47 -12.95 -1.13
N PRO A 10 9.31 -13.74 -0.44
CA PRO A 10 9.68 -13.45 0.94
C PRO A 10 10.33 -12.07 1.07
N ASP A 11 11.24 -11.76 0.15
CA ASP A 11 11.92 -10.45 0.15
C ASP A 11 10.91 -9.31 0.09
N TYR A 12 9.88 -9.50 -0.73
CA TYR A 12 8.80 -8.53 -0.85
C TYR A 12 8.11 -8.34 0.49
N LEU A 13 7.98 -9.44 1.22
CA LEU A 13 7.27 -9.45 2.49
C LEU A 13 8.14 -8.97 3.64
N MET A 14 9.44 -9.24 3.57
CA MET A 14 10.33 -8.94 4.69
C MET A 14 10.52 -7.44 4.79
N GLN A 15 10.53 -6.80 3.64
CA GLN A 15 10.70 -5.36 3.57
C GLN A 15 9.40 -4.69 4.00
N LEU A 16 8.28 -5.31 3.65
CA LEU A 16 6.97 -4.82 4.08
C LEU A 16 6.85 -4.82 5.59
N MET A 17 7.43 -5.83 6.23
CA MET A 17 7.33 -5.98 7.68
C MET A 17 7.98 -4.79 8.37
N ASN A 18 9.04 -4.25 7.77
CA ASN A 18 9.77 -3.17 8.41
C ASN A 18 9.09 -1.84 8.11
N ASP A 19 8.41 -1.77 6.97
CA ASP A 19 7.71 -0.55 6.58
C ASP A 19 6.51 -0.34 7.48
N LYS A 20 5.80 -1.43 7.72
CA LYS A 20 4.64 -1.43 8.61
C LYS A 20 5.06 -1.03 10.04
N LYS A 21 6.32 -1.23 10.38
CA LYS A 21 6.80 -0.87 11.70
C LYS A 21 7.27 0.59 11.69
N LEU A 22 7.94 0.98 10.59
CA LEU A 22 8.34 2.36 10.38
C LEU A 22 7.18 3.31 10.58
N MET A 23 6.06 3.02 9.92
CA MET A 23 4.89 3.89 9.97
C MET A 23 4.32 3.95 11.38
N SER A 24 4.46 2.86 12.11
CA SER A 24 3.98 2.80 13.49
C SER A 24 4.95 3.51 14.44
N SER A 25 6.10 3.93 13.92
CA SER A 25 7.09 4.63 14.74
C SER A 25 7.16 6.11 14.38
N LEU A 26 6.45 6.47 13.31
CA LEU A 26 6.41 7.85 12.85
C LEU A 26 5.17 8.56 13.38
N PRO A 27 5.36 9.55 14.26
CA PRO A 27 4.25 10.32 14.86
C PRO A 27 3.50 11.13 13.82
N ASN A 28 4.18 11.53 12.75
CA ASN A 28 3.58 12.31 11.69
C ASN A 28 2.70 11.43 10.83
N PHE A 29 2.97 10.12 10.88
CA PHE A 29 2.18 9.14 10.12
C PHE A 29 0.79 9.03 10.70
N SER A 30 -0.01 9.99 10.34
CA SER A 30 -1.38 10.10 10.77
C SER A 30 -2.07 11.17 9.94
N GLY A 31 -1.36 12.29 9.73
CA GLY A 31 -1.86 13.35 8.88
C GLY A 31 -1.57 13.06 7.41
N ILE A 32 -0.50 12.35 7.12
CA ILE A 32 -0.18 12.00 5.75
C ILE A 32 -0.39 10.52 5.51
N PHE A 33 -0.66 10.16 4.26
CA PHE A 33 -0.81 8.78 3.84
C PHE A 33 -2.02 8.12 4.50
N THR A 34 -3.18 8.37 3.92
CA THR A 34 -4.44 7.90 4.47
C THR A 34 -4.55 6.38 4.39
N HIS A 35 -4.41 5.85 3.18
CA HIS A 35 -4.66 4.43 2.93
C HIS A 35 -3.42 3.57 3.05
N LEU A 36 -2.25 4.20 3.12
CA LEU A 36 -0.98 3.48 3.07
C LEU A 36 -0.84 2.48 4.20
N GLU A 37 -1.21 2.89 5.41
CA GLU A 37 -1.12 2.03 6.59
C GLU A 37 -1.91 0.74 6.38
N ARG A 38 -3.17 0.90 6.01
CA ARG A 38 -4.05 -0.23 5.80
C ARG A 38 -3.62 -1.05 4.59
N LEU A 39 -2.95 -0.42 3.63
CA LEU A 39 -2.52 -1.13 2.43
C LEU A 39 -1.38 -2.10 2.73
N LEU A 40 -0.77 -1.96 3.89
CA LEU A 40 0.20 -2.96 4.30
C LEU A 40 -0.56 -4.11 4.95
N ASP A 41 -1.67 -3.76 5.59
CA ASP A 41 -2.46 -4.75 6.27
C ASP A 41 -3.07 -5.68 5.24
N GLU A 42 -3.60 -5.10 4.15
CA GLU A 42 -4.07 -5.90 3.02
C GLU A 42 -2.91 -6.62 2.33
N GLU A 43 -1.93 -5.85 1.85
CA GLU A 43 -0.88 -6.41 0.99
C GLU A 43 -0.02 -7.43 1.76
N ILE A 44 0.37 -7.08 2.97
CA ILE A 44 1.21 -7.96 3.78
C ILE A 44 0.46 -9.25 4.06
N SER A 45 -0.82 -9.12 4.33
CA SER A 45 -1.65 -10.29 4.58
C SER A 45 -1.85 -11.15 3.33
N ARG A 46 -2.14 -10.49 2.20
CA ARG A 46 -2.42 -11.23 0.96
C ARG A 46 -1.15 -11.89 0.42
N VAL A 47 -0.03 -11.17 0.48
CA VAL A 47 1.26 -11.68 0.03
C VAL A 47 1.61 -12.98 0.76
N ARG A 48 1.18 -13.10 2.00
CA ARG A 48 1.54 -14.26 2.82
C ARG A 48 0.86 -15.53 2.33
N LYS A 49 -0.33 -15.41 1.76
CA LYS A 49 -1.00 -16.56 1.15
C LYS A 49 -0.59 -16.69 -0.31
N ASP A 50 -0.64 -15.55 -1.00
CA ASP A 50 -0.41 -15.50 -2.44
C ASP A 50 1.00 -15.98 -2.83
N MET A 51 1.90 -16.07 -1.87
CA MET A 51 3.27 -16.52 -2.16
C MET A 51 3.33 -18.03 -2.19
N TYR A 52 4.51 -18.57 -2.47
CA TYR A 52 4.69 -20.01 -2.53
C TYR A 52 4.89 -20.60 -1.13
N GLY B 1 -6.62 -13.28 8.79
CA GLY B 1 -7.90 -12.58 8.55
C GLY B 1 -7.96 -11.24 9.26
N SER B 2 -9.15 -10.88 9.74
CA SER B 2 -9.36 -9.62 10.44
C SER B 2 -9.08 -8.42 9.53
N LYS B 3 -9.68 -8.47 8.34
CA LYS B 3 -9.55 -7.38 7.40
C LYS B 3 -10.78 -6.47 7.47
N GLU B 4 -10.60 -5.20 7.11
CA GLU B 4 -11.63 -4.20 7.26
C GLU B 4 -12.56 -4.18 6.06
N LYS B 5 -13.24 -5.32 5.84
CA LYS B 5 -14.20 -5.52 4.73
C LYS B 5 -13.80 -4.78 3.44
N PRO B 6 -12.58 -5.02 2.94
CA PRO B 6 -12.04 -4.33 1.76
C PRO B 6 -12.93 -4.41 0.53
N LYS B 7 -13.40 -3.25 0.10
CA LYS B 7 -14.18 -3.14 -1.12
C LYS B 7 -13.68 -1.97 -1.95
N PRO B 8 -13.69 -2.13 -3.28
CA PRO B 8 -13.26 -1.08 -4.19
C PRO B 8 -14.35 -0.04 -4.46
N THR B 9 -14.16 1.15 -3.93
CA THR B 9 -15.11 2.23 -4.13
C THR B 9 -14.40 3.47 -4.65
N PRO B 10 -15.12 4.43 -5.23
CA PRO B 10 -14.53 5.69 -5.68
C PRO B 10 -13.84 6.43 -4.52
N ASP B 11 -14.54 6.49 -3.38
CA ASP B 11 -13.99 7.15 -2.18
C ASP B 11 -12.65 6.55 -1.79
N TYR B 12 -12.56 5.23 -1.89
CA TYR B 12 -11.33 4.50 -1.61
C TYR B 12 -10.23 4.97 -2.56
N LEU B 13 -10.61 5.22 -3.81
CA LEU B 13 -9.67 5.59 -4.85
C LEU B 13 -9.32 7.08 -4.81
N MET B 14 -10.27 7.91 -4.39
CA MET B 14 -10.08 9.37 -4.45
C MET B 14 -9.06 9.77 -3.40
N GLN B 15 -9.12 9.07 -2.28
CA GLN B 15 -8.22 9.34 -1.18
C GLN B 15 -6.84 8.81 -1.51
N LEU B 16 -6.80 7.68 -2.22
CA LEU B 16 -5.55 7.12 -2.70
C LEU B 16 -4.83 8.08 -3.64
N MET B 17 -5.59 8.78 -4.45
CA MET B 17 -5.01 9.69 -5.42
C MET B 17 -4.23 10.79 -4.73
N ASN B 18 -4.69 11.21 -3.56
CA ASN B 18 -4.05 12.31 -2.86
C ASN B 18 -2.86 11.81 -2.07
N ASP B 19 -2.93 10.55 -1.64
CA ASP B 19 -1.85 9.96 -0.87
C ASP B 19 -0.64 9.75 -1.77
N LYS B 20 -0.91 9.25 -2.97
CA LYS B 20 0.11 9.05 -3.99
C LYS B 20 0.79 10.37 -4.36
N LYS B 21 0.09 11.49 -4.15
CA LYS B 21 0.66 12.79 -4.47
C LYS B 21 1.41 13.32 -3.25
N LEU B 22 0.85 13.09 -2.06
CA LEU B 22 1.51 13.42 -0.80
C LEU B 22 2.92 12.86 -0.76
N MET B 23 3.05 11.57 -1.06
CA MET B 23 4.34 10.90 -0.98
C MET B 23 5.31 11.47 -2.01
N SER B 24 4.78 11.93 -3.13
CA SER B 24 5.59 12.53 -4.18
C SER B 24 5.97 13.97 -3.83
N SER B 25 5.42 14.49 -2.73
CA SER B 25 5.70 15.86 -2.31
C SER B 25 6.56 15.85 -1.05
N LEU B 26 6.74 14.67 -0.48
CA LEU B 26 7.54 14.51 0.74
C LEU B 26 8.97 14.10 0.38
N PRO B 27 9.95 14.97 0.64
CA PRO B 27 11.36 14.70 0.35
C PRO B 27 11.92 13.56 1.19
N ASN B 28 11.35 13.38 2.37
CA ASN B 28 11.78 12.31 3.27
C ASN B 28 11.27 10.96 2.78
N PHE B 29 10.22 11.01 1.96
CA PHE B 29 9.64 9.81 1.39
C PHE B 29 10.59 9.20 0.38
N SER B 30 11.56 8.52 0.91
CA SER B 30 12.58 7.84 0.15
C SER B 30 13.37 6.94 1.08
N GLY B 31 13.68 7.45 2.27
CA GLY B 31 14.32 6.64 3.28
C GLY B 31 13.34 5.81 4.07
N ILE B 32 12.10 6.27 4.19
CA ILE B 32 11.08 5.50 4.89
C ILE B 32 10.05 4.98 3.91
N PHE B 33 9.41 3.88 4.29
CA PHE B 33 8.32 3.29 3.51
C PHE B 33 8.82 2.79 2.16
N THR B 34 9.40 1.60 2.17
CA THR B 34 10.01 1.02 0.97
C THR B 34 8.96 0.69 -0.08
N HIS B 35 7.98 -0.12 0.31
CA HIS B 35 7.00 -0.68 -0.64
C HIS B 35 5.75 0.18 -0.77
N LEU B 36 5.59 1.14 0.14
CA LEU B 36 4.34 1.91 0.22
C LEU B 36 4.04 2.64 -1.09
N GLU B 37 5.06 3.28 -1.65
CA GLU B 37 4.90 4.03 -2.90
C GLU B 37 4.34 3.15 -4.00
N ARG B 38 5.00 2.03 -4.22
CA ARG B 38 4.59 1.09 -5.26
C ARG B 38 3.24 0.45 -4.94
N LEU B 39 2.91 0.35 -3.66
CA LEU B 39 1.65 -0.26 -3.26
C LEU B 39 0.46 0.61 -3.61
N LEU B 40 0.71 1.86 -3.92
CA LEU B 40 -0.36 2.71 -4.45
C LEU B 40 -0.46 2.46 -5.94
N ASP B 41 0.67 2.16 -6.54
CA ASP B 41 0.71 1.93 -7.96
C ASP B 41 -0.05 0.65 -8.26
N GLU B 42 0.17 -0.39 -7.47
CA GLU B 42 -0.62 -1.61 -7.56
C GLU B 42 -2.08 -1.36 -7.17
N GLU B 43 -2.29 -0.90 -5.93
CA GLU B 43 -3.64 -0.81 -5.37
C GLU B 43 -4.51 0.18 -6.15
N ILE B 44 -3.95 1.34 -6.45
CA ILE B 44 -4.69 2.38 -7.17
C ILE B 44 -5.07 1.86 -8.55
N SER B 45 -4.14 1.16 -9.17
CA SER B 45 -4.40 0.58 -10.47
C SER B 45 -5.44 -0.55 -10.41
N ARG B 46 -5.31 -1.44 -9.45
CA ARG B 46 -6.20 -2.59 -9.35
C ARG B 46 -7.62 -2.16 -8.94
N VAL B 47 -7.71 -1.22 -8.00
CA VAL B 47 -8.99 -0.69 -7.54
C VAL B 47 -9.79 -0.10 -8.71
N ARG B 48 -9.10 0.42 -9.71
CA ARG B 48 -9.76 1.09 -10.83
C ARG B 48 -10.50 0.09 -11.72
N LYS B 49 -9.99 -1.13 -11.82
CA LYS B 49 -10.69 -2.19 -12.53
C LYS B 49 -11.64 -2.92 -11.59
N ASP B 50 -11.10 -3.27 -10.43
CA ASP B 50 -11.83 -4.10 -9.45
C ASP B 50 -13.11 -3.43 -8.96
N MET B 51 -13.27 -2.13 -9.19
CA MET B 51 -14.47 -1.44 -8.74
C MET B 51 -15.60 -1.61 -9.76
N TYR B 52 -16.75 -1.06 -9.46
CA TYR B 52 -17.90 -1.17 -10.34
C TYR B 52 -17.82 -0.14 -11.47
N GLY A 1 -5.39 0.35 -17.47
CA GLY A 1 -3.91 0.20 -17.55
C GLY A 1 -3.49 -1.25 -17.40
N SER A 2 -2.44 -1.64 -18.11
CA SER A 2 -1.92 -2.99 -18.02
C SER A 2 -0.80 -3.07 -17.00
N LYS A 3 -0.96 -3.97 -16.02
CA LYS A 3 0.01 -4.09 -14.95
C LYS A 3 0.12 -5.54 -14.50
N GLU A 4 1.32 -5.96 -14.13
CA GLU A 4 1.57 -7.33 -13.72
C GLU A 4 1.76 -7.41 -12.20
N LYS A 5 1.11 -8.39 -11.58
CA LYS A 5 1.19 -8.57 -10.13
C LYS A 5 2.52 -9.21 -9.74
N PRO A 6 3.08 -8.81 -8.58
CA PRO A 6 4.34 -9.36 -8.08
C PRO A 6 4.13 -10.68 -7.33
N LYS A 7 5.21 -11.37 -7.03
CA LYS A 7 5.12 -12.63 -6.31
C LYS A 7 5.53 -12.46 -4.85
N PRO A 8 4.81 -13.13 -3.94
CA PRO A 8 5.08 -13.06 -2.51
C PRO A 8 6.22 -14.00 -2.09
N THR A 9 7.34 -13.42 -1.71
CA THR A 9 8.48 -14.17 -1.23
C THR A 9 8.84 -13.75 0.19
N PRO A 10 9.61 -14.56 0.94
CA PRO A 10 10.06 -14.19 2.27
C PRO A 10 10.75 -12.82 2.28
N ASP A 11 11.70 -12.62 1.38
CA ASP A 11 12.43 -11.36 1.29
C ASP A 11 11.45 -10.20 1.04
N TYR A 12 10.47 -10.44 0.18
CA TYR A 12 9.42 -9.47 -0.09
C TYR A 12 8.70 -9.10 1.19
N LEU A 13 8.53 -10.09 2.06
CA LEU A 13 7.82 -9.92 3.32
C LEU A 13 8.71 -9.24 4.35
N MET A 14 10.02 -9.44 4.23
CA MET A 14 10.94 -8.93 5.23
C MET A 14 11.07 -7.44 5.07
N GLN A 15 11.08 -6.99 3.82
CA GLN A 15 11.10 -5.58 3.51
C GLN A 15 9.83 -4.92 4.05
N LEU A 16 8.71 -5.61 3.86
CA LEU A 16 7.42 -5.13 4.33
C LEU A 16 7.38 -4.96 5.84
N MET A 17 8.05 -5.86 6.55
CA MET A 17 8.01 -5.84 8.00
C MET A 17 8.62 -4.57 8.54
N ASN A 18 9.58 -4.01 7.81
CA ASN A 18 10.28 -2.82 8.27
C ASN A 18 9.52 -1.58 7.83
N ASP A 19 8.76 -1.69 6.74
CA ASP A 19 7.97 -0.56 6.23
C ASP A 19 6.82 -0.27 7.17
N LYS A 20 6.11 -1.33 7.56
CA LYS A 20 5.01 -1.22 8.51
C LYS A 20 5.52 -0.73 9.86
N LYS A 21 6.78 -1.01 10.14
CA LYS A 21 7.37 -0.66 11.42
C LYS A 21 7.74 0.82 11.37
N LEU A 22 8.32 1.24 10.25
CA LEU A 22 8.66 2.63 10.03
C LEU A 22 7.44 3.52 10.09
N MET A 23 6.33 3.11 9.47
CA MET A 23 5.10 3.90 9.52
C MET A 23 4.55 3.94 10.95
N SER A 24 4.69 2.84 11.66
CA SER A 24 4.18 2.74 13.02
C SER A 24 5.06 3.53 13.99
N SER A 25 6.26 3.84 13.54
CA SER A 25 7.22 4.59 14.36
C SER A 25 7.06 6.09 14.13
N LEU A 26 6.20 6.44 13.19
CA LEU A 26 5.98 7.84 12.84
C LEU A 26 4.72 8.38 13.52
N PRO A 27 4.88 9.36 14.42
CA PRO A 27 3.74 10.04 15.07
C PRO A 27 2.96 10.90 14.07
N ASN A 28 3.52 11.00 12.87
CA ASN A 28 2.90 11.74 11.80
C ASN A 28 1.99 10.83 10.97
N PHE A 29 2.11 9.52 11.22
CA PHE A 29 1.40 8.53 10.41
C PHE A 29 -0.02 8.38 10.90
N SER A 30 -0.82 9.33 10.52
CA SER A 30 -2.24 9.37 10.82
C SER A 30 -2.89 10.46 9.99
N GLY A 31 -2.19 11.57 9.86
CA GLY A 31 -2.66 12.65 9.02
C GLY A 31 -2.05 12.59 7.63
N ILE A 32 -0.84 12.03 7.53
CA ILE A 32 -0.13 12.00 6.25
C ILE A 32 -0.73 11.02 5.24
N PHE A 33 -0.97 9.77 5.63
CA PHE A 33 -1.45 8.78 4.65
C PHE A 33 -2.66 8.04 5.20
N THR A 34 -3.71 7.95 4.38
CA THR A 34 -4.94 7.28 4.79
C THR A 34 -4.95 5.79 4.41
N HIS A 35 -4.69 5.50 3.14
CA HIS A 35 -4.86 4.13 2.62
C HIS A 35 -3.58 3.31 2.74
N LEU A 36 -2.46 4.00 2.91
CA LEU A 36 -1.15 3.34 2.90
C LEU A 36 -1.04 2.33 4.04
N GLU A 37 -1.60 2.68 5.20
CA GLU A 37 -1.58 1.80 6.37
C GLU A 37 -2.23 0.45 6.06
N ARG A 38 -3.47 0.50 5.59
CA ARG A 38 -4.25 -0.72 5.36
C ARG A 38 -3.63 -1.56 4.26
N LEU A 39 -2.94 -0.91 3.33
CA LEU A 39 -2.35 -1.61 2.20
C LEU A 39 -1.19 -2.52 2.62
N LEU A 40 -0.62 -2.28 3.79
CA LEU A 40 0.38 -3.20 4.33
C LEU A 40 -0.34 -4.31 5.09
N ASP A 41 -1.47 -3.95 5.68
CA ASP A 41 -2.22 -4.89 6.48
C ASP A 41 -2.76 -5.98 5.58
N GLU A 42 -3.08 -5.61 4.34
CA GLU A 42 -3.49 -6.59 3.36
C GLU A 42 -2.28 -7.26 2.72
N GLU A 43 -1.31 -6.48 2.28
CA GLU A 43 -0.16 -7.03 1.54
C GLU A 43 0.65 -7.96 2.43
N ILE A 44 0.95 -7.50 3.63
CA ILE A 44 1.73 -8.26 4.57
C ILE A 44 1.00 -9.54 4.93
N SER A 45 -0.29 -9.41 5.16
CA SER A 45 -1.11 -10.57 5.53
C SER A 45 -1.29 -11.56 4.37
N ARG A 46 -1.42 -11.03 3.16
CA ARG A 46 -1.67 -11.88 2.00
C ARG A 46 -0.37 -12.55 1.55
N VAL A 47 0.74 -11.83 1.66
CA VAL A 47 2.06 -12.40 1.35
C VAL A 47 2.37 -13.54 2.32
N ARG A 48 1.78 -13.49 3.50
CA ARG A 48 1.99 -14.54 4.50
C ARG A 48 1.12 -15.75 4.21
N LYS A 49 -0.02 -15.51 3.57
CA LYS A 49 -0.96 -16.57 3.26
C LYS A 49 -0.57 -17.25 1.95
N ASP A 50 -0.20 -16.45 0.95
CA ASP A 50 0.21 -16.96 -0.35
C ASP A 50 1.55 -17.70 -0.31
N MET A 51 2.09 -17.89 0.89
CA MET A 51 3.31 -18.67 1.04
C MET A 51 2.98 -20.14 1.18
N TYR A 52 1.70 -20.42 1.42
CA TYR A 52 1.24 -21.78 1.58
C TYR A 52 0.22 -22.12 0.51
N GLY B 1 -4.32 -15.85 8.05
CA GLY B 1 -5.28 -14.88 8.62
C GLY B 1 -6.47 -14.67 7.72
N SER B 2 -7.64 -14.47 8.31
CA SER B 2 -8.85 -14.24 7.54
C SER B 2 -9.08 -12.74 7.38
N LYS B 3 -9.21 -12.29 6.13
CA LYS B 3 -9.36 -10.88 5.83
C LYS B 3 -10.27 -10.69 4.62
N GLU B 4 -11.08 -9.64 4.64
CA GLU B 4 -12.01 -9.36 3.56
C GLU B 4 -11.53 -8.19 2.71
N LYS B 5 -11.58 -8.37 1.39
CA LYS B 5 -11.13 -7.33 0.47
C LYS B 5 -12.15 -6.21 0.36
N PRO B 6 -11.68 -4.96 0.21
CA PRO B 6 -12.54 -3.78 0.08
C PRO B 6 -13.03 -3.59 -1.35
N LYS B 7 -14.01 -2.72 -1.54
CA LYS B 7 -14.54 -2.46 -2.87
C LYS B 7 -14.02 -1.14 -3.42
N PRO B 8 -13.71 -1.11 -4.72
CA PRO B 8 -13.20 0.09 -5.39
C PRO B 8 -14.31 1.06 -5.78
N THR B 9 -14.35 2.19 -5.12
CA THR B 9 -15.31 3.23 -5.44
C THR B 9 -14.61 4.53 -5.81
N PRO B 10 -15.29 5.48 -6.47
CA PRO B 10 -14.70 6.78 -6.79
C PRO B 10 -14.11 7.46 -5.56
N ASP B 11 -14.89 7.53 -4.48
CA ASP B 11 -14.43 8.15 -3.24
C ASP B 11 -13.17 7.46 -2.72
N TYR B 12 -13.16 6.13 -2.82
CA TYR B 12 -12.01 5.33 -2.44
C TYR B 12 -10.80 5.75 -3.25
N LEU B 13 -11.03 6.10 -4.50
CA LEU B 13 -9.97 6.49 -5.41
C LEU B 13 -9.54 7.92 -5.17
N MET B 14 -10.45 8.74 -4.67
CA MET B 14 -10.18 10.16 -4.49
C MET B 14 -9.26 10.34 -3.30
N GLN B 15 -9.49 9.54 -2.28
CA GLN B 15 -8.63 9.52 -1.11
C GLN B 15 -7.23 9.09 -1.51
N LEU B 16 -7.16 8.08 -2.36
CA LEU B 16 -5.90 7.56 -2.86
C LEU B 16 -5.11 8.59 -3.64
N MET B 17 -5.82 9.44 -4.38
CA MET B 17 -5.15 10.42 -5.23
C MET B 17 -4.36 11.40 -4.40
N ASN B 18 -4.81 11.64 -3.18
CA ASN B 18 -4.16 12.61 -2.33
C ASN B 18 -3.03 11.94 -1.53
N ASP B 19 -3.17 10.64 -1.30
CA ASP B 19 -2.15 9.89 -0.56
C ASP B 19 -0.89 9.75 -1.40
N LYS B 20 -1.09 9.38 -2.67
CA LYS B 20 0.01 9.26 -3.63
C LYS B 20 0.65 10.62 -3.85
N LYS B 21 -0.12 11.67 -3.66
CA LYS B 21 0.36 13.02 -3.90
C LYS B 21 1.18 13.45 -2.70
N LEU B 22 0.66 13.15 -1.51
CA LEU B 22 1.36 13.43 -0.27
C LEU B 22 2.71 12.73 -0.21
N MET B 23 2.77 11.45 -0.61
CA MET B 23 4.04 10.74 -0.62
C MET B 23 4.97 11.33 -1.66
N SER B 24 4.43 11.76 -2.79
CA SER B 24 5.23 12.33 -3.85
C SER B 24 5.72 13.72 -3.49
N SER B 25 5.07 14.32 -2.49
CA SER B 25 5.41 15.66 -2.04
C SER B 25 6.47 15.60 -0.94
N LEU B 26 6.81 14.39 -0.53
CA LEU B 26 7.78 14.19 0.54
C LEU B 26 9.15 13.83 -0.02
N PRO B 27 10.16 14.70 0.21
CA PRO B 27 11.55 14.43 -0.19
C PRO B 27 12.15 13.30 0.64
N ASN B 28 11.40 12.89 1.66
CA ASN B 28 11.81 11.80 2.53
C ASN B 28 11.30 10.47 1.98
N PHE B 29 10.42 10.54 1.00
CA PHE B 29 9.76 9.36 0.46
C PHE B 29 10.66 8.65 -0.54
N SER B 30 11.61 7.95 -0.01
CA SER B 30 12.55 7.16 -0.76
C SER B 30 13.34 6.26 0.18
N GLY B 31 13.68 6.82 1.34
CA GLY B 31 14.34 6.06 2.37
C GLY B 31 13.36 5.53 3.39
N ILE B 32 12.25 6.25 3.59
CA ILE B 32 11.29 5.86 4.62
C ILE B 32 10.49 4.61 4.25
N PHE B 33 9.90 4.52 3.06
CA PHE B 33 9.04 3.38 2.75
C PHE B 33 9.43 2.79 1.40
N THR B 34 9.58 1.48 1.36
CA THR B 34 9.98 0.79 0.13
C THR B 34 8.76 0.32 -0.68
N HIS B 35 7.86 -0.42 -0.04
CA HIS B 35 6.76 -1.07 -0.76
C HIS B 35 5.52 -0.21 -0.85
N LEU B 36 5.45 0.80 0.02
CA LEU B 36 4.26 1.64 0.12
C LEU B 36 3.97 2.37 -1.19
N GLU B 37 5.02 2.82 -1.86
CA GLU B 37 4.89 3.52 -3.13
C GLU B 37 4.18 2.66 -4.17
N ARG B 38 4.69 1.46 -4.39
CA ARG B 38 4.17 0.59 -5.43
C ARG B 38 2.74 0.15 -5.12
N LEU B 39 2.42 0.08 -3.83
CA LEU B 39 1.10 -0.37 -3.40
C LEU B 39 0.00 0.62 -3.79
N LEU B 40 0.36 1.86 -4.04
CA LEU B 40 -0.62 2.82 -4.57
C LEU B 40 -0.68 2.68 -6.08
N ASP B 41 0.46 2.34 -6.66
CA ASP B 41 0.56 2.22 -8.10
C ASP B 41 -0.31 1.07 -8.57
N GLU B 42 -0.40 0.04 -7.73
CA GLU B 42 -1.29 -1.07 -8.01
C GLU B 42 -2.71 -0.74 -7.59
N GLU B 43 -2.89 -0.24 -6.37
CA GLU B 43 -4.23 -0.02 -5.82
C GLU B 43 -4.96 1.04 -6.63
N ILE B 44 -4.29 2.16 -6.87
CA ILE B 44 -4.87 3.26 -7.61
C ILE B 44 -5.20 2.82 -9.03
N SER B 45 -4.29 2.06 -9.63
CA SER B 45 -4.49 1.59 -11.00
C SER B 45 -5.60 0.52 -11.08
N ARG B 46 -5.68 -0.34 -10.07
CA ARG B 46 -6.65 -1.44 -10.09
C ARG B 46 -8.04 -0.91 -9.74
N VAL B 47 -8.10 0.05 -8.82
CA VAL B 47 -9.36 0.70 -8.47
C VAL B 47 -9.94 1.44 -9.69
N ARG B 48 -9.06 1.84 -10.60
CA ARG B 48 -9.49 2.54 -11.82
C ARG B 48 -9.99 1.54 -12.86
N LYS B 49 -9.46 0.33 -12.80
CA LYS B 49 -9.81 -0.69 -13.76
C LYS B 49 -11.08 -1.42 -13.31
N ASP B 50 -11.16 -1.73 -12.01
CA ASP B 50 -12.31 -2.41 -11.43
C ASP B 50 -13.56 -1.54 -11.40
N MET B 51 -13.49 -0.35 -11.99
CA MET B 51 -14.64 0.52 -12.09
C MET B 51 -15.44 0.18 -13.33
N TYR B 52 -14.83 -0.61 -14.21
CA TYR B 52 -15.47 -1.01 -15.45
C TYR B 52 -15.62 -2.52 -15.50
N GLY A 1 -1.87 2.95 -19.40
CA GLY A 1 -1.65 2.60 -17.98
C GLY A 1 -1.56 1.09 -17.78
N SER A 2 -0.42 0.63 -17.31
CA SER A 2 -0.21 -0.79 -17.07
C SER A 2 0.82 -0.99 -15.97
N LYS A 3 0.53 -1.91 -15.07
CA LYS A 3 1.42 -2.16 -13.94
C LYS A 3 1.85 -3.63 -13.93
N GLU A 4 3.14 -3.86 -13.84
CA GLU A 4 3.70 -5.20 -13.76
C GLU A 4 3.37 -5.83 -12.41
N LYS A 5 3.00 -7.10 -12.42
CA LYS A 5 2.60 -7.78 -11.20
C LYS A 5 3.82 -8.34 -10.47
N PRO A 6 3.91 -8.13 -9.15
CA PRO A 6 5.03 -8.58 -8.33
C PRO A 6 4.86 -10.02 -7.86
N LYS A 7 5.85 -10.53 -7.13
CA LYS A 7 5.80 -11.89 -6.63
C LYS A 7 5.99 -11.90 -5.11
N PRO A 8 5.11 -12.63 -4.38
CA PRO A 8 5.23 -12.77 -2.93
C PRO A 8 6.37 -13.70 -2.54
N THR A 9 7.44 -13.13 -2.01
CA THR A 9 8.59 -13.89 -1.58
C THR A 9 9.04 -13.42 -0.21
N PRO A 10 9.83 -14.23 0.53
CA PRO A 10 10.33 -13.85 1.85
C PRO A 10 10.97 -12.46 1.87
N ASP A 11 11.86 -12.20 0.91
CA ASP A 11 12.54 -10.91 0.82
C ASP A 11 11.52 -9.78 0.68
N TYR A 12 10.47 -10.04 -0.10
CA TYR A 12 9.40 -9.10 -0.30
C TYR A 12 8.67 -8.85 1.02
N LEU A 13 8.54 -9.90 1.81
CA LEU A 13 7.81 -9.82 3.07
C LEU A 13 8.66 -9.18 4.16
N MET A 14 9.97 -9.37 4.10
CA MET A 14 10.85 -8.89 5.16
C MET A 14 10.96 -7.38 5.07
N GLN A 15 10.96 -6.88 3.84
CA GLN A 15 11.02 -5.46 3.58
C GLN A 15 9.73 -4.80 4.05
N LEU A 16 8.61 -5.48 3.83
CA LEU A 16 7.31 -4.98 4.28
C LEU A 16 7.26 -4.88 5.80
N MET A 17 7.95 -5.78 6.49
CA MET A 17 7.92 -5.80 7.94
C MET A 17 8.51 -4.52 8.51
N ASN A 18 9.50 -3.97 7.82
CA ASN A 18 10.20 -2.80 8.31
C ASN A 18 9.38 -1.55 7.99
N ASP A 19 8.64 -1.60 6.89
CA ASP A 19 7.85 -0.45 6.44
C ASP A 19 6.65 -0.26 7.36
N LYS A 20 5.92 -1.35 7.59
CA LYS A 20 4.73 -1.32 8.44
C LYS A 20 5.09 -0.87 9.85
N LYS A 21 6.29 -1.21 10.29
CA LYS A 21 6.69 -0.90 11.66
C LYS A 21 7.24 0.52 11.72
N LEU A 22 7.97 0.91 10.67
CA LEU A 22 8.49 2.26 10.57
C LEU A 22 7.34 3.27 10.56
N MET A 23 6.27 2.95 9.82
CA MET A 23 5.11 3.82 9.78
C MET A 23 4.39 3.82 11.13
N SER A 24 4.44 2.68 11.80
CA SER A 24 3.81 2.53 13.10
C SER A 24 4.55 3.32 14.17
N SER A 25 5.82 3.62 13.91
CA SER A 25 6.62 4.39 14.85
C SER A 25 6.60 5.88 14.49
N LEU A 26 5.83 6.20 13.46
CA LEU A 26 5.70 7.58 13.01
C LEU A 26 4.37 8.15 13.48
N PRO A 27 4.40 9.14 14.39
CA PRO A 27 3.19 9.78 14.91
C PRO A 27 2.61 10.77 13.91
N ASN A 28 3.40 11.06 12.88
CA ASN A 28 2.96 11.96 11.81
C ASN A 28 2.31 11.14 10.70
N PHE A 29 2.66 9.86 10.65
CA PHE A 29 2.12 8.95 9.65
C PHE A 29 0.61 8.89 9.74
N SER A 30 0.10 8.72 10.95
CA SER A 30 -1.33 8.76 11.21
C SER A 30 -1.89 10.16 10.97
N GLY A 31 -1.95 10.53 9.70
CA GLY A 31 -2.44 11.83 9.32
C GLY A 31 -1.99 12.22 7.93
N ILE A 32 -0.75 11.90 7.59
CA ILE A 32 -0.23 12.24 6.26
C ILE A 32 -0.76 11.28 5.19
N PHE A 33 -0.95 10.01 5.51
CA PHE A 33 -1.44 9.05 4.53
C PHE A 33 -2.63 8.30 5.10
N THR A 34 -3.68 8.16 4.31
CA THR A 34 -4.90 7.51 4.77
C THR A 34 -4.90 6.01 4.47
N HIS A 35 -4.63 5.64 3.23
CA HIS A 35 -4.83 4.26 2.77
C HIS A 35 -3.55 3.42 2.89
N LEU A 36 -2.42 4.10 3.02
CA LEU A 36 -1.12 3.44 2.97
C LEU A 36 -0.96 2.39 4.08
N GLU A 37 -1.44 2.73 5.28
CA GLU A 37 -1.36 1.83 6.43
C GLU A 37 -2.09 0.52 6.15
N ARG A 38 -3.34 0.64 5.70
CA ARG A 38 -4.19 -0.52 5.49
C ARG A 38 -3.62 -1.42 4.41
N LEU A 39 -2.98 -0.82 3.42
CA LEU A 39 -2.44 -1.56 2.28
C LEU A 39 -1.31 -2.50 2.70
N LEU A 40 -0.70 -2.26 3.85
CA LEU A 40 0.33 -3.17 4.34
C LEU A 40 -0.32 -4.32 5.11
N ASP A 41 -1.38 -3.99 5.82
CA ASP A 41 -2.03 -4.97 6.67
C ASP A 41 -2.72 -6.02 5.79
N GLU A 42 -3.05 -5.63 4.56
CA GLU A 42 -3.60 -6.58 3.61
C GLU A 42 -2.47 -7.22 2.80
N GLU A 43 -1.51 -6.42 2.34
CA GLU A 43 -0.40 -6.93 1.52
C GLU A 43 0.45 -7.90 2.32
N ILE A 44 0.80 -7.49 3.52
CA ILE A 44 1.63 -8.29 4.40
C ILE A 44 0.92 -9.56 4.76
N SER A 45 -0.38 -9.43 5.00
CA SER A 45 -1.19 -10.62 5.32
C SER A 45 -1.30 -11.57 4.12
N ARG A 46 -1.55 -11.03 2.94
CA ARG A 46 -1.78 -11.86 1.76
C ARG A 46 -0.49 -12.49 1.30
N VAL A 47 0.60 -11.75 1.40
CA VAL A 47 1.92 -12.24 1.03
C VAL A 47 2.31 -13.46 1.87
N ARG A 48 1.78 -13.54 3.08
CA ARG A 48 2.10 -14.64 3.98
C ARG A 48 1.56 -15.96 3.44
N LYS A 49 0.37 -15.93 2.86
CA LYS A 49 -0.23 -17.14 2.32
C LYS A 49 0.18 -17.34 0.87
N ASP A 50 0.19 -16.24 0.13
CA ASP A 50 0.49 -16.26 -1.31
C ASP A 50 1.93 -16.71 -1.59
N MET A 51 2.70 -16.96 -0.54
CA MET A 51 4.01 -17.61 -0.69
C MET A 51 3.85 -18.92 -1.46
N TYR A 52 2.74 -19.60 -1.20
CA TYR A 52 2.45 -20.88 -1.81
C TYR A 52 1.65 -20.67 -3.08
N GLY B 1 -5.23 -14.34 12.48
CA GLY B 1 -5.00 -13.24 11.49
C GLY B 1 -6.02 -13.25 10.38
N SER B 2 -6.79 -12.18 10.29
CA SER B 2 -7.81 -12.07 9.25
C SER B 2 -8.05 -10.60 8.91
N LYS B 3 -8.16 -10.30 7.63
CA LYS B 3 -8.35 -8.93 7.18
C LYS B 3 -9.62 -8.82 6.35
N GLU B 4 -10.46 -7.87 6.70
CA GLU B 4 -11.70 -7.61 5.97
C GLU B 4 -11.37 -6.99 4.61
N LYS B 5 -12.06 -7.43 3.58
CA LYS B 5 -11.80 -6.96 2.23
C LYS B 5 -12.58 -5.67 1.95
N PRO B 6 -11.89 -4.67 1.37
CA PRO B 6 -12.49 -3.37 1.06
C PRO B 6 -13.23 -3.37 -0.29
N LYS B 7 -13.81 -2.23 -0.63
CA LYS B 7 -14.53 -2.09 -1.88
C LYS B 7 -13.99 -0.92 -2.69
N PRO B 8 -13.70 -1.13 -3.98
CA PRO B 8 -13.24 -0.07 -4.87
C PRO B 8 -14.38 0.89 -5.25
N THR B 9 -14.33 2.08 -4.69
CA THR B 9 -15.33 3.10 -4.98
C THR B 9 -14.66 4.44 -5.26
N PRO B 10 -15.35 5.39 -5.91
CA PRO B 10 -14.78 6.71 -6.19
C PRO B 10 -14.15 7.36 -4.96
N ASP B 11 -14.88 7.38 -3.85
CA ASP B 11 -14.37 7.97 -2.61
C ASP B 11 -13.06 7.30 -2.19
N TYR B 12 -13.01 5.98 -2.38
CA TYR B 12 -11.82 5.21 -2.06
C TYR B 12 -10.67 5.64 -2.97
N LEU B 13 -11.01 5.96 -4.21
CA LEU B 13 -10.00 6.32 -5.20
C LEU B 13 -9.54 7.77 -5.02
N MET B 14 -10.44 8.63 -4.56
CA MET B 14 -10.13 10.04 -4.45
C MET B 14 -9.16 10.27 -3.31
N GLN B 15 -9.34 9.49 -2.25
CA GLN B 15 -8.47 9.56 -1.09
C GLN B 15 -7.08 9.04 -1.46
N LEU B 16 -7.03 8.00 -2.29
CA LEU B 16 -5.78 7.47 -2.78
C LEU B 16 -5.01 8.49 -3.60
N MET B 17 -5.73 9.33 -4.32
CA MET B 17 -5.10 10.31 -5.20
C MET B 17 -4.28 11.30 -4.39
N ASN B 18 -4.73 11.59 -3.18
CA ASN B 18 -4.08 12.58 -2.35
C ASN B 18 -2.88 11.96 -1.66
N ASP B 19 -2.97 10.67 -1.38
CA ASP B 19 -1.92 9.96 -0.67
C ASP B 19 -0.71 9.76 -1.57
N LYS B 20 -0.98 9.25 -2.78
CA LYS B 20 0.07 9.01 -3.77
C LYS B 20 0.80 10.29 -4.13
N LYS B 21 0.08 11.41 -4.09
CA LYS B 21 0.66 12.67 -4.49
C LYS B 21 1.39 13.31 -3.31
N LEU B 22 0.81 13.14 -2.13
CA LEU B 22 1.44 13.63 -0.90
C LEU B 22 2.78 12.94 -0.70
N MET B 23 2.84 11.64 -0.96
CA MET B 23 4.09 10.90 -0.83
C MET B 23 5.06 11.32 -1.92
N SER B 24 4.51 11.67 -3.08
CA SER B 24 5.32 12.09 -4.21
C SER B 24 5.93 13.47 -3.96
N SER B 25 5.33 14.23 -3.05
CA SER B 25 5.84 15.55 -2.72
C SER B 25 6.75 15.49 -1.49
N LEU B 26 6.95 14.29 -0.99
CA LEU B 26 7.81 14.06 0.15
C LEU B 26 9.17 13.52 -0.30
N PRO B 27 10.24 14.31 -0.13
CA PRO B 27 11.59 13.90 -0.51
C PRO B 27 12.19 12.92 0.50
N ASN B 28 11.51 12.82 1.64
CA ASN B 28 11.93 11.90 2.69
C ASN B 28 11.25 10.55 2.49
N PHE B 29 10.11 10.59 1.79
CA PHE B 29 9.33 9.39 1.50
C PHE B 29 10.17 8.37 0.76
N SER B 30 10.85 8.83 -0.28
CA SER B 30 11.78 8.00 -1.03
C SER B 30 12.98 7.62 -0.16
N GLY B 31 12.73 6.75 0.81
CA GLY B 31 13.77 6.31 1.72
C GLY B 31 13.20 5.71 2.99
N ILE B 32 12.13 6.32 3.50
CA ILE B 32 11.50 5.82 4.72
C ILE B 32 10.66 4.58 4.46
N PHE B 33 10.01 4.49 3.30
CA PHE B 33 9.18 3.34 3.00
C PHE B 33 9.55 2.79 1.63
N THR B 34 9.69 1.48 1.53
CA THR B 34 10.10 0.85 0.30
C THR B 34 8.91 0.43 -0.58
N HIS B 35 7.97 -0.30 0.01
CA HIS B 35 6.90 -0.93 -0.76
C HIS B 35 5.65 -0.07 -0.86
N LEU B 36 5.55 0.92 0.04
CA LEU B 36 4.34 1.73 0.17
C LEU B 36 4.00 2.45 -1.14
N GLU B 37 5.02 2.99 -1.80
CA GLU B 37 4.83 3.72 -3.05
C GLU B 37 4.19 2.83 -4.11
N ARG B 38 4.77 1.65 -4.30
CA ARG B 38 4.33 0.74 -5.36
C ARG B 38 2.90 0.28 -5.11
N LEU B 39 2.55 0.13 -3.84
CA LEU B 39 1.23 -0.37 -3.47
C LEU B 39 0.11 0.58 -3.87
N LEU B 40 0.44 1.85 -4.10
CA LEU B 40 -0.57 2.79 -4.57
C LEU B 40 -0.68 2.70 -6.09
N ASP B 41 0.45 2.49 -6.74
CA ASP B 41 0.48 2.48 -8.19
C ASP B 41 -0.27 1.25 -8.70
N GLU B 42 -0.33 0.23 -7.87
CA GLU B 42 -1.12 -0.95 -8.20
C GLU B 42 -2.55 -0.82 -7.69
N GLU B 43 -2.71 -0.34 -6.45
CA GLU B 43 -4.04 -0.19 -5.85
C GLU B 43 -4.87 0.84 -6.61
N ILE B 44 -4.25 1.98 -6.87
CA ILE B 44 -4.90 3.06 -7.57
C ILE B 44 -5.24 2.63 -8.98
N SER B 45 -4.33 1.89 -9.59
CA SER B 45 -4.58 1.38 -10.94
C SER B 45 -5.73 0.35 -10.95
N ARG B 46 -5.70 -0.58 -10.00
CA ARG B 46 -6.66 -1.68 -10.00
C ARG B 46 -8.04 -1.16 -9.60
N VAL B 47 -8.08 -0.21 -8.68
CA VAL B 47 -9.32 0.40 -8.23
C VAL B 47 -10.04 1.09 -9.40
N ARG B 48 -9.28 1.54 -10.38
CA ARG B 48 -9.85 2.24 -11.53
C ARG B 48 -10.72 1.31 -12.36
N LYS B 49 -10.29 0.07 -12.51
CA LYS B 49 -11.03 -0.90 -13.30
C LYS B 49 -12.03 -1.64 -12.41
N ASP B 50 -11.58 -2.00 -11.22
CA ASP B 50 -12.39 -2.78 -10.28
C ASP B 50 -13.63 -2.03 -9.80
N MET B 51 -13.78 -0.78 -10.24
CA MET B 51 -15.03 -0.04 -10.05
C MET B 51 -16.20 -0.86 -10.58
N TYR B 52 -15.96 -1.56 -11.67
CA TYR B 52 -16.97 -2.35 -12.33
C TYR B 52 -16.93 -3.79 -11.80
N GLY A 1 -4.39 0.37 -19.11
CA GLY A 1 -3.52 0.42 -17.91
C GLY A 1 -3.47 -0.90 -17.18
N SER A 2 -3.12 -1.96 -17.92
CA SER A 2 -3.02 -3.28 -17.35
C SER A 2 -1.56 -3.59 -17.02
N LYS A 3 -1.18 -3.35 -15.78
CA LYS A 3 0.19 -3.58 -15.34
C LYS A 3 0.35 -4.98 -14.76
N GLU A 4 1.47 -5.62 -15.08
CA GLU A 4 1.74 -6.96 -14.60
C GLU A 4 2.28 -6.91 -13.17
N LYS A 5 1.92 -7.92 -12.39
CA LYS A 5 2.30 -7.96 -10.99
C LYS A 5 3.47 -8.91 -10.78
N PRO A 6 4.63 -8.39 -10.33
CA PRO A 6 5.77 -9.21 -9.95
C PRO A 6 5.52 -9.93 -8.63
N LYS A 7 5.84 -11.21 -8.59
CA LYS A 7 5.55 -12.06 -7.44
C LYS A 7 6.25 -11.59 -6.17
N PRO A 8 5.50 -11.48 -5.08
CA PRO A 8 6.07 -11.16 -3.76
C PRO A 8 6.80 -12.35 -3.16
N THR A 9 8.09 -12.19 -2.97
CA THR A 9 8.92 -13.21 -2.36
C THR A 9 9.10 -12.93 -0.88
N PRO A 10 9.71 -13.83 -0.09
CA PRO A 10 9.96 -13.57 1.34
C PRO A 10 10.67 -12.24 1.57
N ASP A 11 11.61 -11.91 0.68
CA ASP A 11 12.32 -10.64 0.76
C ASP A 11 11.34 -9.48 0.70
N TYR A 12 10.33 -9.63 -0.14
CA TYR A 12 9.27 -8.63 -0.27
C TYR A 12 8.55 -8.46 1.07
N LEU A 13 8.41 -9.56 1.81
CA LEU A 13 7.69 -9.52 3.08
C LEU A 13 8.58 -9.01 4.20
N MET A 14 9.88 -9.29 4.11
CA MET A 14 10.80 -8.92 5.18
C MET A 14 10.96 -7.41 5.19
N GLN A 15 10.92 -6.84 4.01
CA GLN A 15 11.01 -5.40 3.85
C GLN A 15 9.69 -4.76 4.29
N LEU A 16 8.58 -5.44 4.02
CA LEU A 16 7.26 -4.99 4.46
C LEU A 16 7.19 -4.97 5.99
N MET A 17 7.88 -5.89 6.63
CA MET A 17 7.88 -5.97 8.07
C MET A 17 8.44 -4.69 8.66
N ASN A 18 9.41 -4.09 7.98
CA ASN A 18 10.02 -2.87 8.48
C ASN A 18 9.20 -1.67 8.05
N ASP A 19 8.41 -1.82 6.99
CA ASP A 19 7.59 -0.71 6.48
C ASP A 19 6.48 -0.43 7.48
N LYS A 20 5.79 -1.50 7.87
CA LYS A 20 4.70 -1.42 8.84
C LYS A 20 5.22 -1.00 10.21
N LYS A 21 6.52 -1.21 10.43
CA LYS A 21 7.13 -0.87 11.70
C LYS A 21 7.53 0.59 11.70
N LEU A 22 8.04 1.06 10.57
CA LEU A 22 8.35 2.47 10.38
C LEU A 22 7.14 3.33 10.63
N MET A 23 6.01 2.98 10.00
CA MET A 23 4.81 3.81 10.07
C MET A 23 4.24 3.85 11.48
N SER A 24 4.42 2.77 12.24
CA SER A 24 3.94 2.74 13.61
C SER A 24 4.91 3.43 14.57
N SER A 25 6.09 3.76 14.07
CA SER A 25 7.10 4.45 14.87
C SER A 25 7.09 5.95 14.53
N LEU A 26 6.32 6.29 13.51
CA LEU A 26 6.21 7.67 13.06
C LEU A 26 4.91 8.31 13.56
N PRO A 27 5.01 9.25 14.51
CA PRO A 27 3.86 9.99 15.02
C PRO A 27 3.27 10.93 13.96
N ASN A 28 4.04 11.14 12.89
CA ASN A 28 3.60 11.99 11.79
C ASN A 28 2.76 11.18 10.79
N PHE A 29 2.96 9.86 10.81
CA PHE A 29 2.25 8.96 9.91
C PHE A 29 0.74 9.14 10.04
N SER A 30 0.26 9.28 11.26
CA SER A 30 -1.15 9.60 11.47
C SER A 30 -1.46 11.05 11.06
N GLY A 31 -1.18 11.34 9.80
CA GLY A 31 -1.41 12.66 9.26
C GLY A 31 -1.32 12.65 7.75
N ILE A 32 -0.38 11.87 7.23
CA ILE A 32 -0.27 11.67 5.80
C ILE A 32 -0.46 10.20 5.48
N PHE A 33 -0.67 9.90 4.20
CA PHE A 33 -0.78 8.52 3.72
C PHE A 33 -1.97 7.81 4.38
N THR A 34 -3.16 8.13 3.89
CA THR A 34 -4.39 7.63 4.46
C THR A 34 -4.57 6.14 4.21
N HIS A 35 -4.37 5.72 2.96
CA HIS A 35 -4.64 4.33 2.58
C HIS A 35 -3.42 3.44 2.71
N LEU A 36 -2.26 4.06 2.85
CA LEU A 36 -0.99 3.33 2.86
C LEU A 36 -0.96 2.30 4.00
N GLU A 37 -1.52 2.67 5.15
CA GLU A 37 -1.55 1.79 6.31
C GLU A 37 -2.33 0.50 6.01
N ARG A 38 -3.53 0.65 5.45
CA ARG A 38 -4.37 -0.50 5.11
C ARG A 38 -3.69 -1.39 4.08
N LEU A 39 -2.95 -0.78 3.18
CA LEU A 39 -2.35 -1.50 2.08
C LEU A 39 -1.22 -2.43 2.54
N LEU A 40 -0.69 -2.20 3.72
CA LEU A 40 0.27 -3.14 4.30
C LEU A 40 -0.49 -4.29 4.93
N ASP A 41 -1.62 -3.96 5.52
CA ASP A 41 -2.39 -4.94 6.24
C ASP A 41 -2.96 -5.94 5.24
N GLU A 42 -3.34 -5.44 4.06
CA GLU A 42 -3.71 -6.29 2.95
C GLU A 42 -2.51 -7.00 2.32
N GLU A 43 -1.50 -6.23 1.89
CA GLU A 43 -0.37 -6.79 1.14
C GLU A 43 0.41 -7.78 2.00
N ILE A 44 0.72 -7.38 3.22
CA ILE A 44 1.48 -8.21 4.14
C ILE A 44 0.70 -9.50 4.38
N SER A 45 -0.60 -9.36 4.48
CA SER A 45 -1.46 -10.53 4.69
C SER A 45 -1.47 -11.45 3.46
N ARG A 46 -1.65 -10.88 2.27
CA ARG A 46 -1.82 -11.67 1.05
C ARG A 46 -0.50 -12.32 0.64
N VAL A 47 0.59 -11.59 0.84
CA VAL A 47 1.93 -12.11 0.54
C VAL A 47 2.19 -13.40 1.31
N ARG A 48 1.61 -13.51 2.50
CA ARG A 48 1.85 -14.66 3.36
C ARG A 48 1.28 -15.92 2.75
N LYS A 49 0.15 -15.80 2.04
CA LYS A 49 -0.44 -16.95 1.37
C LYS A 49 0.19 -17.11 0.00
N ASP A 50 0.39 -15.98 -0.66
CA ASP A 50 0.94 -15.95 -2.03
C ASP A 50 2.32 -16.60 -2.09
N MET A 51 3.02 -16.64 -0.97
CA MET A 51 4.35 -17.22 -0.92
C MET A 51 4.26 -18.71 -0.72
N TYR A 52 3.68 -19.11 0.41
CA TYR A 52 3.59 -20.52 0.76
C TYR A 52 2.14 -20.90 1.03
N GLY B 1 -5.45 -16.30 9.42
CA GLY B 1 -5.39 -14.85 9.13
C GLY B 1 -6.05 -14.50 7.82
N SER B 2 -7.31 -14.89 7.68
CA SER B 2 -8.07 -14.60 6.47
C SER B 2 -8.95 -13.38 6.70
N LYS B 3 -8.46 -12.22 6.32
CA LYS B 3 -9.20 -10.97 6.50
C LYS B 3 -10.03 -10.66 5.27
N GLU B 4 -11.25 -10.18 5.50
CA GLU B 4 -12.15 -9.83 4.41
C GLU B 4 -11.80 -8.46 3.85
N LYS B 5 -11.98 -8.31 2.55
CA LYS B 5 -11.64 -7.07 1.87
C LYS B 5 -12.87 -6.23 1.61
N PRO B 6 -12.94 -5.03 2.21
CA PRO B 6 -14.01 -4.07 1.91
C PRO B 6 -13.81 -3.44 0.54
N LYS B 7 -14.89 -3.34 -0.23
CA LYS B 7 -14.83 -2.88 -1.60
C LYS B 7 -14.36 -1.43 -1.70
N PRO B 8 -13.38 -1.19 -2.59
CA PRO B 8 -12.90 0.16 -2.89
C PRO B 8 -13.90 0.94 -3.73
N THR B 9 -14.43 2.01 -3.18
CA THR B 9 -15.36 2.87 -3.88
C THR B 9 -14.61 4.06 -4.46
N PRO B 10 -15.26 4.92 -5.28
CA PRO B 10 -14.61 6.12 -5.82
C PRO B 10 -13.95 6.97 -4.73
N ASP B 11 -14.62 7.06 -3.58
CA ASP B 11 -14.09 7.79 -2.43
C ASP B 11 -12.74 7.22 -2.02
N TYR B 12 -12.63 5.90 -2.08
CA TYR B 12 -11.39 5.20 -1.78
C TYR B 12 -10.30 5.63 -2.75
N LEU B 13 -10.68 5.90 -3.99
CA LEU B 13 -9.72 6.27 -5.03
C LEU B 13 -9.37 7.76 -4.94
N MET B 14 -10.33 8.57 -4.51
CA MET B 14 -10.12 10.01 -4.47
C MET B 14 -9.13 10.35 -3.37
N GLN B 15 -9.21 9.57 -2.31
CA GLN B 15 -8.30 9.72 -1.19
C GLN B 15 -6.92 9.20 -1.58
N LEU B 16 -6.90 8.11 -2.36
CA LEU B 16 -5.65 7.56 -2.89
C LEU B 16 -4.94 8.55 -3.79
N MET B 17 -5.72 9.37 -4.49
CA MET B 17 -5.15 10.36 -5.38
C MET B 17 -4.29 11.34 -4.60
N ASN B 18 -4.71 11.64 -3.37
CA ASN B 18 -3.97 12.58 -2.56
C ASN B 18 -2.83 11.87 -1.84
N ASP B 19 -2.95 10.55 -1.66
CA ASP B 19 -1.94 9.78 -0.96
C ASP B 19 -0.68 9.71 -1.83
N LYS B 20 -0.90 9.36 -3.10
CA LYS B 20 0.18 9.26 -4.07
C LYS B 20 0.78 10.64 -4.35
N LYS B 21 0.00 11.68 -4.06
CA LYS B 21 0.45 13.04 -4.30
C LYS B 21 1.28 13.52 -3.11
N LEU B 22 0.83 13.17 -1.92
CA LEU B 22 1.57 13.44 -0.70
C LEU B 22 2.98 12.87 -0.77
N MET B 23 3.09 11.60 -1.15
CA MET B 23 4.37 10.91 -1.13
C MET B 23 5.32 11.48 -2.18
N SER B 24 4.79 12.00 -3.28
CA SER B 24 5.61 12.60 -4.31
C SER B 24 5.97 14.05 -3.96
N SER B 25 5.33 14.58 -2.93
CA SER B 25 5.61 15.94 -2.48
C SER B 25 6.53 15.91 -1.26
N LEU B 26 6.77 14.70 -0.76
CA LEU B 26 7.61 14.49 0.41
C LEU B 26 9.00 14.02 0.00
N PRO B 27 10.02 14.88 0.13
CA PRO B 27 11.41 14.51 -0.16
C PRO B 27 11.95 13.49 0.84
N ASN B 28 11.22 13.32 1.95
CA ASN B 28 11.61 12.37 2.98
C ASN B 28 11.06 10.98 2.65
N PHE B 29 10.03 10.95 1.81
CA PHE B 29 9.39 9.70 1.40
C PHE B 29 10.41 8.74 0.79
N SER B 30 11.30 9.26 -0.03
CA SER B 30 12.42 8.47 -0.54
C SER B 30 13.43 8.17 0.56
N GLY B 31 12.95 7.51 1.62
CA GLY B 31 13.79 7.16 2.74
C GLY B 31 13.08 6.18 3.64
N ILE B 32 11.78 6.37 3.82
CA ILE B 32 10.96 5.43 4.56
C ILE B 32 9.87 4.87 3.64
N PHE B 33 9.24 3.79 4.08
CA PHE B 33 8.12 3.20 3.37
C PHE B 33 8.56 2.71 1.99
N THR B 34 9.23 1.58 1.97
CA THR B 34 9.81 1.04 0.76
C THR B 34 8.75 0.52 -0.20
N HIS B 35 7.80 -0.25 0.32
CA HIS B 35 6.80 -0.90 -0.54
C HIS B 35 5.54 -0.07 -0.70
N LEU B 36 5.39 0.93 0.16
CA LEU B 36 4.17 1.75 0.19
C LEU B 36 3.91 2.42 -1.16
N GLU B 37 4.97 2.87 -1.81
CA GLU B 37 4.87 3.52 -3.11
C GLU B 37 4.26 2.58 -4.16
N ARG B 38 4.79 1.37 -4.25
CA ARG B 38 4.29 0.37 -5.21
C ARG B 38 2.84 0.03 -4.94
N LEU B 39 2.48 0.02 -3.67
CA LEU B 39 1.16 -0.42 -3.27
C LEU B 39 0.07 0.57 -3.69
N LEU B 40 0.44 1.80 -3.99
CA LEU B 40 -0.52 2.75 -4.55
C LEU B 40 -0.64 2.48 -6.03
N ASP B 41 0.49 2.14 -6.63
CA ASP B 41 0.52 1.95 -8.06
C ASP B 41 -0.31 0.73 -8.42
N GLU B 42 -0.24 -0.29 -7.56
CA GLU B 42 -1.12 -1.44 -7.66
C GLU B 42 -2.57 -1.11 -7.27
N GLU B 43 -2.76 -0.60 -6.05
CA GLU B 43 -4.11 -0.39 -5.52
C GLU B 43 -4.88 0.61 -6.35
N ILE B 44 -4.24 1.73 -6.65
CA ILE B 44 -4.86 2.78 -7.43
C ILE B 44 -5.25 2.24 -8.79
N SER B 45 -4.38 1.40 -9.32
CA SER B 45 -4.64 0.77 -10.61
C SER B 45 -5.82 -0.22 -10.56
N ARG B 46 -5.82 -1.08 -9.55
CA ARG B 46 -6.81 -2.16 -9.47
C ARG B 46 -8.18 -1.60 -9.08
N VAL B 47 -8.19 -0.59 -8.22
CA VAL B 47 -9.42 0.08 -7.83
C VAL B 47 -10.16 0.62 -9.06
N ARG B 48 -9.41 1.02 -10.07
CA ARG B 48 -9.99 1.63 -11.25
C ARG B 48 -10.83 0.62 -12.03
N LYS B 49 -10.42 -0.64 -12.03
CA LYS B 49 -11.20 -1.69 -12.68
C LYS B 49 -12.25 -2.21 -11.72
N ASP B 50 -11.84 -2.37 -10.47
CA ASP B 50 -12.72 -2.92 -9.42
C ASP B 50 -13.97 -2.08 -9.24
N MET B 51 -13.90 -0.80 -9.60
CA MET B 51 -15.04 0.08 -9.45
C MET B 51 -15.96 -0.04 -10.65
N TYR B 52 -15.45 0.27 -11.83
CA TYR B 52 -16.25 0.27 -13.04
C TYR B 52 -15.61 -0.63 -14.09
N GLY A 1 1.39 -1.12 -20.05
CA GLY A 1 0.11 -1.55 -19.42
C GLY A 1 0.16 -1.40 -17.91
N SER A 2 -0.94 -0.97 -17.33
CA SER A 2 -1.04 -0.80 -15.89
C SER A 2 -1.55 -2.08 -15.23
N LYS A 3 -0.61 -2.93 -14.84
CA LYS A 3 -0.95 -4.24 -14.27
C LYS A 3 0.23 -4.77 -13.47
N GLU A 4 -0.05 -5.40 -12.34
CA GLU A 4 1.00 -5.89 -11.45
C GLU A 4 0.44 -6.94 -10.48
N LYS A 5 1.29 -7.90 -10.13
CA LYS A 5 0.91 -8.95 -9.18
C LYS A 5 1.95 -9.03 -8.07
N PRO A 6 1.52 -8.92 -6.80
CA PRO A 6 2.42 -9.08 -5.67
C PRO A 6 2.88 -10.52 -5.51
N LYS A 7 4.19 -10.74 -5.64
CA LYS A 7 4.74 -12.09 -5.53
C LYS A 7 5.19 -12.37 -4.11
N PRO A 8 4.94 -13.58 -3.62
CA PRO A 8 5.30 -13.97 -2.27
C PRO A 8 6.72 -14.52 -2.16
N THR A 9 7.60 -13.74 -1.57
CA THR A 9 8.96 -14.16 -1.27
C THR A 9 9.38 -13.64 0.09
N PRO A 10 10.25 -14.35 0.81
CA PRO A 10 10.74 -13.88 2.11
C PRO A 10 11.27 -12.44 2.05
N ASP A 11 12.16 -12.18 1.10
CA ASP A 11 12.76 -10.85 0.96
C ASP A 11 11.70 -9.77 0.79
N TYR A 12 10.65 -10.12 0.05
CA TYR A 12 9.51 -9.23 -0.15
C TYR A 12 8.83 -8.93 1.18
N LEU A 13 8.70 -9.96 2.00
CA LEU A 13 7.97 -9.87 3.26
C LEU A 13 8.82 -9.26 4.36
N MET A 14 10.13 -9.47 4.30
CA MET A 14 11.02 -9.00 5.36
C MET A 14 11.14 -7.48 5.30
N GLN A 15 11.13 -6.97 4.07
CA GLN A 15 11.19 -5.53 3.86
C GLN A 15 9.88 -4.90 4.29
N LEU A 16 8.77 -5.59 4.02
CA LEU A 16 7.46 -5.14 4.45
C LEU A 16 7.37 -5.04 5.96
N MET A 17 8.01 -5.96 6.66
CA MET A 17 7.94 -6.00 8.12
C MET A 17 8.49 -4.73 8.72
N ASN A 18 9.51 -4.16 8.09
CA ASN A 18 10.13 -2.95 8.61
C ASN A 18 9.34 -1.73 8.16
N ASP A 19 8.59 -1.86 7.08
CA ASP A 19 7.79 -0.73 6.56
C ASP A 19 6.64 -0.44 7.51
N LYS A 20 5.88 -1.49 7.82
CA LYS A 20 4.73 -1.40 8.71
C LYS A 20 5.21 -1.03 10.12
N LYS A 21 6.45 -1.35 10.42
CA LYS A 21 7.01 -1.11 11.74
C LYS A 21 7.47 0.34 11.83
N LEU A 22 8.15 0.80 10.79
CA LEU A 22 8.67 2.15 10.72
C LEU A 22 7.53 3.16 10.68
N MET A 23 6.46 2.83 9.96
CA MET A 23 5.33 3.76 9.83
C MET A 23 4.61 3.90 11.17
N SER A 24 4.59 2.85 11.96
CA SER A 24 3.95 2.87 13.26
C SER A 24 4.86 3.55 14.29
N SER A 25 6.09 3.82 13.89
CA SER A 25 7.04 4.52 14.74
C SER A 25 6.98 6.01 14.44
N LEU A 26 6.19 6.36 13.43
CA LEU A 26 6.03 7.74 13.02
C LEU A 26 4.66 8.27 13.43
N PRO A 27 4.59 9.14 14.45
CA PRO A 27 3.33 9.76 14.89
C PRO A 27 2.78 10.72 13.84
N ASN A 28 3.59 11.00 12.82
CA ASN A 28 3.20 11.88 11.73
C ASN A 28 2.57 11.07 10.61
N PHE A 29 2.97 9.80 10.51
CA PHE A 29 2.49 8.91 9.46
C PHE A 29 0.97 8.78 9.51
N SER A 30 0.46 8.47 10.70
CA SER A 30 -0.97 8.35 10.91
C SER A 30 -1.65 9.72 10.77
N GLY A 31 -1.86 10.13 9.53
CA GLY A 31 -2.47 11.41 9.26
C GLY A 31 -2.11 11.93 7.89
N ILE A 32 -0.89 11.65 7.44
CA ILE A 32 -0.44 12.11 6.14
C ILE A 32 -0.80 11.11 5.04
N PHE A 33 -1.01 9.85 5.38
CA PHE A 33 -1.35 8.85 4.40
C PHE A 33 -2.63 8.13 4.81
N THR A 34 -3.55 7.96 3.87
CA THR A 34 -4.86 7.41 4.16
C THR A 34 -4.90 5.88 4.01
N HIS A 35 -4.56 5.39 2.82
CA HIS A 35 -4.73 3.97 2.51
C HIS A 35 -3.46 3.17 2.75
N LEU A 36 -2.36 3.88 2.93
CA LEU A 36 -1.03 3.28 2.91
C LEU A 36 -0.85 2.17 3.95
N GLU A 37 -1.32 2.41 5.17
CA GLU A 37 -1.14 1.44 6.25
C GLU A 37 -1.96 0.17 5.99
N ARG A 38 -3.18 0.34 5.53
CA ARG A 38 -4.07 -0.80 5.33
C ARG A 38 -3.52 -1.66 4.20
N LEU A 39 -2.86 -1.03 3.25
CA LEU A 39 -2.28 -1.72 2.11
C LEU A 39 -1.13 -2.64 2.54
N LEU A 40 -0.55 -2.37 3.72
CA LEU A 40 0.44 -3.28 4.27
C LEU A 40 -0.28 -4.39 5.04
N ASP A 41 -1.39 -4.02 5.65
CA ASP A 41 -2.16 -4.96 6.44
C ASP A 41 -2.73 -6.02 5.52
N GLU A 42 -3.05 -5.62 4.29
CA GLU A 42 -3.44 -6.53 3.25
C GLU A 42 -2.22 -7.23 2.66
N GLU A 43 -1.22 -6.46 2.25
CA GLU A 43 -0.06 -7.00 1.52
C GLU A 43 0.71 -7.98 2.40
N ILE A 44 1.04 -7.53 3.59
CA ILE A 44 1.81 -8.32 4.53
C ILE A 44 1.06 -9.59 4.87
N SER A 45 -0.24 -9.45 5.03
CA SER A 45 -1.09 -10.59 5.33
C SER A 45 -1.16 -11.55 4.13
N ARG A 46 -1.44 -11.01 2.95
CA ARG A 46 -1.70 -11.84 1.77
C ARG A 46 -0.44 -12.57 1.34
N VAL A 47 0.70 -11.88 1.43
CA VAL A 47 1.99 -12.46 1.12
C VAL A 47 2.29 -13.66 2.02
N ARG A 48 1.72 -13.66 3.22
CA ARG A 48 1.99 -14.72 4.18
C ARG A 48 1.28 -16.02 3.79
N LYS A 49 0.05 -15.93 3.30
CA LYS A 49 -0.70 -17.12 2.91
C LYS A 49 -0.25 -17.57 1.54
N ASP A 50 -0.07 -16.60 0.66
CA ASP A 50 0.34 -16.84 -0.72
C ASP A 50 1.74 -17.47 -0.80
N MET A 51 2.39 -17.61 0.35
CA MET A 51 3.69 -18.30 0.42
C MET A 51 3.53 -19.75 -0.02
N TYR A 52 2.50 -20.40 0.48
CA TYR A 52 2.24 -21.78 0.16
C TYR A 52 0.78 -21.95 -0.24
N GLY B 1 -10.20 -13.04 11.45
CA GLY B 1 -9.52 -13.56 10.23
C GLY B 1 -8.79 -12.47 9.49
N SER B 2 -7.62 -12.79 8.97
CA SER B 2 -6.84 -11.83 8.21
C SER B 2 -7.17 -11.91 6.72
N LYS B 3 -8.13 -11.10 6.30
CA LYS B 3 -8.62 -11.12 4.93
C LYS B 3 -9.32 -9.80 4.61
N GLU B 4 -9.12 -9.31 3.39
CA GLU B 4 -9.67 -8.02 3.00
C GLU B 4 -9.68 -7.89 1.48
N LYS B 5 -10.68 -7.18 0.96
CA LYS B 5 -10.81 -6.93 -0.46
C LYS B 5 -10.96 -5.44 -0.71
N PRO B 6 -10.10 -4.85 -1.56
CA PRO B 6 -10.22 -3.44 -1.95
C PRO B 6 -11.45 -3.21 -2.84
N LYS B 7 -12.39 -2.41 -2.35
CA LYS B 7 -13.60 -2.12 -3.10
C LYS B 7 -13.44 -0.85 -3.93
N PRO B 8 -13.95 -0.86 -5.17
CA PRO B 8 -13.85 0.28 -6.06
C PRO B 8 -14.99 1.29 -5.88
N THR B 9 -14.65 2.43 -5.30
CA THR B 9 -15.59 3.53 -5.19
C THR B 9 -14.86 4.85 -5.42
N PRO B 10 -15.54 5.86 -5.96
CA PRO B 10 -14.93 7.18 -6.17
C PRO B 10 -14.22 7.71 -4.92
N ASP B 11 -14.94 7.73 -3.80
CA ASP B 11 -14.39 8.23 -2.54
C ASP B 11 -13.11 7.50 -2.16
N TYR B 12 -13.09 6.20 -2.42
CA TYR B 12 -11.91 5.37 -2.19
C TYR B 12 -10.75 5.85 -3.03
N LEU B 13 -11.06 6.19 -4.28
CA LEU B 13 -10.04 6.55 -5.26
C LEU B 13 -9.61 8.00 -5.11
N MET B 14 -10.51 8.86 -4.66
CA MET B 14 -10.22 10.29 -4.57
C MET B 14 -9.24 10.54 -3.44
N GLN B 15 -9.39 9.76 -2.38
CA GLN B 15 -8.49 9.85 -1.23
C GLN B 15 -7.12 9.30 -1.61
N LEU B 16 -7.12 8.24 -2.41
CA LEU B 16 -5.88 7.66 -2.91
C LEU B 16 -5.11 8.66 -3.76
N MET B 17 -5.82 9.48 -4.52
CA MET B 17 -5.18 10.42 -5.42
C MET B 17 -4.32 11.40 -4.65
N ASN B 18 -4.76 11.76 -3.46
CA ASN B 18 -4.03 12.72 -2.65
C ASN B 18 -2.91 12.03 -1.89
N ASP B 19 -3.04 10.73 -1.67
CA ASP B 19 -2.03 9.97 -0.95
C ASP B 19 -0.78 9.84 -1.80
N LYS B 20 -0.97 9.37 -3.03
CA LYS B 20 0.13 9.19 -3.98
C LYS B 20 0.73 10.55 -4.34
N LYS B 21 -0.06 11.60 -4.20
CA LYS B 21 0.37 12.94 -4.54
C LYS B 21 1.19 13.52 -3.40
N LEU B 22 0.67 13.35 -2.18
CA LEU B 22 1.32 13.86 -0.99
C LEU B 22 2.66 13.16 -0.76
N MET B 23 2.71 11.86 -1.02
CA MET B 23 3.93 11.09 -0.81
C MET B 23 5.03 11.53 -1.79
N SER B 24 4.62 11.93 -3.00
CA SER B 24 5.56 12.37 -4.00
C SER B 24 5.99 13.82 -3.74
N SER B 25 5.31 14.46 -2.79
CA SER B 25 5.65 15.81 -2.39
C SER B 25 6.61 15.76 -1.21
N LEU B 26 6.87 14.54 -0.73
CA LEU B 26 7.76 14.33 0.40
C LEU B 26 9.07 13.72 -0.06
N PRO B 27 10.16 14.50 -0.08
CA PRO B 27 11.50 14.00 -0.46
C PRO B 27 12.03 13.00 0.58
N ASN B 28 11.34 12.92 1.71
CA ASN B 28 11.71 12.00 2.78
C ASN B 28 11.00 10.67 2.61
N PHE B 29 9.83 10.71 1.96
CA PHE B 29 9.02 9.53 1.74
C PHE B 29 9.79 8.47 0.96
N SER B 30 10.36 8.88 -0.17
CA SER B 30 11.18 8.00 -0.98
C SER B 30 12.46 7.61 -0.25
N GLY B 31 12.34 6.66 0.65
CA GLY B 31 13.48 6.21 1.44
C GLY B 31 13.04 5.59 2.75
N ILE B 32 11.97 6.11 3.34
CA ILE B 32 11.48 5.58 4.61
C ILE B 32 10.52 4.43 4.41
N PHE B 33 9.88 4.35 3.25
CA PHE B 33 8.92 3.29 2.97
C PHE B 33 9.31 2.57 1.68
N THR B 34 9.30 1.25 1.71
CA THR B 34 9.76 0.44 0.61
C THR B 34 8.63 0.10 -0.38
N HIS B 35 7.59 -0.55 0.11
CA HIS B 35 6.53 -1.09 -0.76
C HIS B 35 5.37 -0.12 -0.90
N LEU B 36 5.33 0.87 -0.03
CA LEU B 36 4.16 1.73 0.13
C LEU B 36 3.73 2.43 -1.16
N GLU B 37 4.68 2.96 -1.91
CA GLU B 37 4.34 3.70 -3.13
C GLU B 37 3.80 2.78 -4.21
N ARG B 38 4.40 1.61 -4.35
CA ARG B 38 3.99 0.68 -5.40
C ARG B 38 2.59 0.18 -5.11
N LEU B 39 2.27 0.06 -3.83
CA LEU B 39 0.96 -0.40 -3.40
C LEU B 39 -0.14 0.60 -3.79
N LEU B 40 0.23 1.85 -4.03
CA LEU B 40 -0.73 2.81 -4.56
C LEU B 40 -0.78 2.69 -6.08
N ASP B 41 0.36 2.36 -6.65
CA ASP B 41 0.46 2.24 -8.09
C ASP B 41 -0.37 1.06 -8.54
N GLU B 42 -0.43 0.03 -7.69
CA GLU B 42 -1.32 -1.09 -7.90
C GLU B 42 -2.75 -0.73 -7.51
N GLU B 43 -2.94 -0.19 -6.29
CA GLU B 43 -4.28 0.04 -5.75
C GLU B 43 -5.03 1.06 -6.59
N ILE B 44 -4.37 2.18 -6.84
CA ILE B 44 -4.96 3.27 -7.60
C ILE B 44 -5.29 2.81 -8.99
N SER B 45 -4.40 2.01 -9.55
CA SER B 45 -4.63 1.46 -10.88
C SER B 45 -5.78 0.45 -10.88
N ARG B 46 -5.74 -0.49 -9.95
CA ARG B 46 -6.69 -1.61 -9.95
C ARG B 46 -8.11 -1.10 -9.66
N VAL B 47 -8.20 -0.15 -8.74
CA VAL B 47 -9.47 0.48 -8.39
C VAL B 47 -10.11 1.16 -9.61
N ARG B 48 -9.27 1.57 -10.56
CA ARG B 48 -9.76 2.28 -11.75
C ARG B 48 -10.45 1.33 -12.73
N LYS B 49 -9.91 0.13 -12.90
CA LYS B 49 -10.51 -0.83 -13.82
C LYS B 49 -11.67 -1.52 -13.14
N ASP B 50 -11.45 -1.86 -11.88
CA ASP B 50 -12.45 -2.56 -11.07
C ASP B 50 -13.72 -1.72 -10.86
N MET B 51 -13.69 -0.47 -11.34
CA MET B 51 -14.86 0.40 -11.28
C MET B 51 -16.00 -0.20 -12.09
N TYR B 52 -15.66 -0.68 -13.29
CA TYR B 52 -16.64 -1.29 -14.17
C TYR B 52 -16.12 -2.63 -14.67
#